data_8V07
#
_entry.id   8V07
#
_cell.length_a   54.523
_cell.length_b   54.789
_cell.length_c   203.574
_cell.angle_alpha   83.65
_cell.angle_beta   89.10
_cell.angle_gamma   89.90
#
_symmetry.space_group_name_H-M   'P 1'
#
loop_
_entity.id
_entity.type
_entity.pdbx_description
1 polymer "5'-3' exonuclease PLD3"
2 branched alpha-D-mannopyranose-(1-3)-[alpha-D-mannopyranose-(1-6)]alpha-D-mannopyranose-(1-6)-[alpha-D-mannopyranose-(1-3)]beta-D-mannopyranose-(1-4)-2-acetamido-2-deoxy-beta-D-glucopyranose-(1-4)-2-acetamido-2-deoxy-beta-D-glucopyranose
3 branched 2-acetamido-2-deoxy-beta-D-glucopyranose-(1-4)-2-acetamido-2-deoxy-beta-D-glucopyranose
4 branched alpha-D-mannopyranose-(1-6)-beta-D-mannopyranose-(1-4)-2-acetamido-2-deoxy-beta-D-glucopyranose-(1-4)-2-acetamido-2-deoxy-beta-D-glucopyranose
5 non-polymer 'CITRIC ACID'
6 non-polymer GLYCEROL
7 non-polymer 'ACETYL GROUP'
8 non-polymer 'PHOSPHATE ION'
9 non-polymer 2-acetamido-2-deoxy-beta-D-glucopyranose
10 water water
#
_entity_poly.entity_id   1
_entity_poly.type   'polypeptide(L)'
_entity_poly.pdbx_seq_one_letter_code
;HHHHHHGPLVDVASNEQKLISEEDLASMTGGQQMGRDIEGRGDLHLFGPNQRPAPCYDPCEAVLVESIPEGLEFPNATTS
NPSTSQAWLGLLAGAHSSLDIASFYWTLTNNDTHTQEPSAQQGEEVLQQLQALAPRGVKVRIAVSKPNGPLADLQSLLQS
GAQVRMVDMQKLTHGVLHTKFWVVDQTHFYLGSANMDWRSLTQVKELGVVMYNCSCLARDLTKIFEAYWFLGQAGSSIPS
TWPRSFDTRYNQETPMEICLNGTPALAYLASAPPPLCPSGRTPDLKALLNVVDSARSFIYIAVMNYLPTMEFSHPRRFWP
AIDDGLRRAAYERGVKVRLLISCWGHSDPSMRSFLLSLAALHDNHTHSDIQVKLFVVPTDESQARIPYARVNHNKYMVTE
RASYIGTSNWSGSYFTETAGTSLLVTQNGHGGLRSQLEAVFLRDWESPYSHDLDTSANSVGNACRLL
;
_entity_poly.pdbx_strand_id   B,A,C,D
#
# COMPACT_ATOMS: atom_id res chain seq x y z
N GLN A 51 -35.05 21.26 -9.35
CA GLN A 51 -34.33 21.05 -8.07
C GLN A 51 -33.08 20.19 -8.29
N ARG A 52 -31.91 20.80 -8.11
CA ARG A 52 -30.63 20.09 -8.32
C ARG A 52 -30.38 19.11 -7.17
N PRO A 53 -29.59 18.05 -7.40
CA PRO A 53 -29.24 17.12 -6.33
C PRO A 53 -28.20 17.75 -5.38
N ALA A 54 -27.87 17.07 -4.28
CA ALA A 54 -26.94 17.57 -3.27
C ALA A 54 -25.55 17.83 -3.85
N PRO A 55 -24.93 18.95 -3.53
CA PRO A 55 -23.54 19.17 -3.93
C PRO A 55 -22.62 18.30 -3.10
N CYS A 56 -21.43 18.10 -3.63
CA CYS A 56 -20.39 17.29 -3.02
C CYS A 56 -19.36 18.21 -2.41
N TYR A 57 -18.84 17.81 -1.25
CA TYR A 57 -17.80 18.54 -0.55
C TYR A 57 -16.47 17.79 -0.51
N ASP A 58 -16.36 16.66 -1.21
CA ASP A 58 -15.10 15.93 -1.23
C ASP A 58 -14.00 16.74 -1.93
N PRO A 59 -12.73 16.70 -1.42
CA PRO A 59 -11.62 17.46 -2.05
C PRO A 59 -11.06 16.74 -3.29
N CYS A 60 -11.90 16.64 -4.31
CA CYS A 60 -11.56 15.90 -5.51
C CYS A 60 -10.31 16.48 -6.17
N GLU A 61 -9.40 15.60 -6.62
CA GLU A 61 -8.26 16.08 -7.40
C GLU A 61 -8.05 15.16 -8.60
N ALA A 62 -8.01 15.75 -9.81
CA ALA A 62 -7.93 14.99 -11.05
C ALA A 62 -6.54 15.11 -11.64
N VAL A 63 -6.01 13.97 -12.09
CA VAL A 63 -4.67 13.90 -12.67
C VAL A 63 -4.76 13.13 -13.98
N LEU A 64 -4.35 13.78 -15.06
CA LEU A 64 -4.20 13.13 -16.35
C LEU A 64 -3.04 12.14 -16.29
N VAL A 65 -3.28 10.94 -16.76
CA VAL A 65 -2.30 9.86 -16.65
C VAL A 65 -2.09 9.25 -18.05
N GLU A 66 -0.82 9.14 -18.48
CA GLU A 66 -0.46 8.73 -19.84
C GLU A 66 0.47 7.53 -19.86
N SER A 67 0.36 6.73 -20.92
CA SER A 67 1.41 5.78 -21.25
C SER A 67 2.07 6.25 -22.53
N ILE A 68 3.38 6.47 -22.46
CA ILE A 68 4.19 6.87 -23.60
C ILE A 68 5.07 5.67 -24.01
N PRO A 69 4.92 5.16 -25.22
CA PRO A 69 5.69 3.97 -25.61
C PRO A 69 7.19 4.25 -25.59
N GLU A 70 7.95 3.23 -25.19
CA GLU A 70 9.41 3.33 -25.21
C GLU A 70 9.92 3.76 -26.60
N GLY A 71 10.75 4.79 -26.63
CA GLY A 71 11.28 5.33 -27.86
C GLY A 71 10.62 6.60 -28.38
N LEU A 72 9.35 6.84 -28.05
CA LEU A 72 8.69 8.08 -28.50
C LEU A 72 9.21 9.25 -27.70
N GLU A 73 9.67 10.30 -28.37
CA GLU A 73 10.25 11.45 -27.68
C GLU A 73 9.47 12.71 -28.04
N PHE A 74 9.36 13.63 -27.06
CA PHE A 74 8.66 14.89 -27.18
C PHE A 74 9.53 16.01 -26.64
N PRO A 75 9.34 17.26 -27.09
CA PRO A 75 10.26 18.37 -26.75
C PRO A 75 10.53 18.56 -25.24
N SER A 80 4.98 16.93 -18.81
CA SER A 80 4.86 15.49 -18.62
C SER A 80 3.95 15.17 -17.41
N ASN A 81 3.02 14.29 -17.63
CA ASN A 81 2.00 13.74 -16.74
C ASN A 81 2.50 12.44 -16.13
N PRO A 82 2.01 12.04 -14.94
CA PRO A 82 2.45 10.74 -14.38
C PRO A 82 2.05 9.59 -15.30
N SER A 83 2.82 8.52 -15.22
CA SER A 83 2.55 7.40 -16.10
C SER A 83 1.45 6.51 -15.49
N THR A 84 0.78 5.75 -16.37
CA THR A 84 -0.30 4.84 -15.96
C THR A 84 0.18 3.88 -14.89
N SER A 85 1.41 3.41 -15.07
CA SER A 85 2.03 2.44 -14.16
C SER A 85 2.16 3.01 -12.74
N GLN A 86 2.70 4.24 -12.62
CA GLN A 86 2.90 4.83 -11.29
C GLN A 86 1.57 5.05 -10.58
N ALA A 87 0.55 5.50 -11.32
CA ALA A 87 -0.71 5.81 -10.66
C ALA A 87 -1.36 4.52 -10.18
N TRP A 88 -1.32 3.46 -11.01
CA TRP A 88 -1.90 2.19 -10.62
C TRP A 88 -1.18 1.61 -9.38
N LEU A 89 0.13 1.76 -9.32
CA LEU A 89 0.87 1.20 -8.17
C LEU A 89 0.54 1.96 -6.88
N GLY A 90 0.46 3.29 -6.96
CA GLY A 90 0.01 4.06 -5.79
C GLY A 90 -1.37 3.65 -5.32
N LEU A 91 -2.34 3.53 -6.25
CA LEU A 91 -3.68 3.12 -5.86
C LEU A 91 -3.67 1.76 -5.17
N LEU A 92 -2.93 0.81 -5.72
CA LEU A 92 -2.92 -0.53 -5.16
C LEU A 92 -2.34 -0.56 -3.76
N ALA A 93 -1.24 0.16 -3.54
CA ALA A 93 -0.61 0.18 -2.21
C ALA A 93 -1.49 0.87 -1.18
N GLY A 94 -2.33 1.83 -1.61
CA GLY A 94 -3.16 2.51 -0.64
C GLY A 94 -4.49 1.86 -0.34
N ALA A 95 -4.84 0.81 -1.08
CA ALA A 95 -6.17 0.21 -0.98
C ALA A 95 -6.31 -0.48 0.36
N HIS A 96 -7.45 -0.23 1.03
CA HIS A 96 -7.69 -0.82 2.34
C HIS A 96 -8.99 -1.56 2.45
N SER A 97 -10.00 -1.30 1.60
CA SER A 97 -11.26 -1.96 1.86
C SER A 97 -11.92 -2.60 0.64
N SER A 98 -11.82 -1.98 -0.55
CA SER A 98 -12.48 -2.53 -1.73
C SER A 98 -11.77 -2.09 -3.02
N LEU A 99 -11.86 -2.97 -4.03
CA LEU A 99 -11.33 -2.70 -5.37
C LEU A 99 -12.25 -3.34 -6.40
N ASP A 100 -12.80 -2.53 -7.29
CA ASP A 100 -13.59 -2.99 -8.42
C ASP A 100 -12.86 -2.66 -9.71
N ILE A 101 -12.74 -3.64 -10.60
CA ILE A 101 -12.12 -3.43 -11.91
C ILE A 101 -13.12 -3.86 -12.98
N ALA A 102 -13.44 -2.94 -13.90
CA ALA A 102 -14.11 -3.28 -15.14
C ALA A 102 -13.02 -3.42 -16.21
N SER A 103 -13.09 -4.53 -16.97
CA SER A 103 -11.98 -4.87 -17.87
C SER A 103 -12.45 -5.62 -19.12
N PHE A 104 -11.59 -5.54 -20.13
CA PHE A 104 -11.76 -6.15 -21.43
C PHE A 104 -11.02 -7.48 -21.50
N TYR A 105 -9.73 -7.51 -21.13
CA TYR A 105 -8.95 -8.75 -21.15
C TYR A 105 -7.79 -8.58 -20.17
N TRP A 106 -7.05 -9.66 -19.95
CA TRP A 106 -5.91 -9.67 -19.01
C TRP A 106 -4.70 -10.35 -19.63
N THR A 107 -3.65 -9.57 -19.96
CA THR A 107 -2.37 -10.09 -20.41
C THR A 107 -1.26 -9.31 -19.71
N LEU A 108 -1.19 -9.39 -18.37
CA LEU A 108 -0.23 -8.64 -17.58
C LEU A 108 1.17 -9.24 -17.57
N THR A 109 1.37 -10.46 -18.10
CA THR A 109 2.70 -11.08 -17.99
C THR A 109 3.23 -11.57 -19.33
N ASN A 110 4.55 -11.78 -19.36
CA ASN A 110 5.21 -12.41 -20.51
C ASN A 110 4.63 -13.76 -20.84
N ASN A 111 4.29 -14.56 -19.83
CA ASN A 111 3.67 -15.85 -20.09
C ASN A 111 2.38 -15.69 -20.89
N ASP A 112 1.60 -14.65 -20.58
CA ASP A 112 0.34 -14.43 -21.29
C ASP A 112 0.56 -14.15 -22.77
N THR A 113 1.61 -13.41 -23.12
CA THR A 113 1.86 -13.03 -24.49
C THR A 113 2.93 -13.88 -25.18
N HIS A 114 3.47 -14.91 -24.51
CA HIS A 114 4.48 -15.80 -25.10
C HIS A 114 5.72 -15.02 -25.56
N THR A 115 6.11 -14.05 -24.75
CA THR A 115 7.25 -13.17 -25.02
C THR A 115 8.27 -13.29 -23.87
N GLN A 116 9.38 -12.59 -24.01
CA GLN A 116 10.46 -12.49 -23.04
C GLN A 116 10.96 -11.06 -23.01
N GLU A 117 10.06 -10.13 -22.92
CA GLU A 117 10.40 -8.72 -22.99
C GLU A 117 10.67 -8.17 -21.59
N PRO A 118 11.81 -7.50 -21.39
CA PRO A 118 12.02 -6.83 -20.10
C PRO A 118 11.03 -5.69 -19.85
N SER A 119 10.50 -5.06 -20.93
CA SER A 119 9.49 -4.01 -20.83
C SER A 119 8.16 -4.52 -20.29
N ALA A 120 7.97 -5.82 -20.13
CA ALA A 120 6.80 -6.34 -19.44
C ALA A 120 6.88 -6.25 -17.88
N GLN A 121 8.02 -5.84 -17.30
CA GLN A 121 8.15 -5.90 -15.82
C GLN A 121 7.09 -5.08 -15.09
N GLN A 122 6.79 -3.86 -15.57
CA GLN A 122 5.76 -3.05 -14.92
C GLN A 122 4.42 -3.80 -14.84
N GLY A 123 3.99 -4.42 -15.94
CA GLY A 123 2.72 -5.15 -15.87
C GLY A 123 2.78 -6.28 -14.85
N GLU A 124 3.92 -6.99 -14.79
CA GLU A 124 4.07 -8.07 -13.82
C GLU A 124 4.02 -7.55 -12.40
N GLU A 125 4.67 -6.42 -12.13
CA GLU A 125 4.57 -5.89 -10.78
C GLU A 125 3.12 -5.55 -10.44
N VAL A 126 2.37 -5.02 -11.41
CA VAL A 126 0.98 -4.72 -11.15
C VAL A 126 0.25 -5.98 -10.71
N LEU A 127 0.47 -7.09 -11.42
CA LEU A 127 -0.25 -8.31 -11.07
C LEU A 127 0.15 -8.75 -9.68
N GLN A 128 1.44 -8.65 -9.36
CA GLN A 128 1.92 -9.06 -8.04
C GLN A 128 1.21 -8.26 -6.96
N GLN A 129 1.12 -6.94 -7.14
CA GLN A 129 0.49 -6.14 -6.10
C GLN A 129 -1.01 -6.36 -6.03
N LEU A 130 -1.65 -6.76 -7.16
CA LEU A 130 -3.06 -7.13 -7.08
C LEU A 130 -3.25 -8.39 -6.24
N GLN A 131 -2.30 -9.34 -6.34
CA GLN A 131 -2.40 -10.59 -5.58
C GLN A 131 -2.31 -10.39 -4.07
N ALA A 132 -1.75 -9.27 -3.61
CA ALA A 132 -1.62 -8.98 -2.19
C ALA A 132 -2.89 -8.37 -1.56
N LEU A 133 -3.94 -8.08 -2.35
CA LEU A 133 -5.10 -7.31 -1.84
C LEU A 133 -6.01 -8.16 -0.97
N ALA A 134 -6.48 -9.27 -1.51
CA ALA A 134 -7.42 -10.11 -0.77
C ALA A 134 -6.82 -10.62 0.53
N PRO A 135 -5.58 -11.14 0.57
CA PRO A 135 -5.03 -11.63 1.86
C PRO A 135 -4.80 -10.53 2.85
N ARG A 136 -4.91 -9.28 2.42
CA ARG A 136 -4.87 -8.14 3.31
C ARG A 136 -6.28 -7.70 3.71
N GLY A 137 -7.31 -8.33 3.18
CA GLY A 137 -8.67 -7.99 3.54
C GLY A 137 -9.42 -7.10 2.56
N VAL A 138 -8.76 -6.62 1.49
CA VAL A 138 -9.46 -5.82 0.48
C VAL A 138 -10.34 -6.74 -0.35
N LYS A 139 -11.63 -6.42 -0.42
CA LYS A 139 -12.57 -7.19 -1.23
C LYS A 139 -12.39 -6.79 -2.70
N VAL A 140 -11.94 -7.75 -3.51
CA VAL A 140 -11.63 -7.51 -4.92
C VAL A 140 -12.73 -8.17 -5.75
N ARG A 141 -13.33 -7.39 -6.65
CA ARG A 141 -14.31 -7.87 -7.61
C ARG A 141 -13.84 -7.45 -8.99
N ILE A 142 -13.64 -8.44 -9.87
CA ILE A 142 -13.16 -8.24 -11.23
C ILE A 142 -14.26 -8.71 -12.16
N ALA A 143 -14.69 -7.81 -13.06
CA ALA A 143 -15.59 -8.15 -14.16
C ALA A 143 -14.79 -8.07 -15.46
N VAL A 144 -14.86 -9.14 -16.25
CA VAL A 144 -14.14 -9.22 -17.51
C VAL A 144 -15.12 -9.66 -18.60
N SER A 145 -14.91 -9.15 -19.83
CA SER A 145 -15.62 -9.65 -21.00
C SER A 145 -15.32 -11.13 -21.11
N LYS A 146 -16.37 -11.91 -21.41
CA LYS A 146 -16.25 -13.36 -21.49
C LYS A 146 -15.13 -13.72 -22.47
N PRO A 147 -14.07 -14.39 -22.02
CA PRO A 147 -12.96 -14.73 -22.92
C PRO A 147 -13.24 -15.99 -23.74
N ASN A 148 -12.47 -16.14 -24.81
CA ASN A 148 -12.51 -17.34 -25.62
C ASN A 148 -11.53 -18.42 -25.13
N GLY A 149 -10.97 -18.24 -23.93
CA GLY A 149 -10.08 -19.21 -23.32
C GLY A 149 -9.74 -18.79 -21.91
N PRO A 150 -9.19 -19.70 -21.11
CA PRO A 150 -8.85 -19.34 -19.72
C PRO A 150 -7.78 -18.27 -19.65
N LEU A 151 -7.89 -17.42 -18.61
CA LEU A 151 -6.92 -16.36 -18.34
C LEU A 151 -6.15 -16.71 -17.08
N ALA A 152 -4.83 -16.84 -17.22
CA ALA A 152 -3.98 -17.18 -16.11
C ALA A 152 -3.99 -16.10 -15.02
N ASP A 153 -4.01 -14.82 -15.43
CA ASP A 153 -4.07 -13.74 -14.45
C ASP A 153 -5.25 -13.95 -13.50
N LEU A 154 -6.41 -14.29 -14.06
CA LEU A 154 -7.62 -14.39 -13.27
C LEU A 154 -7.61 -15.64 -12.39
N GLN A 155 -6.98 -16.73 -12.86
CA GLN A 155 -6.81 -17.90 -12.02
C GLN A 155 -5.97 -17.56 -10.81
N SER A 156 -4.87 -16.83 -11.02
CA SER A 156 -4.02 -16.48 -9.91
C SER A 156 -4.74 -15.55 -8.92
N LEU A 157 -5.55 -14.61 -9.44
CA LEU A 157 -6.30 -13.72 -8.55
C LEU A 157 -7.38 -14.47 -7.77
N LEU A 158 -8.10 -15.40 -8.40
CA LEU A 158 -9.04 -16.21 -7.64
C LEU A 158 -8.35 -16.98 -6.54
N GLN A 159 -7.16 -17.51 -6.82
CA GLN A 159 -6.50 -18.30 -5.80
C GLN A 159 -6.01 -17.42 -4.65
N SER A 160 -5.74 -16.14 -4.90
CA SER A 160 -5.37 -15.23 -3.82
C SER A 160 -6.58 -14.71 -3.04
N GLY A 161 -7.81 -15.03 -3.45
CA GLY A 161 -9.01 -14.61 -2.74
C GLY A 161 -9.88 -13.58 -3.44
N ALA A 162 -9.51 -13.12 -4.64
CA ALA A 162 -10.35 -12.17 -5.36
C ALA A 162 -11.56 -12.87 -5.98
N GLN A 163 -12.61 -12.09 -6.24
CA GLN A 163 -13.81 -12.57 -6.91
C GLN A 163 -13.76 -12.15 -8.38
N VAL A 164 -14.16 -13.04 -9.28
CA VAL A 164 -14.11 -12.81 -10.73
C VAL A 164 -15.43 -13.28 -11.33
N ARG A 165 -16.00 -12.44 -12.19
CA ARG A 165 -17.19 -12.77 -12.95
C ARG A 165 -16.97 -12.36 -14.41
N MET A 166 -17.51 -13.14 -15.31
CA MET A 166 -17.30 -12.92 -16.74
C MET A 166 -18.63 -12.54 -17.36
N VAL A 167 -18.68 -11.40 -18.04
CA VAL A 167 -19.93 -10.89 -18.59
C VAL A 167 -19.97 -11.28 -20.05
N ASP A 168 -20.97 -12.06 -20.41
CA ASP A 168 -21.18 -12.52 -21.78
C ASP A 168 -22.12 -11.54 -22.46
N MET A 169 -21.56 -10.39 -22.82
CA MET A 169 -22.32 -9.34 -23.51
C MET A 169 -22.73 -9.77 -24.91
N GLN A 170 -22.03 -10.72 -25.49
CA GLN A 170 -22.39 -11.17 -26.84
C GLN A 170 -23.80 -11.78 -26.86
N LYS A 171 -24.13 -12.62 -25.87
CA LYS A 171 -25.48 -13.17 -25.77
C LYS A 171 -26.46 -12.10 -25.34
N LEU A 172 -26.03 -11.15 -24.51
CA LEU A 172 -26.95 -10.18 -23.92
C LEU A 172 -27.35 -9.08 -24.92
N THR A 173 -26.38 -8.52 -25.66
CA THR A 173 -26.61 -7.40 -26.56
C THR A 173 -25.86 -7.48 -27.89
N HIS A 174 -25.12 -8.56 -28.16
CA HIS A 174 -24.24 -8.68 -29.33
C HIS A 174 -23.09 -7.69 -29.33
N GLY A 175 -22.61 -7.31 -28.15
CA GLY A 175 -21.40 -6.52 -28.05
C GLY A 175 -20.39 -7.19 -27.13
N VAL A 176 -19.41 -6.43 -26.62
CA VAL A 176 -18.41 -6.92 -25.69
C VAL A 176 -18.38 -6.01 -24.46
N LEU A 177 -17.73 -6.50 -23.39
CA LEU A 177 -17.49 -5.65 -22.22
C LEU A 177 -16.14 -4.94 -22.42
N HIS A 178 -16.20 -3.75 -23.00
CA HIS A 178 -15.01 -3.01 -23.43
C HIS A 178 -14.47 -2.02 -22.41
N THR A 179 -15.26 -1.68 -21.39
CA THR A 179 -14.95 -0.65 -20.39
C THR A 179 -13.69 -0.98 -19.57
N LYS A 180 -12.84 0.03 -19.36
CA LYS A 180 -11.68 -0.07 -18.48
C LYS A 180 -11.85 1.00 -17.40
N PHE A 181 -12.14 0.57 -16.17
CA PHE A 181 -12.03 1.52 -15.06
C PHE A 181 -11.71 0.76 -13.77
N TRP A 182 -11.21 1.53 -12.79
CA TRP A 182 -10.92 1.06 -11.44
C TRP A 182 -11.66 1.93 -10.44
N VAL A 183 -12.35 1.30 -9.46
CA VAL A 183 -12.92 2.05 -8.32
C VAL A 183 -12.29 1.51 -7.03
N VAL A 184 -11.69 2.40 -6.27
CA VAL A 184 -10.83 2.03 -5.13
C VAL A 184 -11.42 2.61 -3.85
N ASP A 185 -11.82 1.73 -2.93
CA ASP A 185 -12.28 2.11 -1.58
C ASP A 185 -13.45 3.09 -1.62
N GLN A 186 -14.26 3.02 -2.72
CA GLN A 186 -15.32 4.00 -2.99
C GLN A 186 -14.78 5.43 -2.95
N THR A 187 -13.52 5.63 -3.29
CA THR A 187 -12.93 6.96 -3.13
C THR A 187 -12.18 7.47 -4.32
N HIS A 188 -11.41 6.61 -4.98
CA HIS A 188 -10.60 7.01 -6.12
C HIS A 188 -11.04 6.20 -7.32
N PHE A 189 -10.84 6.74 -8.52
CA PHE A 189 -11.06 5.89 -9.69
C PHE A 189 -10.13 6.26 -10.83
N TYR A 190 -9.80 5.25 -11.62
CA TYR A 190 -9.14 5.38 -12.91
C TYR A 190 -10.20 5.14 -13.97
N LEU A 191 -10.18 5.95 -15.02
CA LEU A 191 -11.03 5.73 -16.20
C LEU A 191 -10.25 6.18 -17.41
N GLY A 192 -10.14 5.32 -18.42
CA GLY A 192 -9.35 5.65 -19.60
C GLY A 192 -9.18 4.47 -20.58
N SER A 193 -8.15 4.56 -21.39
CA SER A 193 -7.94 3.58 -22.47
C SER A 193 -7.05 2.40 -22.09
N ALA A 194 -6.34 2.43 -20.95
CA ALA A 194 -5.38 1.36 -20.68
C ALA A 194 -6.09 0.06 -20.29
N ASN A 195 -5.77 -1.04 -20.99
CA ASN A 195 -6.29 -2.37 -20.64
C ASN A 195 -5.41 -3.02 -19.56
N MET A 196 -5.86 -4.17 -19.02
CA MET A 196 -5.09 -4.92 -18.01
C MET A 196 -4.03 -5.74 -18.78
N ASP A 197 -3.01 -5.05 -19.24
CA ASP A 197 -2.11 -5.56 -20.27
C ASP A 197 -0.79 -4.87 -20.05
N TRP A 198 0.31 -5.63 -20.00
CA TRP A 198 1.59 -5.00 -19.74
C TRP A 198 2.00 -4.10 -20.91
N ARG A 199 1.53 -4.44 -22.12
CA ARG A 199 1.78 -3.57 -23.27
C ARG A 199 1.16 -2.20 -23.05
N SER A 200 0.01 -2.15 -22.39
CA SER A 200 -0.62 -0.85 -22.14
C SER A 200 0.22 0.04 -21.26
N LEU A 201 1.23 -0.52 -20.56
CA LEU A 201 2.10 0.32 -19.76
C LEU A 201 3.32 0.81 -20.55
N THR A 202 3.90 -0.01 -21.46
CA THR A 202 5.20 0.39 -22.04
C THR A 202 5.29 0.37 -23.57
N GLN A 203 4.38 -0.26 -24.29
CA GLN A 203 4.54 -0.44 -25.73
C GLN A 203 3.39 0.13 -26.55
N VAL A 204 2.41 0.72 -25.91
CA VAL A 204 1.28 1.36 -26.55
C VAL A 204 1.06 2.70 -25.87
N LYS A 205 0.52 3.67 -26.62
CA LYS A 205 0.23 5.00 -26.09
C LYS A 205 -1.18 5.00 -25.50
N GLU A 206 -1.32 5.51 -24.28
CA GLU A 206 -2.60 5.50 -23.55
C GLU A 206 -2.88 6.86 -22.95
N LEU A 207 -4.19 7.14 -22.76
CA LEU A 207 -4.67 8.34 -22.07
C LEU A 207 -5.79 7.98 -21.12
N GLY A 208 -5.69 8.47 -19.85
CA GLY A 208 -6.75 8.26 -18.90
C GLY A 208 -6.74 9.36 -17.85
N VAL A 209 -7.62 9.22 -16.87
CA VAL A 209 -7.71 10.13 -15.74
C VAL A 209 -7.78 9.32 -14.45
N VAL A 210 -7.08 9.77 -13.42
CA VAL A 210 -7.32 9.30 -12.06
C VAL A 210 -7.97 10.45 -11.28
N MET A 211 -9.13 10.18 -10.70
CA MET A 211 -9.79 11.10 -9.78
C MET A 211 -9.57 10.63 -8.36
N TYR A 212 -8.86 11.43 -7.58
CA TYR A 212 -8.57 11.12 -6.18
C TYR A 212 -9.51 11.85 -5.22
N ASN A 213 -9.83 11.19 -4.10
CA ASN A 213 -10.50 11.84 -2.95
C ASN A 213 -11.87 12.42 -3.32
N CYS A 214 -12.62 11.66 -4.11
CA CYS A 214 -13.87 12.14 -4.69
C CYS A 214 -14.92 11.05 -4.52
N SER A 215 -15.34 10.85 -3.27
CA SER A 215 -16.16 9.70 -2.94
C SER A 215 -17.55 9.73 -3.58
N CYS A 216 -18.18 10.90 -3.67
CA CYS A 216 -19.49 11.00 -4.32
C CYS A 216 -19.45 10.45 -5.76
N LEU A 217 -18.50 10.93 -6.56
CA LEU A 217 -18.33 10.50 -7.94
C LEU A 217 -17.90 9.03 -8.04
N ALA A 218 -17.02 8.55 -7.13
CA ALA A 218 -16.61 7.14 -7.15
C ALA A 218 -17.79 6.21 -6.85
N ARG A 219 -18.64 6.59 -5.89
CA ARG A 219 -19.83 5.81 -5.62
C ARG A 219 -20.79 5.83 -6.79
N ASP A 220 -20.79 6.94 -7.54
CA ASP A 220 -21.61 6.97 -8.75
C ASP A 220 -21.10 5.97 -9.78
N LEU A 221 -19.76 5.85 -9.93
CA LEU A 221 -19.20 4.84 -10.85
C LEU A 221 -19.53 3.41 -10.40
N THR A 222 -19.55 3.16 -9.08
CA THR A 222 -19.83 1.82 -8.57
C THR A 222 -21.20 1.28 -9.02
N LYS A 223 -22.22 2.13 -9.21
CA LYS A 223 -23.51 1.67 -9.74
C LYS A 223 -23.38 1.06 -11.15
N ILE A 224 -22.55 1.66 -12.00
CA ILE A 224 -22.27 1.09 -13.33
C ILE A 224 -21.57 -0.25 -13.19
N PHE A 225 -20.53 -0.29 -12.33
CA PHE A 225 -19.88 -1.57 -12.09
C PHE A 225 -20.87 -2.62 -11.58
N GLU A 226 -21.83 -2.20 -10.76
CA GLU A 226 -22.78 -3.15 -10.19
C GLU A 226 -23.65 -3.75 -11.29
N ALA A 227 -23.97 -2.96 -12.31
CA ALA A 227 -24.67 -3.54 -13.46
C ALA A 227 -23.84 -4.66 -14.08
N TYR A 228 -22.52 -4.41 -14.28
CA TYR A 228 -21.68 -5.51 -14.81
C TYR A 228 -21.67 -6.72 -13.84
N TRP A 229 -21.56 -6.47 -12.54
CA TRP A 229 -21.46 -7.56 -11.58
C TRP A 229 -22.73 -8.41 -11.56
N PHE A 230 -23.90 -7.77 -11.60
CA PHE A 230 -25.15 -8.52 -11.68
C PHE A 230 -25.17 -9.39 -12.92
N LEU A 231 -24.79 -8.82 -14.08
CA LEU A 231 -24.83 -9.60 -15.32
C LEU A 231 -23.71 -10.63 -15.42
N GLY A 232 -22.76 -10.62 -14.49
CA GLY A 232 -21.74 -11.64 -14.46
C GLY A 232 -22.18 -12.95 -13.85
N GLN A 233 -23.38 -13.01 -13.29
CA GLN A 233 -23.97 -14.28 -12.88
C GLN A 233 -24.53 -15.00 -14.09
N ALA A 234 -24.61 -16.32 -14.00
CA ALA A 234 -25.18 -17.11 -15.08
C ALA A 234 -26.70 -16.97 -15.10
N GLY A 235 -27.25 -16.78 -16.29
CA GLY A 235 -28.69 -16.68 -16.45
C GLY A 235 -29.29 -15.34 -16.14
N SER A 236 -28.56 -14.42 -15.48
CA SER A 236 -29.01 -13.04 -15.36
C SER A 236 -29.45 -12.53 -16.73
N SER A 237 -30.46 -11.63 -16.74
CA SER A 237 -31.10 -11.31 -18.01
C SER A 237 -31.31 -9.83 -18.33
N ILE A 238 -30.74 -8.89 -17.59
CA ILE A 238 -30.92 -7.47 -17.93
C ILE A 238 -32.38 -7.06 -17.71
N PRO A 239 -32.73 -6.57 -16.54
CA PRO A 239 -34.13 -6.18 -16.29
C PRO A 239 -34.61 -5.12 -17.25
N SER A 240 -35.93 -5.19 -17.52
CA SER A 240 -36.61 -4.18 -18.34
C SER A 240 -36.49 -2.80 -17.70
N THR A 241 -36.64 -2.74 -16.39
CA THR A 241 -36.35 -1.54 -15.62
C THR A 241 -35.45 -1.96 -14.47
N TRP A 242 -34.32 -1.27 -14.33
CA TRP A 242 -33.37 -1.67 -13.31
C TRP A 242 -33.89 -1.32 -11.93
N PRO A 243 -33.53 -2.11 -10.93
CA PRO A 243 -33.85 -1.73 -9.54
C PRO A 243 -33.35 -0.32 -9.26
N ARG A 244 -34.08 0.33 -8.37
CA ARG A 244 -33.87 1.73 -8.04
C ARG A 244 -32.47 1.97 -7.49
N SER A 245 -31.88 0.96 -6.84
CA SER A 245 -30.52 1.09 -6.32
C SER A 245 -29.48 1.39 -7.41
N PHE A 246 -29.76 1.05 -8.68
CA PHE A 246 -28.82 1.34 -9.76
C PHE A 246 -28.94 2.76 -10.29
N ASP A 247 -29.96 3.51 -9.91
CA ASP A 247 -30.22 4.79 -10.55
C ASP A 247 -29.35 5.90 -9.98
N THR A 248 -29.27 7.01 -10.75
CA THR A 248 -28.43 8.15 -10.41
C THR A 248 -29.17 9.45 -10.62
N ARG A 249 -28.80 10.49 -9.86
CA ARG A 249 -29.33 11.85 -10.03
C ARG A 249 -28.37 12.78 -10.75
N TYR A 250 -27.21 12.29 -11.19
CA TYR A 250 -26.17 13.12 -11.76
C TYR A 250 -26.02 12.75 -13.21
N ASN A 251 -26.25 13.71 -14.08
CA ASN A 251 -26.40 13.48 -15.50
C ASN A 251 -26.21 14.82 -16.22
N GLN A 252 -26.42 14.79 -17.56
CA GLN A 252 -26.29 16.00 -18.37
C GLN A 252 -27.19 17.14 -17.85
N GLU A 253 -28.41 16.82 -17.45
CA GLU A 253 -29.34 17.86 -16.99
C GLU A 253 -28.93 18.45 -15.64
N THR A 254 -28.60 17.60 -14.66
CA THR A 254 -28.12 18.08 -13.37
C THR A 254 -26.83 17.36 -12.97
N PRO A 255 -25.68 17.90 -13.34
CA PRO A 255 -24.43 17.22 -13.01
C PRO A 255 -24.05 17.36 -11.54
N MET A 256 -23.11 16.53 -11.13
CA MET A 256 -22.59 16.66 -9.77
C MET A 256 -21.78 17.94 -9.67
N GLU A 257 -22.07 18.73 -8.63
CA GLU A 257 -21.28 19.92 -8.31
C GLU A 257 -20.12 19.48 -7.40
N ILE A 258 -18.89 19.55 -7.90
CA ILE A 258 -17.73 19.12 -7.14
C ILE A 258 -16.77 20.28 -6.96
N CYS A 259 -15.91 20.13 -5.96
CA CYS A 259 -14.72 20.96 -5.84
C CYS A 259 -13.58 20.18 -6.50
N LEU A 260 -13.03 20.75 -7.58
CA LEU A 260 -12.04 20.09 -8.39
C LEU A 260 -10.79 20.94 -8.33
N ASN A 261 -9.72 20.41 -7.71
CA ASN A 261 -8.47 21.15 -7.54
C ASN A 261 -8.75 22.53 -6.92
N GLY A 262 -9.64 22.54 -5.94
CA GLY A 262 -9.96 23.69 -5.16
C GLY A 262 -10.92 24.69 -5.77
N THR A 263 -11.53 24.39 -6.92
CA THR A 263 -12.44 25.33 -7.55
C THR A 263 -13.67 24.60 -8.06
N PRO A 264 -14.84 25.24 -8.05
CA PRO A 264 -16.05 24.53 -8.46
C PRO A 264 -15.98 24.01 -9.89
N ALA A 265 -16.60 22.87 -10.09
CA ALA A 265 -16.68 22.23 -11.38
C ALA A 265 -17.94 21.41 -11.39
N LEU A 266 -18.39 21.08 -12.60
CA LEU A 266 -19.53 20.21 -12.87
C LEU A 266 -19.06 18.91 -13.53
N ALA A 267 -19.47 17.77 -13.01
CA ALA A 267 -18.96 16.51 -13.51
C ALA A 267 -20.07 15.49 -13.55
N TYR A 268 -20.10 14.65 -14.59
CA TYR A 268 -20.91 13.44 -14.53
C TYR A 268 -20.31 12.35 -15.39
N LEU A 269 -20.84 11.15 -15.21
CA LEU A 269 -20.41 9.93 -15.86
C LEU A 269 -21.52 9.40 -16.74
N ALA A 270 -21.18 9.14 -18.00
CA ALA A 270 -22.11 8.62 -19.01
C ALA A 270 -21.79 7.14 -19.25
N SER A 271 -22.76 6.41 -19.82
CA SER A 271 -22.74 4.95 -19.83
C SER A 271 -23.31 4.37 -21.13
N ALA A 272 -22.75 3.24 -21.58
CA ALA A 272 -23.23 2.49 -22.74
C ALA A 272 -23.18 0.98 -22.50
N PRO A 273 -24.05 0.20 -23.15
CA PRO A 273 -25.11 0.51 -24.13
C PRO A 273 -26.44 0.92 -23.44
N PRO A 274 -27.42 1.42 -24.19
CA PRO A 274 -28.68 1.95 -23.58
C PRO A 274 -29.39 0.95 -22.67
N PRO A 275 -29.45 -0.36 -23.00
CA PRO A 275 -30.14 -1.28 -22.07
C PRO A 275 -29.46 -1.42 -20.69
N LEU A 276 -28.20 -1.07 -20.56
CA LEU A 276 -27.57 -1.07 -19.24
C LEU A 276 -27.73 0.27 -18.51
N CYS A 277 -28.40 1.26 -19.13
CA CYS A 277 -28.59 2.58 -18.53
C CYS A 277 -29.87 2.64 -17.71
N PRO A 278 -29.82 2.78 -16.36
CA PRO A 278 -31.02 3.10 -15.58
C PRO A 278 -31.50 4.52 -15.81
N SER A 279 -32.58 4.92 -15.13
CA SER A 279 -33.42 6.04 -15.59
C SER A 279 -32.67 7.37 -15.69
N GLY A 280 -31.95 7.74 -14.63
CA GLY A 280 -31.27 9.02 -14.63
C GLY A 280 -29.86 9.04 -15.20
N ARG A 281 -29.40 7.93 -15.80
CA ARG A 281 -28.07 7.82 -16.38
C ARG A 281 -28.08 8.32 -17.83
N THR A 282 -27.27 9.33 -18.11
CA THR A 282 -27.12 9.81 -19.49
C THR A 282 -26.41 8.78 -20.37
N PRO A 283 -26.93 8.50 -21.57
CA PRO A 283 -26.16 7.69 -22.54
C PRO A 283 -24.90 8.38 -23.01
N ASP A 284 -23.87 7.55 -23.23
CA ASP A 284 -22.57 8.00 -23.73
C ASP A 284 -22.72 8.84 -25.00
N LEU A 285 -23.51 8.38 -25.97
CA LEU A 285 -23.67 9.13 -27.21
C LEU A 285 -24.27 10.52 -26.97
N LYS A 286 -25.30 10.59 -26.15
CA LYS A 286 -25.90 11.88 -25.83
C LYS A 286 -24.88 12.86 -25.25
N ALA A 287 -24.05 12.38 -24.29
CA ALA A 287 -23.05 13.22 -23.63
C ALA A 287 -22.01 13.73 -24.62
N LEU A 288 -21.49 12.81 -25.45
CA LEU A 288 -20.51 13.17 -26.46
C LEU A 288 -21.08 14.19 -27.46
N LEU A 289 -22.30 13.92 -27.93
CA LEU A 289 -22.92 14.82 -28.91
C LEU A 289 -23.24 16.18 -28.29
N ASN A 290 -23.57 16.21 -26.98
CA ASN A 290 -23.81 17.51 -26.34
C ASN A 290 -22.52 18.31 -26.27
N VAL A 291 -21.37 17.64 -26.03
CA VAL A 291 -20.13 18.42 -26.08
C VAL A 291 -19.88 18.96 -27.49
N VAL A 292 -20.12 18.13 -28.52
CA VAL A 292 -19.92 18.59 -29.91
C VAL A 292 -20.85 19.77 -30.24
N ASP A 293 -22.12 19.68 -29.88
CA ASP A 293 -23.10 20.71 -30.23
C ASP A 293 -22.96 21.98 -29.37
N SER A 294 -22.38 21.90 -28.18
CA SER A 294 -22.21 23.10 -27.36
C SER A 294 -20.95 23.88 -27.74
N ALA A 295 -20.06 23.30 -28.53
CA ALA A 295 -18.79 23.95 -28.81
C ALA A 295 -19.04 25.16 -29.68
N ARG A 296 -18.25 26.20 -29.44
CA ARG A 296 -18.37 27.45 -30.17
C ARG A 296 -17.08 27.89 -30.82
N SER A 297 -15.93 27.34 -30.44
CA SER A 297 -14.66 27.78 -31.01
C SER A 297 -13.86 26.66 -31.69
N PHE A 298 -13.61 25.53 -31.01
CA PHE A 298 -12.86 24.43 -31.59
C PHE A 298 -13.29 23.10 -30.98
N ILE A 299 -13.06 22.02 -31.71
CA ILE A 299 -13.32 20.66 -31.31
C ILE A 299 -12.08 19.83 -31.68
N TYR A 300 -11.34 19.36 -30.67
CA TYR A 300 -10.15 18.53 -30.86
C TYR A 300 -10.47 17.11 -30.44
N ILE A 301 -10.29 16.12 -31.33
CA ILE A 301 -10.62 14.73 -31.03
C ILE A 301 -9.43 13.84 -31.38
N ALA A 302 -9.00 13.01 -30.41
CA ALA A 302 -8.00 11.99 -30.67
C ALA A 302 -8.60 10.65 -30.28
N VAL A 303 -8.83 9.77 -31.26
CA VAL A 303 -9.39 8.45 -31.03
C VAL A 303 -8.62 7.48 -31.93
N MET A 304 -8.45 6.24 -31.45
CA MET A 304 -7.70 5.23 -32.20
C MET A 304 -8.40 4.84 -33.50
N ASN A 305 -9.71 4.55 -33.45
CA ASN A 305 -10.52 4.33 -34.66
C ASN A 305 -11.72 5.29 -34.69
N TYR A 306 -12.10 5.70 -35.92
CA TYR A 306 -13.30 6.53 -36.14
C TYR A 306 -14.03 6.03 -37.38
N LEU A 307 -15.29 5.76 -37.26
CA LEU A 307 -15.91 5.23 -38.45
C LEU A 307 -17.42 5.45 -38.38
N PRO A 308 -18.01 6.16 -39.36
CA PRO A 308 -19.46 6.42 -39.34
C PRO A 308 -20.32 5.25 -39.82
N THR A 309 -20.08 4.07 -39.24
CA THR A 309 -20.88 2.90 -39.57
C THR A 309 -21.02 2.01 -38.34
N MET A 310 -21.84 0.97 -38.49
CA MET A 310 -21.79 -0.17 -37.57
C MET A 310 -20.67 -1.07 -38.07
N GLU A 311 -19.48 -0.95 -37.47
CA GLU A 311 -18.25 -1.62 -37.94
C GLU A 311 -18.45 -3.05 -38.47
N PRO A 315 -25.67 -7.19 -40.41
CA PRO A 315 -26.01 -6.60 -41.72
C PRO A 315 -25.69 -5.11 -41.74
N ARG A 316 -24.88 -4.68 -42.71
CA ARG A 316 -24.18 -3.39 -42.66
C ARG A 316 -25.11 -2.19 -42.51
N ARG A 317 -24.68 -1.25 -41.65
CA ARG A 317 -25.44 -0.03 -41.39
C ARG A 317 -24.53 1.20 -41.42
N PHE A 318 -25.03 2.26 -42.05
CA PHE A 318 -24.40 3.57 -42.04
C PHE A 318 -24.87 4.31 -40.78
N TRP A 319 -23.95 5.02 -40.12
CA TRP A 319 -24.17 5.55 -38.76
C TRP A 319 -23.55 6.94 -38.66
N PRO A 320 -24.28 7.99 -39.03
CA PRO A 320 -23.72 9.35 -39.14
C PRO A 320 -23.89 10.26 -37.92
N ALA A 321 -24.32 9.74 -36.76
CA ALA A 321 -24.62 10.59 -35.58
C ALA A 321 -23.46 11.53 -35.23
N ILE A 322 -22.26 10.99 -35.08
CA ILE A 322 -21.15 11.88 -34.74
C ILE A 322 -20.73 12.68 -35.96
N ASP A 323 -20.67 12.02 -37.11
CA ASP A 323 -20.21 12.67 -38.32
C ASP A 323 -21.05 13.89 -38.63
N ASP A 324 -22.36 13.75 -38.53
CA ASP A 324 -23.19 14.93 -38.76
C ASP A 324 -23.05 15.94 -37.63
N GLY A 325 -22.76 15.48 -36.39
CA GLY A 325 -22.46 16.48 -35.37
C GLY A 325 -21.27 17.39 -35.74
N LEU A 326 -20.19 16.80 -36.22
CA LEU A 326 -19.01 17.59 -36.62
C LEU A 326 -19.28 18.47 -37.85
N ARG A 327 -19.99 17.92 -38.84
CA ARG A 327 -20.33 18.73 -40.01
C ARG A 327 -21.17 19.93 -39.60
N ARG A 328 -22.17 19.72 -38.75
CA ARG A 328 -22.99 20.82 -38.27
C ARG A 328 -22.15 21.86 -37.51
N ALA A 329 -21.26 21.40 -36.62
CA ALA A 329 -20.47 22.32 -35.82
C ALA A 329 -19.67 23.24 -36.72
N ALA A 330 -19.05 22.67 -37.75
CA ALA A 330 -18.15 23.43 -38.60
C ALA A 330 -18.92 24.40 -39.51
N TYR A 331 -20.06 23.97 -40.05
CA TYR A 331 -20.74 24.83 -41.00
C TYR A 331 -21.58 25.90 -40.29
N GLU A 332 -22.38 25.52 -39.28
CA GLU A 332 -23.27 26.46 -38.62
C GLU A 332 -22.56 27.38 -37.64
N ARG A 333 -21.51 26.91 -36.95
CA ARG A 333 -20.93 27.77 -35.92
C ARG A 333 -19.49 28.16 -36.21
N GLY A 334 -18.93 27.79 -37.37
CA GLY A 334 -17.54 28.08 -37.67
C GLY A 334 -16.55 27.41 -36.71
N VAL A 335 -16.89 26.27 -36.17
CA VAL A 335 -16.04 25.56 -35.22
C VAL A 335 -14.85 24.89 -35.95
N LYS A 336 -13.64 25.13 -35.44
CA LYS A 336 -12.45 24.45 -35.96
C LYS A 336 -12.39 23.04 -35.40
N VAL A 337 -12.52 22.04 -36.27
CA VAL A 337 -12.47 20.66 -35.83
C VAL A 337 -11.18 20.04 -36.34
N ARG A 338 -10.44 19.44 -35.41
CA ARG A 338 -9.20 18.75 -35.69
C ARG A 338 -9.37 17.30 -35.24
N LEU A 339 -9.16 16.38 -36.18
CA LEU A 339 -9.41 14.97 -35.97
C LEU A 339 -8.10 14.21 -36.10
N LEU A 340 -7.69 13.55 -35.02
CA LEU A 340 -6.40 12.88 -34.93
C LEU A 340 -6.67 11.38 -34.78
N ILE A 341 -6.46 10.65 -35.86
CA ILE A 341 -6.82 9.23 -35.93
C ILE A 341 -5.54 8.42 -35.90
N SER A 342 -5.56 7.33 -35.14
CA SER A 342 -4.41 6.42 -35.10
C SER A 342 -4.40 5.51 -36.32
N CYS A 343 -3.21 5.08 -36.70
CA CYS A 343 -3.05 4.17 -37.82
C CYS A 343 -1.90 3.22 -37.53
N TRP A 344 -2.16 1.92 -37.67
CA TRP A 344 -1.12 0.89 -37.63
C TRP A 344 -1.48 -0.16 -38.66
N GLY A 345 -0.79 -1.30 -38.62
CA GLY A 345 -1.01 -2.37 -39.56
C GLY A 345 -2.36 -3.04 -39.43
N HIS A 346 -3.10 -2.85 -38.33
CA HIS A 346 -4.41 -3.46 -38.15
C HIS A 346 -5.57 -2.50 -38.39
N SER A 347 -5.30 -1.30 -38.85
CA SER A 347 -6.37 -0.33 -39.07
C SER A 347 -7.34 -0.78 -40.17
N ASP A 348 -8.61 -0.57 -39.93
CA ASP A 348 -9.64 -0.89 -40.93
C ASP A 348 -9.50 0.04 -42.13
N PRO A 349 -9.12 -0.46 -43.32
CA PRO A 349 -8.84 0.45 -44.45
C PRO A 349 -10.03 1.29 -44.90
N SER A 350 -11.25 0.82 -44.62
CA SER A 350 -12.46 1.56 -44.96
C SER A 350 -12.56 2.90 -44.25
N MET A 351 -11.66 3.17 -43.28
CA MET A 351 -11.66 4.46 -42.59
C MET A 351 -11.24 5.59 -43.52
N ARG A 352 -10.28 5.33 -44.42
CA ARG A 352 -9.66 6.44 -45.17
C ARG A 352 -10.70 7.24 -45.97
N SER A 353 -11.59 6.56 -46.70
CA SER A 353 -12.55 7.27 -47.55
C SER A 353 -13.43 8.20 -46.70
N PHE A 354 -13.88 7.69 -45.53
CA PHE A 354 -14.73 8.53 -44.69
C PHE A 354 -13.94 9.72 -44.16
N LEU A 355 -12.67 9.50 -43.81
CA LEU A 355 -11.89 10.63 -43.34
C LEU A 355 -11.66 11.64 -44.46
N LEU A 356 -11.42 11.18 -45.69
CA LEU A 356 -11.27 12.12 -46.81
C LEU A 356 -12.55 12.91 -47.01
N SER A 357 -13.71 12.26 -46.82
CA SER A 357 -14.96 12.95 -47.02
C SER A 357 -15.06 14.14 -46.07
N LEU A 358 -14.58 13.94 -44.82
CA LEU A 358 -14.63 15.03 -43.86
C LEU A 358 -13.66 16.15 -44.23
N ALA A 359 -12.46 15.78 -44.70
CA ALA A 359 -11.44 16.80 -44.92
C ALA A 359 -11.79 17.68 -46.12
N ALA A 360 -12.64 17.17 -47.00
CA ALA A 360 -13.14 17.92 -48.13
C ALA A 360 -13.98 19.13 -47.72
N LEU A 361 -14.46 19.21 -46.46
CA LEU A 361 -15.30 20.35 -46.10
C LEU A 361 -14.52 21.65 -45.86
N HIS A 362 -13.18 21.56 -45.78
CA HIS A 362 -12.31 22.74 -45.55
C HIS A 362 -12.36 23.63 -46.79
N ASP A 363 -13.03 24.77 -46.66
CA ASP A 363 -13.26 25.61 -47.85
C ASP A 363 -13.32 27.09 -47.47
N ASN A 364 -12.83 27.97 -48.35
CA ASN A 364 -12.83 29.43 -48.11
C ASN A 364 -14.11 30.08 -48.63
N HIS A 365 -15.10 29.30 -49.06
CA HIS A 365 -16.41 29.90 -49.43
C HIS A 365 -17.35 29.62 -48.25
N THR A 366 -17.47 28.36 -47.84
CA THR A 366 -18.28 27.99 -46.65
C THR A 366 -17.58 28.45 -45.37
N HIS A 367 -16.26 28.58 -45.38
CA HIS A 367 -15.47 28.96 -44.18
C HIS A 367 -15.42 27.81 -43.17
N SER A 368 -15.87 26.61 -43.56
CA SER A 368 -15.73 25.46 -42.69
C SER A 368 -14.25 25.06 -42.65
N ASP A 369 -13.80 24.58 -41.47
CA ASP A 369 -12.39 24.28 -41.25
C ASP A 369 -12.30 22.95 -40.49
N ILE A 370 -12.23 21.86 -41.25
CA ILE A 370 -12.04 20.51 -40.73
C ILE A 370 -10.72 19.99 -41.26
N GLN A 371 -9.91 19.42 -40.35
CA GLN A 371 -8.60 18.90 -40.67
C GLN A 371 -8.41 17.54 -40.01
N VAL A 372 -7.71 16.64 -40.71
CA VAL A 372 -7.46 15.29 -40.27
C VAL A 372 -5.98 15.00 -40.41
N LYS A 373 -5.37 14.44 -39.35
CA LYS A 373 -4.07 13.86 -39.37
C LYS A 373 -4.14 12.43 -38.84
N LEU A 374 -3.13 11.63 -39.20
CA LEU A 374 -2.97 10.28 -38.70
C LEU A 374 -1.75 10.23 -37.77
N PHE A 375 -1.91 9.60 -36.62
CA PHE A 375 -0.84 9.47 -35.63
C PHE A 375 -0.29 8.06 -35.73
N VAL A 376 1.00 7.96 -36.06
CA VAL A 376 1.68 6.67 -36.19
C VAL A 376 2.83 6.62 -35.19
N VAL A 377 2.83 5.60 -34.34
CA VAL A 377 3.91 5.35 -33.39
C VAL A 377 5.03 4.60 -34.12
N PRO A 378 6.24 5.14 -34.25
CA PRO A 378 7.33 4.39 -34.89
C PRO A 378 7.71 3.12 -34.14
N THR A 379 8.21 2.14 -34.89
CA THR A 379 8.73 0.91 -34.29
C THR A 379 10.11 0.61 -34.87
N ASP A 380 11.07 0.24 -33.98
CA ASP A 380 12.33 -0.26 -34.46
C ASP A 380 12.26 -1.79 -34.61
N GLU A 381 13.36 -2.38 -35.09
CA GLU A 381 13.35 -3.80 -35.47
C GLU A 381 13.06 -4.71 -34.27
N SER A 382 13.61 -4.35 -33.10
CA SER A 382 13.32 -5.16 -31.92
C SER A 382 11.86 -5.03 -31.50
N GLN A 383 11.30 -3.82 -31.53
CA GLN A 383 9.91 -3.61 -31.08
C GLN A 383 8.88 -4.33 -31.97
N ALA A 384 9.17 -4.50 -33.27
CA ALA A 384 8.20 -5.14 -34.16
C ALA A 384 7.93 -6.59 -33.79
N ARG A 385 8.76 -7.20 -32.94
CA ARG A 385 8.53 -8.56 -32.47
C ARG A 385 7.47 -8.64 -31.38
N ILE A 386 7.11 -7.55 -30.74
CA ILE A 386 6.06 -7.59 -29.71
C ILE A 386 4.70 -7.71 -30.39
N PRO A 387 3.87 -8.70 -30.05
CA PRO A 387 2.56 -8.79 -30.69
C PRO A 387 1.63 -7.65 -30.25
N TYR A 388 0.90 -7.10 -31.23
CA TYR A 388 -0.23 -6.18 -31.02
C TYR A 388 0.12 -4.96 -30.18
N ALA A 389 1.14 -4.22 -30.60
CA ALA A 389 1.65 -3.07 -29.87
C ALA A 389 2.06 -1.99 -30.86
N ARG A 390 2.59 -0.88 -30.33
CA ARG A 390 3.06 0.30 -31.06
C ARG A 390 1.90 0.99 -31.84
N VAL A 391 0.87 1.39 -31.07
CA VAL A 391 -0.27 2.17 -31.55
C VAL A 391 -0.65 3.16 -30.46
N ASN A 392 -1.50 4.11 -30.84
CA ASN A 392 -2.03 5.09 -29.90
C ASN A 392 -3.48 4.71 -29.64
N HIS A 393 -3.76 4.27 -28.41
CA HIS A 393 -5.09 3.84 -27.97
C HIS A 393 -5.95 4.97 -27.39
N ASN A 394 -5.47 6.21 -27.40
CA ASN A 394 -6.20 7.30 -26.73
C ASN A 394 -7.61 7.49 -27.31
N LYS A 395 -8.54 7.91 -26.43
CA LYS A 395 -9.93 8.17 -26.84
C LYS A 395 -10.47 9.36 -26.05
N TYR A 396 -10.30 10.57 -26.58
CA TYR A 396 -10.78 11.74 -25.85
C TYR A 396 -11.11 12.89 -26.79
N MET A 397 -11.87 13.85 -26.23
CA MET A 397 -12.36 15.03 -26.91
C MET A 397 -12.25 16.24 -25.98
N VAL A 398 -11.72 17.34 -26.49
CA VAL A 398 -11.64 18.59 -25.72
C VAL A 398 -12.10 19.77 -26.61
N THR A 399 -12.90 20.66 -26.02
CA THR A 399 -13.28 21.89 -26.70
C THR A 399 -12.75 23.10 -25.90
N GLU A 400 -13.17 24.31 -26.31
CA GLU A 400 -12.80 25.49 -25.53
C GLU A 400 -13.59 25.54 -24.21
N ARG A 401 -14.60 24.68 -24.04
CA ARG A 401 -15.51 24.71 -22.90
C ARG A 401 -15.51 23.47 -22.02
N ALA A 402 -15.09 22.30 -22.53
CA ALA A 402 -15.51 21.06 -21.90
C ALA A 402 -14.50 19.96 -22.18
N SER A 403 -14.51 18.93 -21.31
CA SER A 403 -13.67 17.77 -21.44
C SER A 403 -14.52 16.52 -21.51
N TYR A 404 -14.06 15.56 -22.33
CA TYR A 404 -14.69 14.26 -22.53
C TYR A 404 -13.56 13.23 -22.54
N ILE A 405 -13.58 12.29 -21.62
CA ILE A 405 -12.58 11.21 -21.62
C ILE A 405 -13.34 9.88 -21.62
N GLY A 406 -13.05 8.99 -22.59
CA GLY A 406 -13.89 7.83 -22.81
C GLY A 406 -13.09 6.55 -22.91
N THR A 407 -13.80 5.42 -22.87
CA THR A 407 -13.21 4.11 -23.02
C THR A 407 -13.49 3.49 -24.40
N SER A 408 -14.28 4.17 -25.25
CA SER A 408 -14.82 3.60 -26.50
C SER A 408 -14.18 4.22 -27.72
N ASN A 409 -13.96 3.40 -28.75
CA ASN A 409 -13.66 3.94 -30.06
C ASN A 409 -14.94 4.50 -30.69
N TRP A 410 -14.79 5.31 -31.74
CA TRP A 410 -15.90 6.11 -32.26
C TRP A 410 -16.53 5.47 -33.50
N SER A 411 -17.26 4.39 -33.27
CA SER A 411 -18.07 3.74 -34.28
C SER A 411 -19.27 3.15 -33.55
N GLY A 412 -20.27 2.72 -34.34
CA GLY A 412 -21.62 2.60 -33.83
C GLY A 412 -21.83 1.55 -32.74
N SER A 413 -21.18 0.39 -32.88
CA SER A 413 -21.45 -0.67 -31.92
C SER A 413 -21.10 -0.23 -30.49
N TYR A 414 -20.08 0.63 -30.34
CA TYR A 414 -19.63 1.13 -29.03
C TYR A 414 -20.69 1.96 -28.36
N PHE A 415 -21.68 2.45 -29.09
CA PHE A 415 -22.72 3.22 -28.46
C PHE A 415 -24.07 2.51 -28.46
N THR A 416 -24.19 1.38 -29.16
CA THR A 416 -25.49 0.72 -29.18
C THR A 416 -25.47 -0.65 -28.53
N GLU A 417 -24.34 -1.35 -28.53
CA GLU A 417 -24.31 -2.73 -28.08
C GLU A 417 -23.24 -3.01 -27.03
N THR A 418 -22.12 -2.30 -27.08
CA THR A 418 -20.94 -2.60 -26.27
C THR A 418 -20.86 -1.72 -25.02
N ALA A 419 -20.32 -2.27 -23.94
CA ALA A 419 -20.20 -1.52 -22.70
C ALA A 419 -19.10 -0.49 -22.80
N GLY A 420 -19.37 0.72 -22.29
CA GLY A 420 -18.42 1.82 -22.25
C GLY A 420 -18.85 2.84 -21.20
N THR A 421 -17.91 3.72 -20.83
CA THR A 421 -18.18 4.76 -19.85
C THR A 421 -17.35 5.96 -20.22
N SER A 422 -17.84 7.13 -19.87
CA SER A 422 -17.12 8.37 -20.17
C SER A 422 -17.29 9.35 -19.02
N LEU A 423 -16.33 10.27 -18.89
CA LEU A 423 -16.36 11.28 -17.85
C LEU A 423 -16.43 12.63 -18.55
N LEU A 424 -17.38 13.47 -18.13
CA LEU A 424 -17.64 14.78 -18.69
C LEU A 424 -17.43 15.84 -17.61
N VAL A 425 -16.56 16.81 -17.88
CA VAL A 425 -16.24 17.85 -16.89
C VAL A 425 -16.34 19.20 -17.56
N THR A 426 -17.05 20.15 -16.90
CA THR A 426 -17.06 21.57 -17.27
C THR A 426 -16.69 22.42 -16.06
N GLN A 427 -15.90 23.46 -16.31
CA GLN A 427 -15.29 24.22 -15.21
C GLN A 427 -14.89 25.58 -15.75
N ASN A 428 -14.96 26.60 -14.90
CA ASN A 428 -14.41 27.90 -15.33
C ASN A 428 -13.21 28.30 -14.50
N GLY A 431 -9.00 26.54 -18.54
CA GLY A 431 -8.01 26.37 -17.48
C GLY A 431 -8.15 24.95 -16.96
N GLY A 432 -7.26 24.50 -16.05
CA GLY A 432 -7.42 23.22 -15.37
C GLY A 432 -7.23 21.94 -16.21
N LEU A 433 -8.01 20.91 -15.85
CA LEU A 433 -8.06 19.66 -16.60
C LEU A 433 -8.27 19.91 -18.08
N ARG A 434 -9.16 20.82 -18.42
CA ARG A 434 -9.42 21.12 -19.84
C ARG A 434 -8.16 21.62 -20.55
N SER A 435 -7.47 22.60 -19.96
CA SER A 435 -6.26 23.12 -20.60
C SER A 435 -5.16 22.07 -20.69
N GLN A 436 -5.08 21.16 -19.71
CA GLN A 436 -4.07 20.11 -19.79
C GLN A 436 -4.40 19.10 -20.91
N LEU A 437 -5.68 18.72 -21.08
CA LEU A 437 -6.07 17.86 -22.20
C LEU A 437 -5.78 18.52 -23.55
N GLU A 438 -6.10 19.81 -23.65
CA GLU A 438 -5.77 20.54 -24.87
C GLU A 438 -4.26 20.55 -25.12
N ALA A 439 -3.47 20.62 -24.05
CA ALA A 439 -2.01 20.59 -24.22
C ALA A 439 -1.52 19.22 -24.70
N VAL A 440 -2.08 18.13 -24.17
CA VAL A 440 -1.78 16.80 -24.70
C VAL A 440 -2.10 16.75 -26.20
N PHE A 441 -3.30 17.22 -26.56
CA PHE A 441 -3.69 17.17 -27.97
C PHE A 441 -2.74 17.96 -28.85
N LEU A 442 -2.44 19.20 -28.50
CA LEU A 442 -1.60 20.04 -29.37
C LEU A 442 -0.18 19.49 -29.49
N ARG A 443 0.38 18.96 -28.39
CA ARG A 443 1.68 18.28 -28.50
C ARG A 443 1.61 17.15 -29.53
N ASP A 444 0.62 16.26 -29.41
CA ASP A 444 0.54 15.14 -30.33
C ASP A 444 0.30 15.63 -31.78
N TRP A 445 -0.56 16.62 -31.93
CA TRP A 445 -0.95 17.10 -33.25
C TRP A 445 0.20 17.74 -34.01
N GLU A 446 1.10 18.48 -33.31
CA GLU A 446 2.23 19.14 -33.97
C GLU A 446 3.51 18.29 -33.98
N SER A 447 3.50 17.10 -33.43
CA SER A 447 4.66 16.22 -33.37
C SER A 447 4.95 15.62 -34.73
N PRO A 448 6.19 15.14 -34.94
CA PRO A 448 6.51 14.46 -36.21
C PRO A 448 5.80 13.12 -36.37
N TYR A 449 5.07 12.65 -35.38
CA TYR A 449 4.31 11.41 -35.46
C TYR A 449 2.93 11.60 -36.08
N SER A 450 2.56 12.83 -36.43
CA SER A 450 1.27 13.12 -37.05
C SER A 450 1.45 13.52 -38.51
N HIS A 451 0.60 12.97 -39.39
CA HIS A 451 0.80 13.09 -40.85
C HIS A 451 -0.51 13.37 -41.58
N ASP A 452 -0.43 14.19 -42.63
CA ASP A 452 -1.60 14.47 -43.46
C ASP A 452 -2.00 13.25 -44.29
N LEU A 453 -3.25 13.27 -44.79
CA LEU A 453 -3.77 12.11 -45.49
C LEU A 453 -3.01 11.77 -46.77
N ASP A 454 -2.23 12.70 -47.32
CA ASP A 454 -1.48 12.44 -48.55
C ASP A 454 -0.03 12.03 -48.30
N THR A 455 0.34 11.77 -47.04
CA THR A 455 1.71 11.38 -46.68
C THR A 455 2.07 10.02 -47.26
N SER A 456 3.34 9.86 -47.62
CA SER A 456 3.82 8.58 -48.15
C SER A 456 3.98 7.52 -47.05
N ALA A 457 3.60 6.29 -47.39
CA ALA A 457 3.59 5.22 -46.40
C ALA A 457 4.98 4.85 -45.88
N ASN A 458 6.03 5.12 -46.66
CA ASN A 458 7.38 4.72 -46.30
C ASN A 458 8.06 5.73 -45.37
N SER A 459 7.45 6.88 -45.14
CA SER A 459 8.09 7.95 -44.38
C SER A 459 7.54 8.05 -42.96
N VAL A 460 6.91 7.00 -42.46
CA VAL A 460 6.06 7.09 -41.28
C VAL A 460 6.57 6.23 -40.11
N GLY A 461 7.50 5.29 -40.33
CA GLY A 461 8.12 4.57 -39.23
C GLY A 461 7.41 3.31 -38.81
N ASN A 462 6.33 2.94 -39.49
CA ASN A 462 5.53 1.76 -39.17
C ASN A 462 4.59 1.50 -40.33
N ALA A 463 4.06 0.28 -40.38
CA ALA A 463 3.03 -0.04 -41.35
C ALA A 463 1.77 0.72 -41.00
N CYS A 464 1.11 1.28 -42.01
CA CYS A 464 -0.12 2.02 -41.79
C CYS A 464 -1.03 1.76 -42.98
N ARG A 465 -2.22 1.19 -42.73
CA ARG A 465 -3.09 0.80 -43.82
C ARG A 465 -3.74 2.01 -44.52
N LEU A 466 -3.95 3.12 -43.81
CA LEU A 466 -4.63 4.27 -44.40
C LEU A 466 -3.73 5.19 -45.21
N LEU A 467 -2.47 4.85 -45.37
CA LEU A 467 -1.56 5.66 -46.18
C LEU A 467 -1.06 4.85 -47.39
N GLN B 51 -57.59 -0.35 -46.92
CA GLN B 51 -58.42 -0.36 -48.14
C GLN B 51 -57.93 0.71 -49.13
N ARG B 52 -57.61 0.32 -50.35
CA ARG B 52 -57.08 1.25 -51.37
C ARG B 52 -58.20 2.10 -51.98
N PRO B 53 -57.90 3.35 -52.42
CA PRO B 53 -58.89 4.19 -53.08
C PRO B 53 -59.24 3.69 -54.49
N ALA B 54 -60.25 4.31 -55.08
CA ALA B 54 -60.79 3.87 -56.37
C ALA B 54 -59.72 3.93 -57.47
N PRO B 55 -59.61 2.89 -58.28
CA PRO B 55 -58.68 2.93 -59.42
C PRO B 55 -59.20 3.81 -60.55
N CYS B 56 -58.27 4.21 -61.44
CA CYS B 56 -58.54 5.07 -62.59
C CYS B 56 -58.50 4.29 -63.90
N TYR B 57 -59.45 4.60 -64.79
CA TYR B 57 -59.56 3.93 -66.09
C TYR B 57 -59.32 4.88 -67.28
N ASP B 58 -58.93 6.13 -67.03
CA ASP B 58 -58.60 7.06 -68.12
C ASP B 58 -57.36 6.58 -68.88
N PRO B 59 -57.30 6.76 -70.23
CA PRO B 59 -56.14 6.26 -71.01
C PRO B 59 -54.95 7.22 -70.97
N CYS B 60 -54.36 7.34 -69.78
CA CYS B 60 -53.24 8.26 -69.55
C CYS B 60 -52.06 7.95 -70.48
N GLU B 61 -51.47 9.01 -71.06
CA GLU B 61 -50.24 8.87 -71.85
C GLU B 61 -49.24 9.95 -71.45
N ALA B 62 -47.99 9.54 -71.17
CA ALA B 62 -46.96 10.44 -70.68
C ALA B 62 -45.89 10.65 -71.74
N VAL B 63 -45.49 11.90 -71.90
CA VAL B 63 -44.43 12.25 -72.85
C VAL B 63 -43.43 13.13 -72.13
N LEU B 64 -42.18 12.72 -72.14
CA LEU B 64 -41.10 13.60 -71.68
C LEU B 64 -40.91 14.74 -72.65
N VAL B 65 -40.77 15.96 -72.14
CA VAL B 65 -40.64 17.12 -72.99
C VAL B 65 -39.42 17.91 -72.53
N GLU B 66 -38.53 18.25 -73.47
CA GLU B 66 -37.26 18.92 -73.21
C GLU B 66 -37.13 20.23 -74.01
N SER B 67 -36.38 21.18 -73.46
CA SER B 67 -35.84 22.29 -74.27
C SER B 67 -34.34 22.07 -74.35
N ILE B 68 -33.83 21.99 -75.57
CA ILE B 68 -32.40 21.86 -75.81
C ILE B 68 -31.89 23.19 -76.38
N PRO B 69 -30.99 23.89 -75.69
CA PRO B 69 -30.61 25.25 -76.13
C PRO B 69 -29.95 25.24 -77.51
N GLU B 70 -30.20 26.29 -78.27
CA GLU B 70 -29.60 26.40 -79.61
C GLU B 70 -28.07 26.25 -79.56
N GLY B 71 -27.53 25.41 -80.43
CA GLY B 71 -26.12 25.12 -80.50
C GLY B 71 -25.73 23.81 -79.85
N LEU B 72 -26.52 23.33 -78.88
CA LEU B 72 -26.24 22.07 -78.20
C LEU B 72 -26.62 20.91 -79.13
N GLU B 73 -25.68 20.03 -79.44
CA GLU B 73 -25.96 18.91 -80.32
C GLU B 73 -25.55 17.60 -79.65
N PHE B 74 -26.32 16.55 -79.86
CA PHE B 74 -26.05 15.34 -79.05
C PHE B 74 -25.85 14.09 -79.90
N PRO B 75 -25.07 14.11 -81.00
CA PRO B 75 -24.94 12.97 -81.87
C PRO B 75 -25.68 11.72 -81.38
N ASN B 76 -26.99 11.61 -81.67
CA ASN B 76 -27.82 10.46 -81.20
C ASN B 76 -28.95 10.17 -82.19
N SER B 80 -35.71 11.28 -80.37
CA SER B 80 -35.76 12.58 -79.68
C SER B 80 -37.13 12.86 -79.10
N ASN B 81 -37.15 13.59 -78.00
CA ASN B 81 -38.37 13.98 -77.32
C ASN B 81 -38.93 15.26 -77.95
N PRO B 82 -40.23 15.47 -77.91
CA PRO B 82 -40.77 16.75 -78.38
C PRO B 82 -40.28 17.89 -77.48
N SER B 83 -40.19 19.08 -78.04
CA SER B 83 -39.67 20.23 -77.35
C SER B 83 -40.76 20.84 -76.48
N THR B 84 -40.34 21.58 -75.44
CA THR B 84 -41.29 22.25 -74.56
C THR B 84 -42.23 23.18 -75.33
N SER B 85 -41.68 23.90 -76.31
CA SER B 85 -42.46 24.86 -77.10
C SER B 85 -43.61 24.19 -77.85
N GLN B 86 -43.31 23.14 -78.60
CA GLN B 86 -44.38 22.49 -79.36
C GLN B 86 -45.42 21.86 -78.43
N ALA B 87 -45.00 21.29 -77.27
CA ALA B 87 -45.99 20.73 -76.37
C ALA B 87 -46.88 21.81 -75.79
N TRP B 88 -46.33 22.99 -75.43
CA TRP B 88 -47.20 24.03 -74.88
C TRP B 88 -48.18 24.56 -75.93
N LEU B 89 -47.71 24.75 -77.17
CA LEU B 89 -48.59 25.30 -78.20
C LEU B 89 -49.69 24.31 -78.54
N GLY B 90 -49.37 23.00 -78.61
CA GLY B 90 -50.41 21.99 -78.77
C GLY B 90 -51.44 21.98 -77.63
N LEU B 91 -50.97 22.06 -76.37
CA LEU B 91 -51.92 22.13 -75.26
C LEU B 91 -52.83 23.35 -75.40
N LEU B 92 -52.25 24.50 -75.76
CA LEU B 92 -53.04 25.71 -75.88
C LEU B 92 -54.03 25.65 -77.05
N ALA B 93 -53.62 25.03 -78.15
CA ALA B 93 -54.48 24.89 -79.33
C ALA B 93 -55.63 23.93 -79.05
N GLY B 94 -55.41 22.94 -78.18
CA GLY B 94 -56.51 22.06 -77.84
C GLY B 94 -57.38 22.54 -76.72
N ALA B 95 -57.03 23.63 -76.04
CA ALA B 95 -57.79 23.96 -74.84
C ALA B 95 -59.18 24.45 -75.21
N HIS B 96 -60.19 23.91 -74.53
N HIS B 96 -60.20 23.93 -74.53
CA HIS B 96 -61.58 24.29 -74.77
CA HIS B 96 -61.57 24.38 -74.77
C HIS B 96 -62.29 24.83 -73.54
C HIS B 96 -62.28 24.88 -73.53
N SER B 97 -61.79 24.55 -72.32
CA SER B 97 -62.56 24.91 -71.13
C SER B 97 -61.80 25.63 -70.02
N SER B 98 -60.58 25.24 -69.71
CA SER B 98 -59.93 25.83 -68.55
C SER B 98 -58.41 25.69 -68.65
N LEU B 99 -57.70 26.64 -68.04
CA LEU B 99 -56.25 26.56 -67.89
C LEU B 99 -55.85 27.15 -66.54
N ASP B 100 -55.12 26.35 -65.75
CA ASP B 100 -54.53 26.76 -64.47
C ASP B 100 -53.01 26.69 -64.62
N ILE B 101 -52.32 27.77 -64.30
CA ILE B 101 -50.87 27.81 -64.44
C ILE B 101 -50.29 28.20 -63.10
N ALA B 102 -49.40 27.38 -62.57
CA ALA B 102 -48.56 27.74 -61.43
C ALA B 102 -47.19 28.16 -61.95
N SER B 103 -46.71 29.31 -61.50
CA SER B 103 -45.53 29.93 -62.11
C SER B 103 -44.70 30.73 -61.10
N PHE B 104 -43.42 30.90 -61.45
CA PHE B 104 -42.39 31.60 -60.67
C PHE B 104 -42.23 33.07 -61.10
N TYR B 105 -42.02 33.32 -62.41
CA TYR B 105 -41.94 34.67 -62.96
C TYR B 105 -42.40 34.62 -64.44
N TRP B 106 -42.53 35.79 -65.07
CA TRP B 106 -42.98 35.86 -66.46
C TRP B 106 -42.08 36.79 -67.28
N THR B 107 -41.29 36.22 -68.23
CA THR B 107 -40.56 37.00 -69.24
C THR B 107 -40.71 36.31 -70.60
N LEU B 108 -41.90 36.38 -71.19
CA LEU B 108 -42.09 35.71 -72.48
C LEU B 108 -41.67 36.55 -73.71
N THR B 109 -41.31 37.82 -73.55
CA THR B 109 -41.05 38.70 -74.73
C THR B 109 -39.68 39.37 -74.69
N ASN B 110 -39.26 39.83 -75.88
CA ASN B 110 -38.01 40.61 -76.02
C ASN B 110 -38.04 41.87 -75.18
N ASN B 111 -39.20 42.55 -75.13
CA ASN B 111 -39.34 43.74 -74.31
C ASN B 111 -39.10 43.43 -72.84
N ASP B 112 -39.53 42.24 -72.42
CA ASP B 112 -39.37 41.82 -71.03
C ASP B 112 -37.89 41.73 -70.65
N THR B 113 -37.04 41.24 -71.57
CA THR B 113 -35.62 41.07 -71.32
C THR B 113 -34.75 42.18 -71.91
N HIS B 114 -35.34 43.23 -72.51
CA HIS B 114 -34.58 44.36 -73.07
C HIS B 114 -33.61 43.87 -74.15
N THR B 115 -34.08 42.96 -74.98
CA THR B 115 -33.31 42.27 -76.00
C THR B 115 -34.00 42.46 -77.36
N GLN B 116 -33.37 41.96 -78.41
CA GLN B 116 -33.87 42.00 -79.79
C GLN B 116 -33.53 40.68 -80.49
N GLU B 117 -33.74 39.60 -79.78
CA GLU B 117 -33.36 38.26 -80.17
C GLU B 117 -34.46 37.58 -80.99
N PRO B 118 -34.12 37.01 -82.15
CA PRO B 118 -35.10 36.17 -82.86
C PRO B 118 -35.43 34.90 -82.09
N SER B 119 -34.52 34.44 -81.19
CA SER B 119 -34.73 33.28 -80.34
C SER B 119 -35.93 33.42 -79.45
N ALA B 120 -36.42 34.64 -79.23
CA ALA B 120 -37.58 34.89 -78.39
C ALA B 120 -38.92 34.62 -79.09
N GLN B 121 -38.92 34.31 -80.39
CA GLN B 121 -40.17 34.18 -81.14
C GLN B 121 -41.12 33.13 -80.52
N GLN B 122 -40.59 31.94 -80.21
CA GLN B 122 -41.42 30.90 -79.60
C GLN B 122 -42.07 31.41 -78.33
N GLY B 123 -41.31 32.07 -77.46
CA GLY B 123 -41.92 32.62 -76.26
C GLY B 123 -42.99 33.64 -76.62
N GLU B 124 -42.69 34.51 -77.59
CA GLU B 124 -43.69 35.50 -77.99
C GLU B 124 -44.93 34.80 -78.55
N GLU B 125 -44.73 33.74 -79.33
CA GLU B 125 -45.90 33.02 -79.83
C GLU B 125 -46.69 32.42 -78.66
N VAL B 126 -46.00 31.85 -77.65
CA VAL B 126 -46.72 31.28 -76.52
C VAL B 126 -47.63 32.34 -75.91
N LEU B 127 -47.09 33.54 -75.71
CA LEU B 127 -47.88 34.58 -75.05
C LEU B 127 -49.11 34.93 -75.90
N GLN B 128 -48.96 34.99 -77.22
CA GLN B 128 -50.10 35.33 -78.07
C GLN B 128 -51.20 34.31 -77.91
N GLN B 129 -50.84 33.03 -77.91
CA GLN B 129 -51.86 32.01 -77.76
C GLN B 129 -52.48 32.04 -76.37
N LEU B 130 -51.75 32.56 -75.36
CA LEU B 130 -52.34 32.71 -74.04
C LEU B 130 -53.37 33.82 -74.02
N GLN B 131 -53.07 34.93 -74.69
CA GLN B 131 -54.01 36.05 -74.70
C GLN B 131 -55.30 35.69 -75.42
N ALA B 132 -55.24 34.73 -76.31
CA ALA B 132 -56.42 34.35 -77.08
C ALA B 132 -57.35 33.43 -76.32
N LEU B 133 -56.98 32.97 -75.11
CA LEU B 133 -57.72 31.89 -74.46
C LEU B 133 -59.05 32.37 -73.90
N ALA B 134 -59.01 33.36 -73.01
CA ALA B 134 -60.25 33.82 -72.40
C ALA B 134 -61.27 34.32 -73.43
N PRO B 135 -60.90 35.09 -74.46
CA PRO B 135 -61.93 35.58 -75.39
C PRO B 135 -62.63 34.49 -76.19
N ARG B 136 -62.09 33.27 -76.18
CA ARG B 136 -62.77 32.10 -76.82
C ARG B 136 -63.43 31.20 -75.77
N GLY B 137 -63.59 31.67 -74.53
CA GLY B 137 -64.33 30.91 -73.51
C GLY B 137 -63.52 30.13 -72.48
N VAL B 138 -62.21 30.06 -72.62
CA VAL B 138 -61.38 29.29 -71.67
C VAL B 138 -61.14 30.12 -70.40
N LYS B 139 -61.56 29.59 -69.26
CA LYS B 139 -61.29 30.23 -67.96
C LYS B 139 -59.81 30.03 -67.63
N VAL B 140 -59.07 31.12 -67.56
CA VAL B 140 -57.62 31.07 -67.24
C VAL B 140 -57.44 31.56 -65.82
N ARG B 141 -56.68 30.81 -65.03
CA ARG B 141 -56.33 31.27 -63.67
C ARG B 141 -54.81 31.17 -63.51
N ILE B 142 -54.14 32.28 -63.19
CA ILE B 142 -52.68 32.34 -63.09
C ILE B 142 -52.29 32.62 -61.63
N ALA B 143 -51.48 31.74 -61.06
CA ALA B 143 -50.86 32.01 -59.78
C ALA B 143 -49.36 32.21 -60.02
N VAL B 144 -48.85 33.32 -59.55
CA VAL B 144 -47.45 33.69 -59.74
C VAL B 144 -46.88 34.05 -58.38
N SER B 145 -45.59 33.74 -58.19
CA SER B 145 -44.86 34.27 -57.05
C SER B 145 -44.83 35.80 -57.11
N LYS B 146 -45.02 36.43 -55.96
CA LYS B 146 -45.11 37.89 -55.90
C LYS B 146 -43.85 38.54 -56.48
N PRO B 147 -43.99 39.37 -57.52
CA PRO B 147 -42.83 40.00 -58.17
C PRO B 147 -42.36 41.30 -57.51
N ASN B 148 -41.22 41.80 -58.00
CA ASN B 148 -40.72 43.09 -57.55
C ASN B 148 -41.41 44.24 -58.28
N GLY B 149 -41.40 44.17 -59.60
CA GLY B 149 -42.07 45.22 -60.40
C GLY B 149 -43.30 44.68 -61.11
N PRO B 150 -44.13 45.54 -61.70
CA PRO B 150 -45.25 45.07 -62.49
C PRO B 150 -44.82 44.10 -63.59
N LEU B 151 -45.70 43.16 -63.96
CA LEU B 151 -45.39 42.24 -65.08
C LEU B 151 -46.26 42.60 -66.28
N ALA B 152 -45.63 42.81 -67.43
CA ALA B 152 -46.36 43.20 -68.65
C ALA B 152 -47.15 42.01 -69.19
N ASP B 153 -46.51 40.84 -69.29
CA ASP B 153 -47.21 39.60 -69.71
C ASP B 153 -48.50 39.46 -68.91
N LEU B 154 -48.43 39.65 -67.60
CA LEU B 154 -49.63 39.44 -66.82
C LEU B 154 -50.66 40.54 -67.04
N GLN B 155 -50.22 41.78 -67.27
CA GLN B 155 -51.16 42.87 -67.60
C GLN B 155 -51.87 42.60 -68.92
N SER B 156 -51.14 42.12 -69.92
CA SER B 156 -51.77 41.73 -71.16
C SER B 156 -52.76 40.59 -70.94
N LEU B 157 -52.39 39.61 -70.11
CA LEU B 157 -53.30 38.49 -69.86
C LEU B 157 -54.55 38.97 -69.12
N LEU B 158 -54.40 39.91 -68.19
CA LEU B 158 -55.55 40.48 -67.49
C LEU B 158 -56.51 41.18 -68.43
N GLN B 159 -55.98 41.97 -69.38
CA GLN B 159 -56.87 42.70 -70.27
C GLN B 159 -57.56 41.78 -71.27
N SER B 160 -56.98 40.62 -71.54
CA SER B 160 -57.64 39.61 -72.36
C SER B 160 -58.69 38.81 -71.60
N GLY B 161 -58.83 39.00 -70.28
CA GLY B 161 -59.88 38.33 -69.52
C GLY B 161 -59.42 37.27 -68.53
N ALA B 162 -58.12 37.01 -68.41
CA ALA B 162 -57.61 36.04 -67.45
C ALA B 162 -57.60 36.61 -66.03
N GLN B 163 -57.62 35.70 -65.06
CA GLN B 163 -57.49 36.06 -63.65
C GLN B 163 -56.06 35.76 -63.18
N VAL B 164 -55.51 36.66 -62.35
CA VAL B 164 -54.15 36.52 -61.82
C VAL B 164 -54.20 36.84 -60.34
N ARG B 165 -53.53 36.04 -59.53
CA ARG B 165 -53.29 36.38 -58.16
C ARG B 165 -51.81 36.14 -57.91
N MET B 166 -51.25 36.94 -57.02
CA MET B 166 -49.83 36.93 -56.73
C MET B 166 -49.71 36.43 -55.30
N VAL B 167 -48.92 35.37 -55.12
CA VAL B 167 -48.80 34.68 -53.84
C VAL B 167 -47.56 35.21 -53.13
N ASP B 168 -47.76 35.77 -51.94
CA ASP B 168 -46.64 36.27 -51.16
C ASP B 168 -46.14 35.15 -50.25
N MET B 169 -45.38 34.22 -50.80
CA MET B 169 -44.91 33.07 -49.98
C MET B 169 -43.90 33.58 -48.94
N GLN B 170 -43.29 34.74 -49.18
CA GLN B 170 -42.24 35.27 -48.26
C GLN B 170 -42.84 35.62 -46.89
N LYS B 171 -44.03 36.23 -46.88
CA LYS B 171 -44.72 36.50 -45.59
C LYS B 171 -45.22 35.19 -44.99
N LEU B 172 -45.86 34.34 -45.78
CA LEU B 172 -46.50 33.12 -45.22
C LEU B 172 -45.47 32.13 -44.69
N THR B 173 -44.40 31.87 -45.42
CA THR B 173 -43.47 30.82 -45.04
C THR B 173 -42.00 31.19 -45.20
N HIS B 174 -41.66 32.41 -45.63
CA HIS B 174 -40.29 32.79 -45.92
C HIS B 174 -39.69 31.98 -47.08
N GLY B 175 -40.53 31.59 -48.03
CA GLY B 175 -40.06 31.06 -49.28
C GLY B 175 -40.66 31.81 -50.46
N VAL B 176 -40.60 31.19 -51.64
CA VAL B 176 -41.22 31.73 -52.84
C VAL B 176 -42.14 30.66 -53.45
N LEU B 177 -42.98 31.10 -54.41
CA LEU B 177 -43.81 30.19 -55.19
C LEU B 177 -42.98 29.80 -56.40
N HIS B 178 -42.24 28.69 -56.25
CA HIS B 178 -41.29 28.21 -57.24
C HIS B 178 -41.87 27.19 -58.22
N THR B 179 -43.05 26.64 -57.93
CA THR B 179 -43.65 25.59 -58.76
C THR B 179 -43.90 26.08 -60.19
N LYS B 180 -43.61 25.21 -61.18
CA LYS B 180 -44.01 25.39 -62.58
C LYS B 180 -44.91 24.20 -62.98
N PHE B 181 -46.21 24.43 -63.18
CA PHE B 181 -47.00 23.40 -63.87
C PHE B 181 -48.19 24.06 -64.55
N TRP B 182 -48.76 23.32 -65.50
CA TRP B 182 -50.01 23.66 -66.21
C TRP B 182 -51.04 22.52 -66.05
N VAL B 183 -52.30 22.89 -65.76
CA VAL B 183 -53.43 21.98 -65.81
C VAL B 183 -54.43 22.48 -66.86
N VAL B 184 -54.68 21.67 -67.89
CA VAL B 184 -55.49 22.06 -69.03
C VAL B 184 -56.71 21.15 -69.13
N ASP B 185 -57.89 21.76 -69.03
CA ASP B 185 -59.20 21.13 -69.21
C ASP B 185 -59.43 19.99 -68.21
N GLN B 186 -58.75 20.09 -67.05
CA GLN B 186 -58.85 19.05 -66.02
C GLN B 186 -58.61 17.67 -66.60
N THR B 187 -57.80 17.63 -67.65
CA THR B 187 -57.49 16.42 -68.38
C THR B 187 -56.00 16.20 -68.61
N HIS B 188 -55.26 17.26 -68.96
CA HIS B 188 -53.83 17.15 -69.23
C HIS B 188 -53.04 18.04 -68.26
N PHE B 189 -51.78 17.69 -68.06
CA PHE B 189 -50.94 18.62 -67.31
C PHE B 189 -49.50 18.55 -67.76
N TYR B 190 -48.81 19.68 -67.61
CA TYR B 190 -47.36 19.76 -67.73
C TYR B 190 -46.79 19.97 -66.34
N LEU B 191 -45.71 19.27 -66.03
CA LEU B 191 -44.96 19.58 -64.80
C LEU B 191 -43.49 19.37 -65.09
N GLY B 192 -42.66 20.36 -64.73
CA GLY B 192 -41.25 20.27 -65.04
C GLY B 192 -40.49 21.52 -64.67
N SER B 193 -39.31 21.67 -65.26
CA SER B 193 -38.44 22.80 -64.92
C SER B 193 -38.69 24.09 -65.72
N ALA B 194 -39.49 24.08 -66.80
CA ALA B 194 -39.59 25.28 -67.66
C ALA B 194 -40.47 26.38 -67.06
N ASN B 195 -39.91 27.57 -66.89
CA ASN B 195 -40.62 28.75 -66.38
C ASN B 195 -41.31 29.44 -67.58
N MET B 196 -42.16 30.42 -67.29
CA MET B 196 -42.83 31.21 -68.34
C MET B 196 -41.87 32.28 -68.87
N ASP B 197 -40.93 31.83 -69.68
CA ASP B 197 -39.75 32.58 -70.02
C ASP B 197 -39.33 32.14 -71.39
N TRP B 198 -39.13 33.11 -72.31
CA TRP B 198 -38.78 32.69 -73.67
C TRP B 198 -37.41 31.99 -73.72
N ARG B 199 -36.52 32.33 -72.78
CA ARG B 199 -35.22 31.65 -72.67
C ARG B 199 -35.40 30.17 -72.40
N SER B 200 -36.42 29.83 -71.61
CA SER B 200 -36.74 28.44 -71.29
C SER B 200 -37.15 27.65 -72.50
N LEU B 201 -37.48 28.31 -73.62
CA LEU B 201 -37.74 27.50 -74.79
C LEU B 201 -36.51 27.30 -75.65
N THR B 202 -35.62 28.31 -75.76
CA THR B 202 -34.58 28.19 -76.79
C THR B 202 -33.16 28.40 -76.29
N GLN B 203 -32.94 28.92 -75.08
CA GLN B 203 -31.58 29.25 -74.67
C GLN B 203 -31.09 28.56 -73.40
N VAL B 204 -31.93 27.80 -72.70
CA VAL B 204 -31.52 27.04 -71.52
C VAL B 204 -32.12 25.66 -71.66
N LYS B 205 -31.49 24.69 -71.04
CA LYS B 205 -31.95 23.29 -71.13
C LYS B 205 -33.00 23.00 -70.07
N GLU B 206 -34.09 22.32 -70.48
CA GLU B 206 -35.24 22.04 -69.61
C GLU B 206 -35.72 20.59 -69.73
N LEU B 207 -36.27 20.04 -68.63
CA LEU B 207 -36.93 18.73 -68.64
C LEU B 207 -38.23 18.77 -67.85
N GLY B 208 -39.29 18.25 -68.48
CA GLY B 208 -40.58 18.09 -67.86
C GLY B 208 -41.32 16.92 -68.47
N VAL B 209 -42.57 16.77 -68.06
CA VAL B 209 -43.45 15.72 -68.58
C VAL B 209 -44.80 16.32 -68.88
N VAL B 210 -45.40 15.90 -69.99
CA VAL B 210 -46.81 16.19 -70.21
C VAL B 210 -47.57 14.88 -70.04
N MET B 211 -48.58 14.91 -69.19
CA MET B 211 -49.50 13.81 -68.98
C MET B 211 -50.80 14.15 -69.69
N TYR B 212 -51.11 13.39 -70.73
CA TYR B 212 -52.30 13.57 -71.54
C TYR B 212 -53.39 12.58 -71.11
N ASN B 213 -54.65 13.03 -71.20
CA ASN B 213 -55.84 12.16 -71.11
C ASN B 213 -55.91 11.44 -69.77
N CYS B 214 -55.58 12.15 -68.69
CA CYS B 214 -55.41 11.56 -67.37
C CYS B 214 -56.18 12.35 -66.33
N SER B 215 -57.48 12.49 -66.54
CA SER B 215 -58.35 13.34 -65.69
C SER B 215 -58.22 13.06 -64.18
N CYS B 216 -58.07 11.81 -63.78
CA CYS B 216 -57.98 11.46 -62.34
C CYS B 216 -56.78 12.23 -61.75
N LEU B 217 -55.61 12.07 -62.34
CA LEU B 217 -54.36 12.76 -61.89
C LEU B 217 -54.45 14.29 -62.07
N ALA B 218 -55.07 14.77 -63.15
CA ALA B 218 -55.14 16.22 -63.35
C ALA B 218 -56.00 16.90 -62.28
N ARG B 219 -57.10 16.27 -61.88
CA ARG B 219 -57.90 16.83 -60.80
C ARG B 219 -57.12 16.80 -59.49
N ASP B 220 -56.26 15.79 -59.35
CA ASP B 220 -55.42 15.74 -58.15
C ASP B 220 -54.44 16.92 -58.12
N LEU B 221 -53.83 17.26 -59.27
CA LEU B 221 -52.98 18.47 -59.36
C LEU B 221 -53.77 19.75 -59.08
N THR B 222 -55.02 19.80 -59.52
CA THR B 222 -55.82 21.00 -59.30
C THR B 222 -56.01 21.28 -57.82
N LYS B 223 -56.08 20.25 -56.99
CA LYS B 223 -56.12 20.50 -55.53
C LYS B 223 -54.88 21.29 -55.02
N ILE B 224 -53.69 20.96 -55.53
CA ILE B 224 -52.49 21.73 -55.16
C ILE B 224 -52.61 23.17 -55.65
N PHE B 225 -52.97 23.33 -56.94
CA PHE B 225 -53.14 24.66 -57.48
C PHE B 225 -54.14 25.44 -56.65
N GLU B 226 -55.17 24.76 -56.14
CA GLU B 226 -56.22 25.43 -55.38
C GLU B 226 -55.69 25.96 -54.07
N ALA B 227 -54.70 25.26 -53.49
CA ALA B 227 -54.02 25.83 -52.32
C ALA B 227 -53.37 27.16 -52.69
N TYR B 228 -52.66 27.16 -53.82
CA TYR B 228 -52.05 28.44 -54.24
C TYR B 228 -53.09 29.52 -54.45
N TRP B 229 -54.20 29.18 -55.10
CA TRP B 229 -55.22 30.15 -55.44
C TRP B 229 -55.83 30.75 -54.19
N PHE B 230 -56.06 29.91 -53.18
CA PHE B 230 -56.56 30.40 -51.90
C PHE B 230 -55.60 31.40 -51.27
N LEU B 231 -54.30 31.07 -51.25
CA LEU B 231 -53.33 31.97 -50.64
C LEU B 231 -53.04 33.21 -51.49
N GLY B 232 -53.53 33.28 -52.72
CA GLY B 232 -53.39 34.47 -53.55
C GLY B 232 -54.36 35.60 -53.27
N GLN B 233 -55.35 35.37 -52.42
CA GLN B 233 -56.22 36.46 -52.01
C GLN B 233 -55.50 37.33 -50.99
N ALA B 234 -55.95 38.59 -50.90
CA ALA B 234 -55.18 39.62 -50.21
C ALA B 234 -55.01 39.31 -48.73
N GLY B 235 -56.10 38.89 -48.06
CA GLY B 235 -56.02 38.67 -46.62
C GLY B 235 -55.83 37.23 -46.18
N SER B 236 -55.34 36.38 -47.08
CA SER B 236 -55.36 34.95 -46.81
C SER B 236 -54.22 34.53 -45.92
N SER B 237 -54.48 33.54 -45.08
CA SER B 237 -53.52 32.97 -44.14
C SER B 237 -53.62 31.45 -44.26
N ILE B 238 -52.49 30.77 -44.10
CA ILE B 238 -52.54 29.30 -44.20
C ILE B 238 -53.37 28.74 -43.05
N PRO B 239 -54.39 27.92 -43.33
CA PRO B 239 -55.18 27.31 -42.26
C PRO B 239 -54.40 26.29 -41.45
N SER B 240 -54.79 26.17 -40.18
CA SER B 240 -54.26 25.12 -39.32
C SER B 240 -54.62 23.74 -39.86
N THR B 241 -55.87 23.59 -40.31
CA THR B 241 -56.29 22.39 -41.03
C THR B 241 -57.04 22.85 -42.27
N TRP B 242 -56.62 22.35 -43.43
CA TRP B 242 -57.24 22.77 -44.68
C TRP B 242 -58.62 22.14 -44.79
N PRO B 243 -59.53 22.81 -45.49
CA PRO B 243 -60.81 22.16 -45.79
C PRO B 243 -60.62 20.83 -46.50
N ARG B 244 -61.58 19.93 -46.28
CA ARG B 244 -61.53 18.57 -46.79
C ARG B 244 -61.47 18.51 -48.31
N SER B 245 -61.95 19.56 -48.99
CA SER B 245 -61.86 19.62 -50.45
C SER B 245 -60.43 19.62 -50.99
N PHE B 246 -59.45 20.04 -50.18
CA PHE B 246 -58.07 20.02 -50.66
C PHE B 246 -57.40 18.64 -50.52
N ASP B 247 -58.03 17.70 -49.82
CA ASP B 247 -57.39 16.46 -49.41
C ASP B 247 -57.39 15.44 -50.53
N THR B 248 -56.48 14.48 -50.43
CA THR B 248 -56.35 13.45 -51.44
C THR B 248 -56.21 12.10 -50.75
N ARG B 249 -56.65 11.06 -51.44
CA ARG B 249 -56.47 9.68 -51.02
C ARG B 249 -55.35 9.00 -51.78
N TYR B 250 -54.67 9.73 -52.65
CA TYR B 250 -53.62 9.18 -53.49
C TYR B 250 -52.26 9.72 -53.01
N ASN B 251 -51.37 8.81 -52.60
CA ASN B 251 -50.13 9.18 -51.92
C ASN B 251 -49.12 8.04 -51.95
N GLN B 252 -48.01 8.23 -51.26
CA GLN B 252 -46.98 7.19 -51.14
C GLN B 252 -47.55 5.85 -50.62
N GLU B 253 -48.45 5.91 -49.62
CA GLU B 253 -48.97 4.68 -49.05
C GLU B 253 -49.92 3.98 -50.00
N THR B 254 -50.83 4.73 -50.66
CA THR B 254 -51.79 4.20 -51.62
C THR B 254 -51.75 5.09 -52.88
N PRO B 255 -50.88 4.79 -53.82
CA PRO B 255 -50.81 5.61 -55.05
C PRO B 255 -52.02 5.37 -55.96
N MET B 256 -52.21 6.30 -56.88
CA MET B 256 -53.30 6.14 -57.84
C MET B 256 -52.93 5.04 -58.81
N GLU B 257 -53.85 4.11 -59.02
CA GLU B 257 -53.67 3.03 -59.99
C GLU B 257 -54.18 3.53 -61.33
N ILE B 258 -53.28 3.77 -62.27
CA ILE B 258 -53.69 4.31 -63.54
C ILE B 258 -53.27 3.37 -64.65
N CYS B 259 -53.87 3.57 -65.82
CA CYS B 259 -53.40 2.94 -67.04
C CYS B 259 -52.51 3.98 -67.73
N LEU B 260 -51.23 3.62 -67.92
CA LEU B 260 -50.21 4.50 -68.44
C LEU B 260 -49.67 3.86 -69.70
N ASN B 261 -49.94 4.49 -70.85
CA ASN B 261 -49.55 3.95 -72.16
C ASN B 261 -49.99 2.49 -72.29
N GLY B 262 -51.21 2.21 -71.89
CA GLY B 262 -51.75 0.90 -72.08
C GLY B 262 -51.29 -0.14 -71.07
N THR B 263 -50.61 0.28 -70.00
CA THR B 263 -50.09 -0.68 -69.01
C THR B 263 -50.35 -0.16 -67.60
N PRO B 264 -50.71 -1.02 -66.64
CA PRO B 264 -50.96 -0.53 -65.28
C PRO B 264 -49.70 0.10 -64.68
N ALA B 265 -49.93 1.11 -63.84
CA ALA B 265 -48.83 1.79 -63.16
C ALA B 265 -49.37 2.41 -61.90
N LEU B 266 -48.45 2.81 -61.02
CA LEU B 266 -48.76 3.55 -59.80
C LEU B 266 -48.19 4.97 -59.89
N ALA B 267 -49.00 5.97 -59.55
CA ALA B 267 -48.60 7.36 -59.72
C ALA B 267 -49.16 8.20 -58.58
N TYR B 268 -48.37 9.16 -58.12
CA TYR B 268 -48.91 10.18 -57.23
C TYR B 268 -48.10 11.46 -57.31
N LEU B 269 -48.66 12.50 -56.70
CA LEU B 269 -48.09 13.83 -56.74
C LEU B 269 -47.80 14.28 -55.31
N ALA B 270 -46.57 14.74 -55.10
CA ALA B 270 -46.08 15.26 -53.84
C ALA B 270 -45.97 16.78 -53.91
N SER B 271 -45.95 17.39 -52.72
CA SER B 271 -46.18 18.80 -52.49
C SER B 271 -45.23 19.38 -51.42
N ALA B 272 -44.80 20.63 -51.63
CA ALA B 272 -44.01 21.37 -50.65
C ALA B 272 -44.47 22.82 -50.66
N PRO B 273 -44.31 23.54 -49.54
CA PRO B 273 -43.79 23.16 -48.20
C PRO B 273 -44.85 22.47 -47.30
N PRO B 274 -44.41 21.94 -46.15
CA PRO B 274 -45.33 21.16 -45.26
C PRO B 274 -46.59 21.91 -44.86
N PRO B 275 -46.55 23.23 -44.58
CA PRO B 275 -47.82 23.92 -44.28
C PRO B 275 -48.81 23.94 -45.44
N LEU B 276 -48.39 23.68 -46.68
CA LEU B 276 -49.34 23.61 -47.79
C LEU B 276 -49.84 22.19 -48.06
N CYS B 277 -49.44 21.21 -47.25
CA CYS B 277 -49.81 19.82 -47.48
C CYS B 277 -51.05 19.45 -46.68
N PRO B 278 -52.19 19.15 -47.34
CA PRO B 278 -53.35 18.63 -46.61
C PRO B 278 -53.09 17.23 -46.07
N SER B 279 -54.13 16.64 -45.43
CA SER B 279 -53.91 15.53 -44.51
C SER B 279 -53.28 14.33 -45.21
N GLY B 280 -53.83 13.94 -46.36
CA GLY B 280 -53.38 12.79 -47.11
C GLY B 280 -52.37 13.02 -48.21
N ARG B 281 -51.83 14.24 -48.35
CA ARG B 281 -50.85 14.59 -49.38
C ARG B 281 -49.43 14.28 -48.88
N THR B 282 -48.70 13.45 -49.63
CA THR B 282 -47.31 13.16 -49.27
C THR B 282 -46.43 14.40 -49.43
N PRO B 283 -45.62 14.76 -48.42
CA PRO B 283 -44.61 15.82 -48.61
C PRO B 283 -43.54 15.43 -49.62
N ASP B 284 -43.10 16.44 -50.39
CA ASP B 284 -42.10 16.26 -51.44
C ASP B 284 -40.82 15.57 -50.94
N LEU B 285 -40.31 16.00 -49.78
CA LEU B 285 -39.09 15.38 -49.23
C LEU B 285 -39.31 13.89 -48.96
N LYS B 286 -40.46 13.54 -48.38
N LYS B 286 -40.46 13.56 -48.37
CA LYS B 286 -40.71 12.14 -48.08
CA LYS B 286 -40.75 12.15 -48.08
C LYS B 286 -40.78 11.31 -49.36
C LYS B 286 -40.79 11.32 -49.36
N ALA B 287 -41.43 11.84 -50.40
CA ALA B 287 -41.50 11.09 -51.66
C ALA B 287 -40.10 10.90 -52.26
N LEU B 288 -39.29 11.97 -52.28
CA LEU B 288 -37.94 11.87 -52.82
C LEU B 288 -37.10 10.85 -52.06
N LEU B 289 -37.12 10.93 -50.72
CA LEU B 289 -36.31 10.01 -49.90
C LEU B 289 -36.82 8.57 -49.98
N ASN B 290 -38.14 8.38 -50.14
CA ASN B 290 -38.66 7.02 -50.33
C ASN B 290 -38.11 6.42 -51.60
N VAL B 291 -37.99 7.24 -52.66
CA VAL B 291 -37.33 6.74 -53.88
C VAL B 291 -35.85 6.43 -53.63
N VAL B 292 -35.14 7.34 -52.97
CA VAL B 292 -33.72 7.08 -52.69
C VAL B 292 -33.56 5.80 -51.84
N ASP B 293 -34.40 5.64 -50.82
CA ASP B 293 -34.26 4.52 -49.87
C ASP B 293 -34.72 3.19 -50.46
N SER B 294 -35.61 3.20 -51.46
CA SER B 294 -36.09 1.95 -52.05
C SER B 294 -35.19 1.45 -53.16
N ALA B 295 -34.24 2.25 -53.59
CA ALA B 295 -33.39 1.84 -54.70
C ALA B 295 -32.48 0.69 -54.29
N ARG B 296 -32.27 -0.24 -55.22
CA ARG B 296 -31.39 -1.37 -54.96
C ARG B 296 -30.30 -1.52 -55.99
N SER B 297 -30.36 -0.81 -57.13
CA SER B 297 -29.29 -0.95 -58.10
C SER B 297 -28.58 0.36 -58.44
N PHE B 298 -29.30 1.43 -58.84
CA PHE B 298 -28.63 2.69 -59.14
C PHE B 298 -29.54 3.87 -58.81
N ILE B 299 -28.91 5.04 -58.61
CA ILE B 299 -29.62 6.29 -58.41
C ILE B 299 -28.95 7.33 -59.32
N TYR B 300 -29.66 7.79 -60.35
CA TYR B 300 -29.15 8.84 -61.24
C TYR B 300 -29.92 10.11 -60.94
N ILE B 301 -29.19 11.21 -60.72
CA ILE B 301 -29.81 12.46 -60.35
C ILE B 301 -29.26 13.58 -61.23
N ALA B 302 -30.15 14.33 -61.91
CA ALA B 302 -29.70 15.54 -62.61
C ALA B 302 -30.45 16.73 -62.04
N VAL B 303 -29.71 17.67 -61.41
CA VAL B 303 -30.35 18.83 -60.79
C VAL B 303 -29.43 20.03 -60.99
N MET B 304 -30.05 21.22 -61.14
CA MET B 304 -29.28 22.44 -61.41
C MET B 304 -28.38 22.84 -60.22
N ASN B 305 -28.95 22.87 -59.02
CA ASN B 305 -28.20 23.06 -57.76
C ASN B 305 -28.52 21.95 -56.76
N TYR B 306 -27.48 21.58 -56.00
CA TYR B 306 -27.57 20.61 -54.91
C TYR B 306 -26.74 21.19 -53.74
N LEU B 307 -27.33 21.27 -52.57
CA LEU B 307 -26.64 21.77 -51.37
C LEU B 307 -27.25 21.20 -50.10
N PRO B 308 -26.46 20.42 -49.26
CA PRO B 308 -26.98 19.91 -47.99
C PRO B 308 -27.05 21.01 -46.93
N THR B 309 -27.70 22.12 -47.27
CA THR B 309 -27.79 23.29 -46.39
C THR B 309 -29.14 23.96 -46.60
N MET B 310 -29.42 24.91 -45.72
CA MET B 310 -30.45 25.95 -45.88
C MET B 310 -29.76 27.09 -46.63
N GLU B 311 -29.80 27.04 -47.98
CA GLU B 311 -29.20 28.10 -48.82
C GLU B 311 -29.44 29.53 -48.31
N PRO B 315 -29.85 32.94 -40.37
CA PRO B 315 -28.93 32.02 -39.71
C PRO B 315 -28.75 30.67 -40.46
N ARG B 316 -27.53 30.37 -40.90
CA ARG B 316 -27.28 29.21 -41.76
C ARG B 316 -27.44 27.90 -40.99
N ARG B 317 -28.02 26.89 -41.67
CA ARG B 317 -28.25 25.57 -41.10
C ARG B 317 -27.72 24.47 -42.02
N PHE B 318 -27.15 23.43 -41.39
CA PHE B 318 -26.76 22.23 -42.11
C PHE B 318 -27.98 21.32 -42.26
N TRP B 319 -28.14 20.72 -43.45
CA TRP B 319 -29.36 20.02 -43.82
C TRP B 319 -28.99 18.77 -44.61
N PRO B 320 -28.71 17.65 -43.92
CA PRO B 320 -28.18 16.46 -44.60
C PRO B 320 -29.20 15.39 -45.01
N ALA B 321 -30.51 15.66 -45.00
CA ALA B 321 -31.51 14.61 -45.26
C ALA B 321 -31.25 13.83 -46.55
N ILE B 322 -31.04 14.55 -47.66
CA ILE B 322 -30.79 13.89 -48.94
C ILE B 322 -29.40 13.30 -48.97
N ASP B 323 -28.44 14.09 -48.48
CA ASP B 323 -27.04 13.68 -48.52
C ASP B 323 -26.83 12.38 -47.76
N ASP B 324 -27.43 12.26 -46.59
CA ASP B 324 -27.34 11.00 -45.84
C ASP B 324 -28.14 9.90 -46.50
N GLY B 325 -29.27 10.22 -47.15
CA GLY B 325 -29.94 9.17 -47.90
C GLY B 325 -29.05 8.54 -48.98
N LEU B 326 -28.33 9.38 -49.74
CA LEU B 326 -27.41 8.86 -50.77
C LEU B 326 -26.23 8.09 -50.14
N ARG B 327 -25.68 8.61 -49.04
CA ARG B 327 -24.55 7.91 -48.39
C ARG B 327 -24.98 6.53 -47.93
N ARG B 328 -26.17 6.47 -47.32
CA ARG B 328 -26.77 5.20 -46.86
C ARG B 328 -27.02 4.25 -47.99
N ALA B 329 -27.63 4.73 -49.07
CA ALA B 329 -27.93 3.86 -50.21
C ALA B 329 -26.66 3.22 -50.72
N ALA B 330 -25.57 4.01 -50.82
CA ALA B 330 -24.34 3.51 -51.43
C ALA B 330 -23.59 2.55 -50.49
N TYR B 331 -23.55 2.86 -49.20
CA TYR B 331 -22.79 2.04 -48.26
C TYR B 331 -23.57 0.77 -47.87
N GLU B 332 -24.83 0.90 -47.49
CA GLU B 332 -25.58 -0.26 -47.03
C GLU B 332 -26.07 -1.12 -48.19
N ARG B 333 -26.37 -0.56 -49.36
CA ARG B 333 -26.94 -1.41 -50.38
C ARG B 333 -26.07 -1.54 -51.63
N GLY B 334 -24.91 -0.90 -51.66
CA GLY B 334 -24.07 -0.91 -52.86
C GLY B 334 -24.74 -0.29 -54.09
N VAL B 335 -25.66 0.65 -53.90
CA VAL B 335 -26.31 1.26 -55.07
C VAL B 335 -25.36 2.25 -55.74
N LYS B 336 -25.27 2.18 -57.05
CA LYS B 336 -24.46 3.10 -57.82
C LYS B 336 -25.15 4.46 -57.88
N VAL B 337 -24.49 5.51 -57.40
CA VAL B 337 -25.04 6.86 -57.43
C VAL B 337 -24.27 7.73 -58.44
N ARG B 338 -25.01 8.39 -59.33
CA ARG B 338 -24.40 9.34 -60.26
C ARG B 338 -25.10 10.68 -60.14
N LEU B 339 -24.31 11.71 -59.86
CA LEU B 339 -24.84 13.03 -59.55
C LEU B 339 -24.38 14.01 -60.62
N LEU B 340 -25.37 14.61 -61.35
CA LEU B 340 -25.08 15.50 -62.48
C LEU B 340 -25.59 16.90 -62.11
N ILE B 341 -24.66 17.79 -61.77
CA ILE B 341 -24.96 19.12 -61.24
C ILE B 341 -24.65 20.15 -62.33
N SER B 342 -25.54 21.15 -62.52
CA SER B 342 -25.27 22.19 -63.52
C SER B 342 -24.31 23.24 -62.96
N CYS B 343 -23.62 23.90 -63.87
CA CYS B 343 -22.66 24.95 -63.48
C CYS B 343 -22.66 26.03 -64.55
N TRP B 344 -22.79 27.28 -64.11
CA TRP B 344 -22.57 28.45 -64.95
C TRP B 344 -21.92 29.52 -64.06
N GLY B 345 -21.83 30.75 -64.59
CA GLY B 345 -21.20 31.84 -63.88
C GLY B 345 -21.93 32.29 -62.61
N HIS B 346 -23.18 31.83 -62.40
CA HIS B 346 -23.93 32.20 -61.21
C HIS B 346 -24.01 31.06 -60.19
N SER B 347 -23.29 29.98 -60.39
CA SER B 347 -23.34 28.86 -59.46
C SER B 347 -22.80 29.27 -58.09
N ASP B 348 -23.46 28.83 -57.03
CA ASP B 348 -22.99 29.08 -55.67
C ASP B 348 -21.69 28.30 -55.46
N PRO B 349 -20.54 28.95 -55.28
CA PRO B 349 -19.26 28.21 -55.20
C PRO B 349 -19.16 27.28 -54.00
N SER B 350 -19.93 27.55 -52.94
CA SER B 350 -19.93 26.67 -51.78
C SER B 350 -20.44 25.26 -52.10
N MET B 351 -20.97 25.03 -53.32
CA MET B 351 -21.38 23.70 -53.78
C MET B 351 -20.19 22.75 -53.92
N ARG B 352 -19.03 23.28 -54.34
CA ARG B 352 -17.89 22.40 -54.66
C ARG B 352 -17.46 21.54 -53.45
N SER B 353 -17.33 22.15 -52.29
CA SER B 353 -16.81 21.37 -51.16
C SER B 353 -17.72 20.19 -50.86
N PHE B 354 -19.04 20.45 -50.82
CA PHE B 354 -19.96 19.37 -50.50
C PHE B 354 -19.93 18.30 -51.59
N LEU B 355 -19.77 18.70 -52.85
CA LEU B 355 -19.71 17.70 -53.92
C LEU B 355 -18.44 16.84 -53.81
N LEU B 356 -17.31 17.48 -53.53
CA LEU B 356 -16.09 16.70 -53.31
C LEU B 356 -16.30 15.75 -52.15
N SER B 357 -17.02 16.18 -51.12
CA SER B 357 -17.24 15.32 -49.97
C SER B 357 -17.97 14.05 -50.37
N LEU B 358 -18.96 14.16 -51.27
CA LEU B 358 -19.64 12.95 -51.69
C LEU B 358 -18.71 12.06 -52.51
N ALA B 359 -17.90 12.67 -53.38
CA ALA B 359 -17.14 11.89 -54.35
C ALA B 359 -15.99 11.16 -53.69
N ALA B 360 -15.59 11.59 -52.49
CA ALA B 360 -14.60 10.84 -51.73
C ALA B 360 -15.12 9.48 -51.30
N LEU B 361 -16.44 9.24 -51.34
CA LEU B 361 -16.95 7.96 -50.82
C LEU B 361 -16.68 6.81 -51.79
N HIS B 362 -16.25 7.11 -53.01
CA HIS B 362 -15.95 6.14 -54.05
C HIS B 362 -14.67 5.39 -53.68
N ASP B 363 -14.79 4.11 -53.33
CA ASP B 363 -13.72 3.45 -52.59
C ASP B 363 -13.83 1.93 -52.70
N ASN B 364 -12.72 1.27 -53.00
CA ASN B 364 -12.72 -0.18 -53.19
C ASN B 364 -12.67 -1.00 -51.91
N HIS B 365 -12.71 -0.39 -50.71
CA HIS B 365 -12.81 -1.17 -49.47
C HIS B 365 -14.25 -1.23 -48.95
N THR B 366 -14.93 -0.09 -48.81
CA THR B 366 -16.36 -0.11 -48.56
C THR B 366 -17.16 -0.58 -49.78
N HIS B 367 -16.56 -0.50 -50.98
CA HIS B 367 -17.23 -0.74 -52.25
C HIS B 367 -18.39 0.22 -52.50
N SER B 368 -18.38 1.39 -51.86
CA SER B 368 -19.30 2.45 -52.20
C SER B 368 -18.86 3.08 -53.50
N ASP B 369 -19.81 3.49 -54.32
CA ASP B 369 -19.50 3.98 -55.66
C ASP B 369 -20.39 5.19 -55.94
N ILE B 370 -19.90 6.38 -55.56
CA ILE B 370 -20.59 7.66 -55.81
C ILE B 370 -19.75 8.48 -56.76
N GLN B 371 -20.37 9.01 -57.82
CA GLN B 371 -19.64 9.82 -58.81
C GLN B 371 -20.37 11.13 -59.09
N VAL B 372 -19.62 12.21 -59.31
CA VAL B 372 -20.16 13.55 -59.56
C VAL B 372 -19.56 14.10 -60.84
N LYS B 373 -20.42 14.60 -61.75
CA LYS B 373 -19.97 15.46 -62.86
C LYS B 373 -20.77 16.76 -62.88
N LEU B 374 -20.20 17.77 -63.54
CA LEU B 374 -20.87 19.05 -63.78
C LEU B 374 -21.23 19.16 -65.27
N PHE B 375 -22.44 19.62 -65.54
CA PHE B 375 -22.92 19.82 -66.91
C PHE B 375 -22.87 21.32 -67.24
N VAL B 376 -22.11 21.70 -68.27
CA VAL B 376 -21.96 23.10 -68.63
C VAL B 376 -22.43 23.34 -70.07
N VAL B 377 -23.36 24.28 -70.24
CA VAL B 377 -23.80 24.61 -71.62
C VAL B 377 -22.81 25.59 -72.24
N PRO B 378 -22.14 25.26 -73.35
CA PRO B 378 -21.28 26.24 -74.02
C PRO B 378 -22.02 27.49 -74.49
N THR B 379 -21.31 28.62 -74.48
CA THR B 379 -21.85 29.89 -74.96
C THR B 379 -20.91 30.48 -76.01
N ASP B 380 -21.46 30.87 -77.17
CA ASP B 380 -20.66 31.55 -78.17
C ASP B 380 -20.74 33.07 -78.01
N GLU B 381 -20.10 33.78 -78.96
CA GLU B 381 -19.95 35.23 -78.83
C GLU B 381 -21.31 35.94 -78.84
N SER B 382 -22.20 35.53 -79.73
CA SER B 382 -23.52 36.14 -79.75
C SER B 382 -24.35 35.72 -78.54
N GLN B 383 -24.30 34.42 -78.19
CA GLN B 383 -25.15 33.93 -77.11
C GLN B 383 -24.82 34.59 -75.78
N ALA B 384 -23.53 34.94 -75.56
CA ALA B 384 -23.15 35.53 -74.28
C ALA B 384 -23.84 36.86 -74.04
N ARG B 385 -24.41 37.46 -75.08
CA ARG B 385 -25.19 38.69 -74.91
C ARG B 385 -26.60 38.43 -74.35
N ILE B 386 -27.10 37.19 -74.36
CA ILE B 386 -28.42 36.91 -73.77
C ILE B 386 -28.28 36.91 -72.26
N PRO B 387 -29.09 37.68 -71.53
CA PRO B 387 -29.00 37.64 -70.07
C PRO B 387 -29.58 36.33 -69.50
N TYR B 388 -28.90 35.79 -68.47
CA TYR B 388 -29.38 34.66 -67.66
C TYR B 388 -29.77 33.45 -68.48
N ALA B 389 -28.85 32.95 -69.32
CA ALA B 389 -29.14 31.85 -70.23
C ALA B 389 -27.91 30.96 -70.34
N ARG B 390 -28.02 29.91 -71.17
CA ARG B 390 -26.94 28.92 -71.38
C ARG B 390 -26.60 28.13 -70.09
N VAL B 391 -27.63 27.48 -69.52
CA VAL B 391 -27.50 26.60 -68.35
C VAL B 391 -28.51 25.48 -68.50
N ASN B 392 -28.36 24.46 -67.66
CA ASN B 392 -29.26 23.31 -67.60
C ASN B 392 -30.13 23.39 -66.36
N HIS B 393 -31.43 23.57 -66.56
CA HIS B 393 -32.38 23.71 -65.46
C HIS B 393 -33.02 22.40 -64.99
N ASN B 394 -32.62 21.25 -65.51
CA ASN B 394 -33.30 20.00 -65.17
C ASN B 394 -33.28 19.70 -63.66
N LYS B 395 -34.36 19.01 -63.17
CA LYS B 395 -34.48 18.55 -61.77
C LYS B 395 -35.23 17.19 -61.74
N TYR B 396 -34.47 16.08 -61.84
CA TYR B 396 -35.12 14.78 -61.89
C TYR B 396 -34.18 13.68 -61.38
N MET B 397 -34.79 12.55 -61.04
CA MET B 397 -34.15 11.38 -60.45
C MET B 397 -34.74 10.11 -61.05
N VAL B 398 -33.87 9.18 -61.45
CA VAL B 398 -34.37 7.89 -61.92
C VAL B 398 -33.52 6.77 -61.30
N THR B 399 -34.19 5.71 -60.84
CA THR B 399 -33.55 4.51 -60.32
C THR B 399 -33.93 3.32 -61.20
N GLU B 400 -33.56 2.10 -60.77
CA GLU B 400 -33.94 0.93 -61.57
C GLU B 400 -35.43 0.62 -61.46
N ARG B 401 -36.14 1.28 -60.57
CA ARG B 401 -37.52 0.94 -60.24
C ARG B 401 -38.48 2.11 -60.23
N ALA B 402 -38.03 3.35 -60.30
CA ALA B 402 -38.90 4.48 -60.00
C ALA B 402 -38.45 5.70 -60.77
N SER B 403 -39.40 6.63 -60.96
CA SER B 403 -39.15 7.93 -61.57
C SER B 403 -39.66 9.02 -60.65
N TYR B 404 -38.88 10.12 -60.62
CA TYR B 404 -39.13 11.33 -59.84
C TYR B 404 -38.88 12.51 -60.76
N ILE B 405 -39.90 13.33 -61.01
CA ILE B 405 -39.72 14.55 -61.80
C ILE B 405 -40.24 15.72 -60.99
N GLY B 406 -39.38 16.75 -60.75
CA GLY B 406 -39.72 17.80 -59.81
C GLY B 406 -39.50 19.20 -60.37
N THR B 407 -39.99 20.19 -59.61
CA THR B 407 -39.83 21.60 -59.94
C THR B 407 -38.77 22.30 -59.09
N SER B 408 -38.22 21.65 -58.08
CA SER B 408 -37.36 22.27 -57.07
C SER B 408 -35.89 21.85 -57.19
N ASN B 409 -34.99 22.80 -56.93
CA ASN B 409 -33.59 22.44 -56.74
C ASN B 409 -33.42 21.74 -55.39
N TRP B 410 -32.29 21.07 -55.21
CA TRP B 410 -32.10 20.15 -54.09
C TRP B 410 -31.30 20.82 -52.98
N SER B 411 -31.98 21.70 -52.25
CA SER B 411 -31.48 22.26 -51.00
C SER B 411 -32.69 22.49 -50.09
N GLY B 412 -32.41 22.76 -48.80
CA GLY B 412 -33.43 22.61 -47.76
C GLY B 412 -34.67 23.51 -47.91
N SER B 413 -34.48 24.75 -48.38
CA SER B 413 -35.62 25.68 -48.37
C SER B 413 -36.75 25.22 -49.30
N TYR B 414 -36.39 24.59 -50.42
CA TYR B 414 -37.38 24.07 -51.37
C TYR B 414 -38.24 22.99 -50.75
N PHE B 415 -37.80 22.45 -49.63
CA PHE B 415 -38.49 21.38 -48.95
C PHE B 415 -39.13 21.80 -47.64
N THR B 416 -38.77 22.99 -47.12
CA THR B 416 -39.35 23.44 -45.86
C THR B 416 -40.16 24.73 -45.96
N GLU B 417 -39.84 25.62 -46.91
CA GLU B 417 -40.48 26.94 -47.02
C GLU B 417 -41.06 27.25 -48.40
N THR B 418 -40.45 26.72 -49.46
CA THR B 418 -40.78 27.11 -50.81
C THR B 418 -41.75 26.10 -51.45
N ALA B 419 -42.63 26.62 -52.35
CA ALA B 419 -43.62 25.79 -53.03
C ALA B 419 -42.99 24.95 -54.12
N GLY B 420 -43.42 23.70 -54.19
CA GLY B 420 -42.93 22.76 -55.17
C GLY B 420 -43.86 21.58 -55.29
N THR B 421 -43.68 20.83 -56.38
CA THR B 421 -44.46 19.64 -56.65
C THR B 421 -43.57 18.66 -57.39
N SER B 422 -43.88 17.37 -57.22
CA SER B 422 -43.15 16.33 -57.93
C SER B 422 -44.12 15.22 -58.31
N LEU B 423 -43.78 14.53 -59.40
CA LEU B 423 -44.56 13.43 -59.92
C LEU B 423 -43.75 12.15 -59.73
N LEU B 424 -44.38 11.15 -59.13
CA LEU B 424 -43.75 9.88 -58.81
C LEU B 424 -44.49 8.74 -59.49
N VAL B 425 -43.74 7.95 -60.24
CA VAL B 425 -44.37 6.85 -61.03
C VAL B 425 -43.59 5.55 -60.87
N THR B 426 -44.31 4.44 -60.66
CA THR B 426 -43.71 3.08 -60.63
C THR B 426 -44.45 2.21 -61.65
N GLN B 427 -43.72 1.44 -62.44
CA GLN B 427 -44.32 0.59 -63.49
C GLN B 427 -43.36 -0.59 -63.72
N ASN B 428 -43.84 -1.66 -64.36
CA ASN B 428 -42.99 -2.86 -64.57
C ASN B 428 -42.82 -3.11 -66.07
N GLY B 432 -41.04 1.86 -70.85
CA GLY B 432 -41.83 2.92 -70.24
C GLY B 432 -41.10 4.25 -70.02
N LEU B 433 -41.79 5.13 -69.30
CA LEU B 433 -41.28 6.45 -68.94
C LEU B 433 -39.96 6.35 -68.18
N ARG B 434 -39.84 5.36 -67.28
CA ARG B 434 -38.61 5.19 -66.49
C ARG B 434 -37.40 5.02 -67.38
N SER B 435 -37.48 4.09 -68.34
CA SER B 435 -36.34 3.83 -69.23
C SER B 435 -36.00 5.04 -70.11
N GLN B 436 -37.01 5.85 -70.46
CA GLN B 436 -36.77 7.03 -71.29
C GLN B 436 -36.05 8.12 -70.49
N LEU B 437 -36.44 8.29 -69.23
CA LEU B 437 -35.75 9.21 -68.33
C LEU B 437 -34.30 8.77 -68.11
N GLU B 438 -34.08 7.47 -67.86
CA GLU B 438 -32.70 6.96 -67.75
C GLU B 438 -31.90 7.20 -69.04
N ALA B 439 -32.56 7.09 -70.22
CA ALA B 439 -31.87 7.34 -71.50
C ALA B 439 -31.44 8.80 -71.65
N VAL B 440 -32.31 9.75 -71.29
CA VAL B 440 -31.90 11.15 -71.23
C VAL B 440 -30.71 11.35 -70.27
N PHE B 441 -30.78 10.76 -69.07
CA PHE B 441 -29.68 10.94 -68.13
C PHE B 441 -28.36 10.42 -68.71
N LEU B 442 -28.35 9.21 -69.28
CA LEU B 442 -27.11 8.63 -69.80
C LEU B 442 -26.58 9.43 -70.99
N ARG B 443 -27.49 9.89 -71.88
CA ARG B 443 -27.05 10.77 -72.97
C ARG B 443 -26.32 11.98 -72.41
N ASP B 444 -26.94 12.69 -71.45
CA ASP B 444 -26.31 13.88 -70.89
C ASP B 444 -24.99 13.53 -70.17
N TRP B 445 -25.00 12.46 -69.37
CA TRP B 445 -23.82 12.08 -68.56
C TRP B 445 -22.62 11.72 -69.45
N GLU B 446 -22.87 11.16 -70.62
CA GLU B 446 -21.81 10.74 -71.53
C GLU B 446 -21.44 11.79 -72.58
N SER B 447 -22.13 12.94 -72.61
CA SER B 447 -21.84 13.95 -73.61
C SER B 447 -20.57 14.69 -73.24
N PRO B 448 -19.93 15.38 -74.21
CA PRO B 448 -18.76 16.22 -73.88
C PRO B 448 -19.11 17.44 -73.05
N TYR B 449 -20.37 17.66 -72.73
CA TYR B 449 -20.77 18.79 -71.91
C TYR B 449 -20.71 18.50 -70.41
N SER B 450 -20.40 17.28 -70.03
CA SER B 450 -20.32 16.88 -68.63
C SER B 450 -18.86 16.64 -68.28
N HIS B 451 -18.43 17.11 -67.09
CA HIS B 451 -17.00 17.16 -66.72
C HIS B 451 -16.74 16.75 -65.26
N ASP B 452 -15.63 16.08 -65.04
CA ASP B 452 -15.20 15.72 -63.68
C ASP B 452 -14.80 16.95 -62.87
N LEU B 453 -14.76 16.76 -61.55
CA LEU B 453 -14.50 17.88 -60.63
C LEU B 453 -13.11 18.48 -60.80
N ASP B 454 -12.17 17.80 -61.44
CA ASP B 454 -10.81 18.32 -61.62
C ASP B 454 -10.60 18.98 -62.98
N THR B 455 -11.65 19.14 -63.78
CA THR B 455 -11.54 19.72 -65.11
C THR B 455 -11.15 21.20 -65.04
N SER B 456 -10.37 21.65 -66.02
CA SER B 456 -10.00 23.07 -66.11
C SER B 456 -11.18 23.95 -66.55
N ALA B 457 -11.27 25.14 -66.00
CA ALA B 457 -12.42 26.04 -66.21
C ALA B 457 -12.57 26.65 -67.63
N ASN B 458 -11.49 27.21 -68.24
CA ASN B 458 -11.35 27.30 -69.73
C ASN B 458 -11.47 26.15 -70.65
N SER B 459 -11.71 24.95 -70.24
CA SER B 459 -11.87 23.92 -71.25
C SER B 459 -13.33 23.50 -71.43
N VAL B 460 -14.24 24.36 -70.98
CA VAL B 460 -15.62 23.98 -70.70
C VAL B 460 -16.63 24.78 -71.52
N GLY B 461 -16.23 25.89 -72.15
CA GLY B 461 -17.03 26.61 -73.12
C GLY B 461 -17.91 27.71 -72.55
N ASN B 462 -17.86 27.94 -71.24
CA ASN B 462 -18.70 28.90 -70.54
C ASN B 462 -18.08 29.12 -69.16
N ALA B 463 -18.51 30.17 -68.48
CA ALA B 463 -18.05 30.43 -67.13
C ALA B 463 -18.55 29.32 -66.19
N CYS B 464 -17.68 28.87 -65.29
CA CYS B 464 -18.10 27.88 -64.27
C CYS B 464 -17.35 28.20 -62.97
N ARG B 465 -18.07 28.67 -61.97
CA ARG B 465 -17.42 29.01 -60.68
C ARG B 465 -16.96 27.73 -59.96
N LEU B 466 -17.62 26.60 -60.20
CA LEU B 466 -17.30 25.36 -59.46
C LEU B 466 -16.03 24.72 -60.02
N LEU B 467 -15.47 25.28 -61.07
CA LEU B 467 -14.20 24.76 -61.64
C LEU B 467 -13.12 25.83 -61.48
N GLN C 51 2.10 13.28 37.64
CA GLN C 51 1.44 13.59 36.35
C GLN C 51 1.80 12.55 35.30
N ARG C 52 0.80 11.87 34.74
CA ARG C 52 1.03 10.89 33.66
C ARG C 52 0.90 11.61 32.31
N PRO C 53 1.60 11.13 31.27
CA PRO C 53 1.47 11.72 29.92
C PRO C 53 0.11 11.39 29.31
N ALA C 54 -0.18 12.05 28.17
CA ALA C 54 -1.47 11.92 27.50
C ALA C 54 -1.73 10.47 27.09
N PRO C 55 -2.95 9.97 27.29
CA PRO C 55 -3.28 8.62 26.82
C PRO C 55 -3.39 8.58 25.31
N CYS C 56 -3.21 7.38 24.76
CA CYS C 56 -3.24 7.17 23.32
C CYS C 56 -4.56 6.52 22.94
N TYR C 57 -5.12 6.95 21.83
CA TYR C 57 -6.42 6.47 21.39
C TYR C 57 -6.35 5.65 20.10
N ASP C 58 -5.14 5.36 19.60
CA ASP C 58 -5.03 4.56 18.39
C ASP C 58 -5.52 3.14 18.64
N PRO C 59 -6.19 2.52 17.66
CA PRO C 59 -6.70 1.13 17.85
C PRO C 59 -5.61 0.07 17.65
N CYS C 60 -4.61 0.06 18.56
CA CYS C 60 -3.44 -0.82 18.46
C CYS C 60 -3.83 -2.30 18.43
N GLU C 61 -3.17 -3.04 17.54
CA GLU C 61 -3.41 -4.48 17.42
C GLU C 61 -2.06 -5.17 17.33
N ALA C 62 -1.80 -6.15 18.20
CA ALA C 62 -0.52 -6.82 18.28
C ALA C 62 -0.63 -8.26 17.76
N VAL C 63 0.37 -8.67 16.96
CA VAL C 63 0.37 -9.99 16.36
C VAL C 63 1.74 -10.59 16.60
N LEU C 64 1.77 -11.74 17.26
CA LEU C 64 2.97 -12.54 17.39
C LEU C 64 3.34 -13.13 16.04
N VAL C 65 4.60 -13.01 15.65
CA VAL C 65 5.02 -13.41 14.31
C VAL C 65 6.24 -14.32 14.46
N GLU C 66 6.19 -15.51 13.84
CA GLU C 66 7.25 -16.51 14.01
C GLU C 66 7.83 -17.01 12.69
N SER C 67 9.11 -17.36 12.73
CA SER C 67 9.68 -18.19 11.68
C SER C 67 9.93 -19.55 12.29
N ILE C 68 9.32 -20.57 11.71
CA ILE C 68 9.53 -21.97 12.08
C ILE C 68 10.33 -22.63 10.96
N PRO C 69 11.55 -23.08 11.22
CA PRO C 69 12.39 -23.62 10.13
C PRO C 69 11.78 -24.87 9.48
N GLU C 70 12.08 -25.04 8.19
CA GLU C 70 11.63 -26.21 7.42
C GLU C 70 11.97 -27.52 8.13
N GLY C 71 10.98 -28.41 8.29
CA GLY C 71 11.15 -29.68 8.96
C GLY C 71 10.68 -29.76 10.42
N LEU C 72 10.65 -28.65 11.16
CA LEU C 72 10.20 -28.67 12.56
C LEU C 72 8.69 -28.86 12.66
N GLU C 73 8.23 -29.77 13.50
CA GLU C 73 6.79 -30.04 13.60
C GLU C 73 6.30 -29.96 15.03
N PHE C 74 5.09 -29.46 15.20
CA PHE C 74 4.47 -29.24 16.51
C PHE C 74 3.05 -29.79 16.49
N PRO C 75 2.47 -30.06 17.66
CA PRO C 75 1.08 -30.58 17.69
C PRO C 75 0.07 -29.68 16.99
N ASN C 76 0.05 -28.40 17.36
CA ASN C 76 -0.82 -27.35 16.78
C ASN C 76 -0.68 -26.07 17.63
N ASN C 81 0.26 -18.84 14.45
CA ASN C 81 0.78 -17.47 14.27
C ASN C 81 1.24 -17.22 12.84
N PRO C 82 1.10 -15.96 12.37
CA PRO C 82 1.63 -15.63 11.04
C PRO C 82 3.15 -15.73 11.02
N SER C 83 3.67 -16.07 9.84
CA SER C 83 5.11 -16.19 9.73
C SER C 83 5.72 -14.81 9.47
N THR C 84 7.00 -14.67 9.81
CA THR C 84 7.72 -13.41 9.57
C THR C 84 7.58 -12.96 8.13
N SER C 85 7.69 -13.92 7.20
CA SER C 85 7.63 -13.60 5.79
C SER C 85 6.31 -12.94 5.42
N GLN C 86 5.20 -13.55 5.82
CA GLN C 86 3.88 -13.07 5.46
C GLN C 86 3.63 -11.67 6.03
N ALA C 87 4.04 -11.44 7.27
CA ALA C 87 3.82 -10.13 7.89
C ALA C 87 4.67 -9.05 7.22
N TRP C 88 5.92 -9.35 6.92
CA TRP C 88 6.77 -8.34 6.29
C TRP C 88 6.26 -7.99 4.89
N LEU C 89 5.87 -9.01 4.10
CA LEU C 89 5.40 -8.75 2.73
C LEU C 89 4.08 -7.97 2.75
N GLY C 90 3.14 -8.35 3.63
CA GLY C 90 1.94 -7.57 3.81
C GLY C 90 2.23 -6.12 4.17
N LEU C 91 3.18 -5.90 5.07
CA LEU C 91 3.55 -4.54 5.47
C LEU C 91 4.07 -3.72 4.31
N LEU C 92 4.96 -4.33 3.51
CA LEU C 92 5.57 -3.60 2.38
C LEU C 92 4.54 -3.28 1.28
N ALA C 93 3.63 -4.22 0.99
CA ALA C 93 2.63 -3.96 -0.05
C ALA C 93 1.71 -2.81 0.34
N GLY C 94 1.47 -2.60 1.64
CA GLY C 94 0.63 -1.55 2.17
C GLY C 94 1.32 -0.23 2.43
N ALA C 95 2.65 -0.16 2.27
CA ALA C 95 3.36 1.06 2.63
C ALA C 95 3.13 2.15 1.60
N HIS C 96 2.81 3.37 2.07
CA HIS C 96 2.66 4.52 1.18
C HIS C 96 3.43 5.77 1.58
N SER C 97 4.01 5.83 2.78
CA SER C 97 4.65 7.10 3.09
C SER C 97 6.12 6.99 3.53
N SER C 98 6.47 6.04 4.41
CA SER C 98 7.83 5.98 4.95
C SER C 98 8.14 4.58 5.47
N LEU C 99 9.42 4.23 5.47
CA LEU C 99 9.87 2.97 6.03
C LEU C 99 11.24 3.24 6.61
N ASP C 100 11.41 2.94 7.90
CA ASP C 100 12.67 3.03 8.63
C ASP C 100 13.09 1.64 9.11
N ILE C 101 14.31 1.23 8.79
CA ILE C 101 14.78 -0.08 9.21
C ILE C 101 16.06 0.10 10.01
N ALA C 102 16.05 -0.43 11.23
CA ALA C 102 17.28 -0.65 11.99
C ALA C 102 17.71 -2.09 11.78
N SER C 103 18.99 -2.31 11.48
CA SER C 103 19.44 -3.64 11.05
C SER C 103 20.89 -3.89 11.42
N PHE C 104 21.21 -5.16 11.53
CA PHE C 104 22.52 -5.70 11.87
C PHE C 104 23.33 -6.08 10.63
N TYR C 105 22.76 -6.89 9.73
CA TYR C 105 23.42 -7.22 8.47
C TYR C 105 22.34 -7.47 7.42
N TRP C 106 22.76 -7.62 6.14
CA TRP C 106 21.86 -7.88 5.02
C TRP C 106 22.40 -9.04 4.16
N THR C 107 21.69 -10.18 4.19
CA THR C 107 21.95 -11.34 3.32
C THR C 107 20.62 -11.90 2.82
N LEU C 108 19.85 -11.08 2.07
CA LEU C 108 18.52 -11.50 1.65
C LEU C 108 18.52 -12.42 0.40
N THR C 109 19.65 -12.64 -0.29
CA THR C 109 19.65 -13.39 -1.55
C THR C 109 20.61 -14.58 -1.54
N ASN C 110 20.37 -15.50 -2.47
CA ASN C 110 21.29 -16.64 -2.66
C ASN C 110 22.70 -16.19 -2.99
N ASN C 111 22.84 -15.14 -3.82
CA ASN C 111 24.16 -14.63 -4.16
C ASN C 111 24.91 -14.13 -2.92
N ASP C 112 24.20 -13.55 -1.96
CA ASP C 112 24.85 -13.01 -0.76
C ASP C 112 25.56 -14.08 0.06
N THR C 113 24.94 -15.26 0.18
CA THR C 113 25.46 -16.36 0.97
C THR C 113 26.20 -17.40 0.13
N HIS C 114 26.35 -17.15 -1.18
CA HIS C 114 27.02 -18.08 -2.10
C HIS C 114 26.33 -19.43 -2.14
N THR C 115 25.00 -19.41 -2.18
CA THR C 115 24.17 -20.62 -2.16
C THR C 115 23.24 -20.63 -3.38
N GLN C 116 22.51 -21.72 -3.53
CA GLN C 116 21.49 -21.88 -4.57
C GLN C 116 20.29 -22.60 -3.98
N GLU C 117 19.86 -22.17 -2.81
CA GLU C 117 18.80 -22.84 -2.06
C GLU C 117 17.44 -22.32 -2.51
N PRO C 118 16.48 -23.21 -2.83
CA PRO C 118 15.11 -22.74 -3.14
C PRO C 118 14.44 -22.09 -1.95
N SER C 119 14.85 -22.46 -0.70
CA SER C 119 14.39 -21.84 0.54
C SER C 119 14.76 -20.38 0.66
N ALA C 120 15.62 -19.87 -0.20
CA ALA C 120 15.95 -18.45 -0.20
C ALA C 120 14.90 -17.57 -0.89
N GLN C 121 13.91 -18.19 -1.55
CA GLN C 121 12.96 -17.43 -2.38
C GLN C 121 12.26 -16.31 -1.57
N GLN C 122 11.74 -16.64 -0.37
CA GLN C 122 11.04 -15.63 0.44
C GLN C 122 11.91 -14.39 0.70
N GLY C 123 13.17 -14.59 1.08
CA GLY C 123 14.03 -13.43 1.30
C GLY C 123 14.17 -12.58 0.04
N GLU C 124 14.34 -13.24 -1.11
CA GLU C 124 14.54 -12.51 -2.36
C GLU C 124 13.27 -11.74 -2.72
N GLU C 125 12.10 -12.33 -2.46
CA GLU C 125 10.88 -11.58 -2.68
C GLU C 125 10.86 -10.35 -1.77
N VAL C 126 11.27 -10.50 -0.51
CA VAL C 126 11.31 -9.36 0.39
C VAL C 126 12.13 -8.24 -0.23
N LEU C 127 13.31 -8.59 -0.77
CA LEU C 127 14.17 -7.53 -1.31
C LEU C 127 13.52 -6.86 -2.52
N GLN C 128 12.86 -7.66 -3.35
CA GLN C 128 12.16 -7.11 -4.50
C GLN C 128 11.17 -6.05 -4.05
N GLN C 129 10.40 -6.35 -2.98
CA GLN C 129 9.39 -5.39 -2.59
C GLN C 129 10.01 -4.17 -1.94
N LEU C 130 11.21 -4.35 -1.33
CA LEU C 130 11.90 -3.19 -0.79
C LEU C 130 12.34 -2.28 -1.93
N GLN C 131 12.82 -2.88 -3.02
CA GLN C 131 13.25 -2.07 -4.16
C GLN C 131 12.09 -1.32 -4.81
N ALA C 132 10.84 -1.79 -4.62
CA ALA C 132 9.72 -1.09 -5.26
C ALA C 132 9.23 0.11 -4.45
N LEU C 133 9.78 0.33 -3.24
CA LEU C 133 9.18 1.34 -2.36
C LEU C 133 9.48 2.77 -2.82
N ALA C 134 10.77 3.11 -2.93
CA ALA C 134 11.14 4.49 -3.20
C ALA C 134 10.62 4.98 -4.53
N PRO C 135 10.70 4.22 -5.64
CA PRO C 135 10.18 4.74 -6.92
C PRO C 135 8.69 5.00 -6.90
N ARG C 136 7.95 4.47 -5.92
CA ARG C 136 6.55 4.82 -5.81
C ARG C 136 6.30 5.89 -4.73
N GLY C 137 7.35 6.52 -4.19
CA GLY C 137 7.18 7.67 -3.32
C GLY C 137 7.41 7.43 -1.84
N VAL C 138 7.64 6.19 -1.39
CA VAL C 138 7.97 5.93 0.03
C VAL C 138 9.39 6.41 0.32
N LYS C 139 9.54 7.23 1.36
CA LYS C 139 10.86 7.66 1.83
C LYS C 139 11.43 6.51 2.68
N VAL C 140 12.52 5.89 2.21
CA VAL C 140 13.14 4.72 2.84
C VAL C 140 14.45 5.16 3.49
N ARG C 141 14.65 4.79 4.76
CA ARG C 141 15.91 5.04 5.47
C ARG C 141 16.38 3.77 6.17
N ILE C 142 17.61 3.34 5.84
CA ILE C 142 18.17 2.10 6.34
C ILE C 142 19.34 2.47 7.23
N ALA C 143 19.33 2.02 8.49
CA ALA C 143 20.51 2.15 9.35
C ALA C 143 21.08 0.75 9.58
N VAL C 144 22.36 0.58 9.28
CA VAL C 144 23.02 -0.72 9.38
C VAL C 144 24.29 -0.58 10.21
N SER C 145 24.60 -1.66 10.95
CA SER C 145 25.92 -1.80 11.56
C SER C 145 27.00 -1.78 10.48
N LYS C 146 28.07 -1.02 10.70
CA LYS C 146 29.19 -0.88 9.77
C LYS C 146 29.66 -2.25 9.25
N PRO C 147 29.54 -2.53 7.96
CA PRO C 147 29.97 -3.84 7.45
C PRO C 147 31.48 -3.92 7.19
N ASN C 148 31.94 -5.17 7.04
CA ASN C 148 33.33 -5.42 6.67
C ASN C 148 33.55 -5.34 5.16
N GLY C 149 32.51 -5.61 4.38
CA GLY C 149 32.59 -5.53 2.94
C GLY C 149 31.35 -4.87 2.40
N PRO C 150 31.35 -4.52 1.12
CA PRO C 150 30.15 -3.89 0.54
C PRO C 150 28.96 -4.84 0.60
N LEU C 151 27.77 -4.26 0.78
CA LEU C 151 26.56 -5.06 0.83
C LEU C 151 25.81 -4.84 -0.48
N ALA C 152 25.60 -5.94 -1.21
CA ALA C 152 24.87 -5.90 -2.47
C ALA C 152 23.43 -5.47 -2.25
N ASP C 153 22.78 -5.96 -1.18
CA ASP C 153 21.39 -5.58 -0.92
C ASP C 153 21.25 -4.07 -0.83
N LEU C 154 22.14 -3.42 -0.06
CA LEU C 154 22.03 -2.00 0.16
C LEU C 154 22.43 -1.17 -1.08
N GLN C 155 23.36 -1.70 -1.88
CA GLN C 155 23.72 -1.04 -3.14
C GLN C 155 22.54 -1.00 -4.10
N SER C 156 21.85 -2.14 -4.25
CA SER C 156 20.67 -2.11 -5.11
C SER C 156 19.58 -1.21 -4.51
N LEU C 157 19.45 -1.19 -3.17
CA LEU C 157 18.43 -0.33 -2.57
C LEU C 157 18.77 1.16 -2.77
N LEU C 158 20.05 1.51 -2.67
CA LEU C 158 20.50 2.88 -2.91
C LEU C 158 20.18 3.32 -4.32
N GLN C 159 20.37 2.46 -5.32
CA GLN C 159 20.04 2.96 -6.65
C GLN C 159 18.54 3.02 -6.94
N SER C 160 17.70 2.35 -6.16
CA SER C 160 16.26 2.56 -6.30
C SER C 160 15.79 3.85 -5.64
N GLY C 161 16.67 4.56 -4.90
CA GLY C 161 16.29 5.81 -4.25
C GLY C 161 16.22 5.75 -2.73
N ALA C 162 16.45 4.60 -2.13
CA ALA C 162 16.48 4.57 -0.67
C ALA C 162 17.77 5.19 -0.15
N GLN C 163 17.72 5.66 1.10
CA GLN C 163 18.87 6.22 1.78
C GLN C 163 19.47 5.18 2.74
N VAL C 164 20.80 5.12 2.81
CA VAL C 164 21.49 4.13 3.63
C VAL C 164 22.62 4.82 4.38
N ARG C 165 22.71 4.55 5.66
CA ARG C 165 23.78 5.07 6.51
C ARG C 165 24.36 3.94 7.35
N MET C 166 25.66 4.02 7.62
CA MET C 166 26.35 2.95 8.34
C MET C 166 26.76 3.46 9.70
N VAL C 167 26.41 2.71 10.75
CA VAL C 167 26.71 3.10 12.12
C VAL C 167 27.96 2.35 12.59
N ASP C 168 29.00 3.12 12.92
CA ASP C 168 30.24 2.54 13.43
C ASP C 168 30.20 2.50 14.95
N MET C 169 29.38 1.57 15.48
CA MET C 169 29.26 1.44 16.93
C MET C 169 30.57 0.98 17.58
N GLN C 170 31.44 0.29 16.85
CA GLN C 170 32.70 -0.15 17.45
C GLN C 170 33.53 1.05 17.88
N LYS C 171 33.58 2.09 17.05
CA LYS C 171 34.30 3.30 17.40
C LYS C 171 33.57 4.08 18.49
N LEU C 172 32.24 4.12 18.45
CA LEU C 172 31.48 4.94 19.37
C LEU C 172 31.40 4.35 20.78
N THR C 173 31.17 3.03 20.90
CA THR C 173 30.98 2.39 22.21
C THR C 173 31.64 1.03 22.33
N HIS C 174 32.41 0.57 21.33
CA HIS C 174 32.98 -0.79 21.27
C HIS C 174 31.89 -1.88 21.18
N GLY C 175 30.72 -1.58 20.62
CA GLY C 175 29.72 -2.61 20.38
C GLY C 175 29.30 -2.67 18.92
N VAL C 176 28.15 -3.26 18.67
CA VAL C 176 27.61 -3.34 17.31
C VAL C 176 26.20 -2.77 17.31
N LEU C 177 25.70 -2.50 16.11
CA LEU C 177 24.28 -2.13 15.95
C LEU C 177 23.54 -3.43 15.76
N HIS C 178 23.09 -4.04 16.87
CA HIS C 178 22.48 -5.35 16.83
C HIS C 178 20.96 -5.33 16.66
N THR C 179 20.32 -4.18 16.90
CA THR C 179 18.87 -4.04 16.91
C THR C 179 18.22 -4.39 15.57
N LYS C 180 17.06 -5.07 15.61
CA LYS C 180 16.24 -5.35 14.41
C LYS C 180 14.85 -4.73 14.61
N PHE C 181 14.53 -3.67 13.87
CA PHE C 181 13.12 -3.28 13.83
C PHE C 181 12.78 -2.51 12.56
N TRP C 182 11.49 -2.48 12.27
CA TRP C 182 10.90 -1.74 11.15
C TRP C 182 9.82 -0.78 11.65
N VAL C 183 9.81 0.45 11.14
CA VAL C 183 8.71 1.40 11.39
C VAL C 183 8.13 1.79 10.02
N VAL C 184 6.83 1.52 9.83
CA VAL C 184 6.15 1.71 8.53
C VAL C 184 5.08 2.79 8.69
N ASP C 185 5.23 3.87 7.92
CA ASP C 185 4.30 5.01 7.80
C ASP C 185 4.01 5.69 9.14
N GLN C 186 4.97 5.65 10.06
CA GLN C 186 4.76 6.14 11.41
C GLN C 186 3.50 5.51 12.04
N THR C 187 3.14 4.33 11.64
CA THR C 187 1.91 3.73 12.16
C THR C 187 2.07 2.29 12.65
N HIS C 188 2.81 1.44 11.92
CA HIS C 188 2.99 0.04 12.28
C HIS C 188 4.46 -0.22 12.55
N PHE C 189 4.77 -1.25 13.36
CA PHE C 189 6.18 -1.59 13.50
C PHE C 189 6.39 -3.08 13.77
N TYR C 190 7.53 -3.59 13.30
CA TYR C 190 8.00 -4.92 13.64
C TYR C 190 9.14 -4.80 14.63
N LEU C 191 9.13 -5.64 15.66
CA LEU C 191 10.26 -5.74 16.59
C LEU C 191 10.48 -7.19 16.98
N GLY C 192 11.71 -7.67 16.88
CA GLY C 192 11.98 -9.08 17.17
C GLY C 192 13.39 -9.55 16.82
N SER C 193 13.51 -10.84 16.66
CA SER C 193 14.83 -11.42 16.44
C SER C 193 15.22 -11.61 14.97
N ALA C 194 14.30 -11.47 14.00
CA ALA C 194 14.62 -11.78 12.61
C ALA C 194 15.50 -10.69 11.96
N ASN C 195 16.65 -11.11 11.39
CA ASN C 195 17.56 -10.20 10.71
C ASN C 195 17.13 -10.05 9.25
N MET C 196 17.74 -9.10 8.53
CA MET C 196 17.45 -8.92 7.09
C MET C 196 18.23 -9.98 6.29
N ASP C 197 17.71 -11.21 6.36
CA ASP C 197 18.48 -12.42 6.03
C ASP C 197 17.46 -13.43 5.54
N TRP C 198 17.75 -14.08 4.40
CA TRP C 198 16.75 -15.05 3.94
C TRP C 198 16.66 -16.25 4.87
N ARG C 199 17.75 -16.61 5.55
CA ARG C 199 17.69 -17.70 6.52
C ARG C 199 16.70 -17.41 7.65
N SER C 200 16.60 -16.14 8.06
CA SER C 200 15.65 -15.77 9.14
C SER C 200 14.20 -16.05 8.76
N LEU C 201 13.91 -16.26 7.47
CA LEU C 201 12.55 -16.59 7.12
C LEU C 201 12.31 -18.10 7.15
N THR C 202 13.29 -18.93 6.75
CA THR C 202 12.98 -20.34 6.48
C THR C 202 13.90 -21.35 7.16
N GLN C 203 15.08 -20.96 7.66
CA GLN C 203 16.05 -21.95 8.14
C GLN C 203 16.49 -21.78 9.58
N VAL C 204 16.04 -20.72 10.26
CA VAL C 204 16.33 -20.51 11.68
C VAL C 204 15.03 -20.05 12.32
N LYS C 205 14.89 -20.34 13.61
CA LYS C 205 13.66 -20.04 14.34
C LYS C 205 13.71 -18.61 14.89
N GLU C 206 12.61 -17.89 14.68
CA GLU C 206 12.52 -16.48 15.00
C GLU C 206 11.21 -16.20 15.72
N LEU C 207 11.22 -15.18 16.58
CA LEU C 207 10.04 -14.68 17.26
C LEU C 207 10.07 -13.16 17.29
N GLY C 208 8.95 -12.52 16.92
CA GLY C 208 8.84 -11.10 17.04
C GLY C 208 7.39 -10.70 17.22
N VAL C 209 7.11 -9.41 17.20
CA VAL C 209 5.75 -8.86 17.23
C VAL C 209 5.59 -7.81 16.13
N VAL C 210 4.41 -7.82 15.47
CA VAL C 210 4.00 -6.67 14.65
C VAL C 210 2.92 -5.92 15.43
N MET C 211 3.15 -4.64 15.64
CA MET C 211 2.15 -3.76 16.27
C MET C 211 1.55 -2.89 15.16
N TYR C 212 0.27 -3.13 14.84
CA TYR C 212 -0.45 -2.39 13.78
C TYR C 212 -1.29 -1.26 14.37
N ASN C 213 -1.42 -0.19 13.58
CA ASN C 213 -2.44 0.85 13.86
C ASN C 213 -2.23 1.46 15.25
N CYS C 214 -0.96 1.71 15.58
CA CYS C 214 -0.49 2.12 16.91
C CYS C 214 0.48 3.30 16.75
N SER C 215 -0.03 4.40 16.20
CA SER C 215 0.85 5.48 15.74
C SER C 215 1.63 6.16 16.88
N CYS C 216 1.02 6.37 18.06
CA CYS C 216 1.77 6.95 19.17
C CYS C 216 3.07 6.15 19.47
N LEU C 217 2.94 4.85 19.65
CA LEU C 217 4.07 3.97 19.96
C LEU C 217 5.07 3.86 18.81
N ALA C 218 4.59 3.90 17.55
CA ALA C 218 5.48 3.87 16.37
C ALA C 218 6.32 5.15 16.26
N ARG C 219 5.69 6.32 16.53
CA ARG C 219 6.44 7.57 16.58
C ARG C 219 7.46 7.57 17.72
N ASP C 220 7.14 6.89 18.83
CA ASP C 220 8.11 6.78 19.94
C ASP C 220 9.31 5.90 19.56
N LEU C 221 9.07 4.82 18.84
CA LEU C 221 10.19 4.00 18.33
C LEU C 221 11.08 4.76 17.34
N THR C 222 10.47 5.59 16.50
CA THR C 222 11.24 6.37 15.52
C THR C 222 12.30 7.27 16.17
N LYS C 223 12.06 7.75 17.41
CA LYS C 223 13.11 8.51 18.12
C LYS C 223 14.37 7.69 18.35
N ILE C 224 14.21 6.40 18.66
CA ILE C 224 15.34 5.47 18.75
C ILE C 224 16.04 5.39 17.42
N PHE C 225 15.23 5.20 16.34
CA PHE C 225 15.79 5.16 15.00
C PHE C 225 16.58 6.42 14.70
N GLU C 226 16.06 7.58 15.13
CA GLU C 226 16.70 8.85 14.80
C GLU C 226 18.06 8.96 15.48
N ALA C 227 18.21 8.34 16.66
CA ALA C 227 19.56 8.27 17.24
C ALA C 227 20.52 7.50 16.31
N TYR C 228 20.08 6.35 15.82
CA TYR C 228 20.95 5.62 14.88
C TYR C 228 21.23 6.47 13.62
N TRP C 229 20.18 7.13 13.07
CA TRP C 229 20.33 7.91 11.84
C TRP C 229 21.31 9.06 12.02
N PHE C 230 21.25 9.74 13.17
CA PHE C 230 22.22 10.80 13.46
C PHE C 230 23.65 10.25 13.52
N LEU C 231 23.86 9.10 14.19
CA LEU C 231 25.23 8.57 14.30
C LEU C 231 25.74 7.93 13.01
N GLY C 232 24.91 7.78 12.00
CA GLY C 232 25.35 7.30 10.69
C GLY C 232 25.96 8.36 9.78
N GLN C 233 25.99 9.61 10.22
CA GLN C 233 26.65 10.67 9.48
C GLN C 233 28.18 10.57 9.60
N ALA C 234 28.85 11.22 8.64
CA ALA C 234 30.30 11.30 8.64
C ALA C 234 30.78 12.11 9.84
N GLY C 235 31.69 11.54 10.62
CA GLY C 235 32.30 12.25 11.74
C GLY C 235 31.33 12.79 12.75
N SER C 236 30.34 11.99 13.14
CA SER C 236 29.39 12.36 14.17
C SER C 236 29.79 11.70 15.50
N SER C 237 29.41 12.34 16.58
CA SER C 237 29.79 11.88 17.92
C SER C 237 28.55 11.82 18.81
N ILE C 238 28.63 10.98 19.84
CA ILE C 238 27.56 10.89 20.83
C ILE C 238 27.54 12.22 21.57
N PRO C 239 26.43 12.96 21.59
CA PRO C 239 26.35 14.13 22.45
C PRO C 239 26.25 13.71 23.92
N SER C 240 26.84 14.53 24.78
CA SER C 240 26.70 14.33 26.22
C SER C 240 25.23 14.42 26.63
N THR C 241 24.51 15.35 26.01
CA THR C 241 23.06 15.46 26.14
C THR C 241 22.46 15.55 24.76
N TRP C 242 21.48 14.68 24.49
CA TRP C 242 20.82 14.63 23.19
C TRP C 242 19.87 15.81 23.05
N PRO C 243 19.62 16.27 21.82
CA PRO C 243 18.57 17.28 21.64
C PRO C 243 17.26 16.77 22.22
N ARG C 244 16.43 17.71 22.70
CA ARG C 244 15.18 17.37 23.38
C ARG C 244 14.23 16.62 22.46
N SER C 245 14.39 16.76 21.15
CA SER C 245 13.57 16.02 20.19
C SER C 245 13.73 14.50 20.35
N PHE C 246 14.83 14.03 20.96
CA PHE C 246 15.02 12.60 21.20
C PHE C 246 14.36 12.10 22.48
N ASP C 247 13.87 12.98 23.36
CA ASP C 247 13.40 12.51 24.65
C ASP C 247 11.99 11.93 24.51
N THR C 248 11.62 11.13 25.49
CA THR C 248 10.30 10.53 25.54
C THR C 248 9.78 10.64 26.96
N ARG C 249 8.43 10.71 27.08
CA ARG C 249 7.71 10.67 28.34
C ARG C 249 7.15 9.28 28.67
N TYR C 250 7.39 8.28 27.82
CA TYR C 250 6.82 6.95 28.02
C TYR C 250 7.94 6.01 28.46
N ASN C 251 7.81 5.43 29.65
CA ASN C 251 8.92 4.75 30.28
C ASN C 251 8.38 3.85 31.40
N GLN C 252 9.32 3.21 32.14
CA GLN C 252 8.90 2.34 33.24
C GLN C 252 8.01 3.08 34.25
N GLU C 253 8.34 4.33 34.57
CA GLU C 253 7.57 5.06 35.59
C GLU C 253 6.18 5.42 35.11
N THR C 254 6.07 5.88 33.86
CA THR C 254 4.79 6.27 33.25
C THR C 254 4.70 5.63 31.86
N PRO C 255 4.18 4.42 31.75
CA PRO C 255 4.09 3.81 30.42
C PRO C 255 2.99 4.48 29.60
N MET C 256 3.03 4.25 28.30
CA MET C 256 1.96 4.69 27.42
C MET C 256 0.71 3.89 27.73
N GLU C 257 -0.43 4.61 27.89
CA GLU C 257 -1.75 4.00 28.02
C GLU C 257 -2.30 3.81 26.61
N ILE C 258 -2.39 2.55 26.17
CA ILE C 258 -2.83 2.26 24.81
C ILE C 258 -4.07 1.37 24.90
N CYS C 259 -4.83 1.34 23.81
CA CYS C 259 -5.87 0.35 23.61
C CYS C 259 -5.29 -0.77 22.75
N LEU C 260 -5.20 -1.96 23.32
CA LEU C 260 -4.55 -3.11 22.69
C LEU C 260 -5.59 -4.19 22.52
N ASN C 261 -5.92 -4.51 21.25
CA ASN C 261 -6.97 -5.48 20.92
C ASN C 261 -8.27 -5.14 21.66
N GLY C 262 -8.59 -3.85 21.71
CA GLY C 262 -9.84 -3.40 22.28
C GLY C 262 -9.89 -3.30 23.80
N THR C 263 -8.75 -3.44 24.51
CA THR C 263 -8.75 -3.38 25.98
C THR C 263 -7.57 -2.54 26.45
N PRO C 264 -7.71 -1.81 27.56
CA PRO C 264 -6.58 -0.98 28.02
C PRO C 264 -5.36 -1.83 28.32
N ALA C 265 -4.20 -1.24 28.09
CA ALA C 265 -2.92 -1.87 28.35
C ALA C 265 -1.90 -0.76 28.61
N LEU C 266 -0.79 -1.15 29.23
CA LEU C 266 0.36 -0.28 29.44
C LEU C 266 1.53 -0.78 28.60
N ALA C 267 2.19 0.14 27.86
CA ALA C 267 3.25 -0.29 26.95
C ALA C 267 4.39 0.72 26.98
N TYR C 268 5.63 0.22 26.89
CA TYR C 268 6.73 1.16 26.63
C TYR C 268 7.89 0.42 25.97
N LEU C 269 8.85 1.21 25.48
CA LEU C 269 9.99 0.71 24.73
C LEU C 269 11.29 1.07 25.45
N ALA C 270 12.12 0.07 25.65
CA ALA C 270 13.42 0.26 26.29
C ALA C 270 14.53 0.16 25.25
N SER C 271 15.69 0.73 25.61
CA SER C 271 16.77 1.04 24.67
C SER C 271 18.16 0.80 25.29
N ALA C 272 19.09 0.32 24.47
CA ALA C 272 20.49 0.15 24.88
C ALA C 272 21.40 0.54 23.72
N PRO C 273 22.65 0.97 24.01
CA PRO C 273 23.33 1.14 25.30
C PRO C 273 23.00 2.48 25.98
N PRO C 274 23.37 2.62 27.26
CA PRO C 274 22.99 3.84 28.02
C PRO C 274 23.39 5.14 27.33
N PRO C 275 24.56 5.25 26.68
CA PRO C 275 24.91 6.53 26.01
C PRO C 275 23.94 6.93 24.88
N LEU C 276 23.19 5.99 24.30
CA LEU C 276 22.17 6.32 23.30
C LEU C 276 20.81 6.61 23.93
N CYS C 277 20.70 6.53 25.26
CA CYS C 277 19.43 6.73 25.96
C CYS C 277 19.27 8.18 26.34
N PRO C 278 18.30 8.91 25.80
CA PRO C 278 17.97 10.23 26.36
C PRO C 278 17.29 10.09 27.72
N SER C 279 17.01 11.26 28.35
CA SER C 279 16.79 11.30 29.78
C SER C 279 15.60 10.45 30.24
N GLY C 280 14.49 10.53 29.53
CA GLY C 280 13.30 9.81 29.94
C GLY C 280 13.17 8.43 29.35
N ARG C 281 14.18 7.94 28.66
CA ARG C 281 14.15 6.60 28.06
C ARG C 281 14.68 5.57 29.05
N THR C 282 13.87 4.56 29.39
CA THR C 282 14.35 3.49 30.29
C THR C 282 15.44 2.66 29.60
N PRO C 283 16.54 2.35 30.29
CA PRO C 283 17.50 1.38 29.74
C PRO C 283 16.93 -0.03 29.67
N ASP C 284 17.34 -0.74 28.61
CA ASP C 284 16.91 -2.14 28.42
C ASP C 284 17.12 -3.00 29.68
N LEU C 285 18.28 -2.88 30.32
CA LEU C 285 18.53 -3.71 31.51
C LEU C 285 17.52 -3.42 32.64
N LYS C 286 17.28 -2.15 32.92
CA LYS C 286 16.33 -1.83 33.98
C LYS C 286 14.93 -2.37 33.68
N ALA C 287 14.47 -2.28 32.42
CA ALA C 287 13.15 -2.80 32.07
C ALA C 287 13.06 -4.30 32.25
N LEU C 288 14.10 -5.03 31.78
CA LEU C 288 14.13 -6.49 31.95
C LEU C 288 14.10 -6.90 33.43
N LEU C 289 14.95 -6.28 34.22
CA LEU C 289 15.06 -6.64 35.63
C LEU C 289 13.79 -6.27 36.39
N ASN C 290 13.11 -5.18 36.00
CA ASN C 290 11.83 -4.87 36.65
C ASN C 290 10.82 -5.97 36.37
N VAL C 291 10.82 -6.54 35.16
CA VAL C 291 9.89 -7.67 34.93
C VAL C 291 10.27 -8.87 35.81
N VAL C 292 11.57 -9.15 35.95
CA VAL C 292 12.00 -10.29 36.79
C VAL C 292 11.63 -10.05 38.28
N ASP C 293 11.86 -8.86 38.78
CA ASP C 293 11.57 -8.57 40.18
C ASP C 293 10.09 -8.43 40.47
N SER C 294 9.25 -8.11 39.47
CA SER C 294 7.83 -7.97 39.78
C SER C 294 7.08 -9.28 39.76
N ALA C 295 7.68 -10.35 39.23
CA ALA C 295 6.99 -11.62 39.08
C ALA C 295 6.72 -12.26 40.42
N ARG C 296 5.56 -12.89 40.54
CA ARG C 296 5.16 -13.49 41.80
C ARG C 296 4.85 -14.96 41.66
N SER C 297 4.68 -15.47 40.44
CA SER C 297 4.35 -16.88 40.20
C SER C 297 5.38 -17.60 39.32
N PHE C 298 5.64 -17.11 38.10
CA PHE C 298 6.59 -17.79 37.21
C PHE C 298 7.30 -16.79 36.30
N ILE C 299 8.48 -17.19 35.83
CA ILE C 299 9.26 -16.45 34.85
C ILE C 299 9.76 -17.46 33.82
N TYR C 300 9.28 -17.34 32.58
CA TYR C 300 9.70 -18.15 31.45
C TYR C 300 10.54 -17.30 30.50
N ILE C 301 11.75 -17.75 30.17
CA ILE C 301 12.70 -16.99 29.35
C ILE C 301 13.21 -17.91 28.26
N ALA C 302 13.10 -17.49 26.98
CA ALA C 302 13.76 -18.19 25.86
C ALA C 302 14.71 -17.21 25.17
N VAL C 303 16.03 -17.49 25.25
CA VAL C 303 17.08 -16.68 24.65
C VAL C 303 18.06 -17.60 23.94
N MET C 304 18.65 -17.11 22.83
CA MET C 304 19.63 -17.90 22.07
C MET C 304 20.90 -18.16 22.89
N ASN C 305 21.50 -17.12 23.47
CA ASN C 305 22.62 -17.24 24.40
C ASN C 305 22.32 -16.52 25.71
N TYR C 306 22.84 -17.08 26.80
CA TYR C 306 22.75 -16.51 28.14
C TYR C 306 24.10 -16.72 28.82
N LEU C 307 24.68 -15.65 29.31
CA LEU C 307 25.98 -15.70 29.95
C LEU C 307 26.18 -14.53 30.91
N PRO C 308 26.40 -14.83 32.20
CA PRO C 308 26.59 -13.79 33.21
C PRO C 308 27.99 -13.19 33.20
N THR C 309 28.42 -12.75 32.02
CA THR C 309 29.75 -12.17 31.80
C THR C 309 29.67 -11.05 30.77
N MET C 310 30.78 -10.31 30.65
CA MET C 310 30.96 -9.45 29.47
C MET C 310 31.63 -10.26 28.36
N HIS C 314 36.62 -6.82 26.83
CA HIS C 314 37.76 -6.12 27.41
C HIS C 314 38.53 -7.18 28.20
N PRO C 315 39.33 -6.81 29.21
CA PRO C 315 39.64 -7.78 30.28
C PRO C 315 38.35 -8.35 30.86
N ARG C 316 38.35 -9.68 31.06
CA ARG C 316 37.13 -10.42 31.38
C ARG C 316 36.42 -9.81 32.57
N ARG C 317 35.10 -9.73 32.47
CA ARG C 317 34.28 -9.19 33.54
C ARG C 317 33.17 -10.17 33.84
N PHE C 318 32.95 -10.41 35.15
CA PHE C 318 31.80 -11.16 35.64
C PHE C 318 30.64 -10.18 35.80
N TRP C 319 29.45 -10.61 35.38
CA TRP C 319 28.32 -9.71 35.19
C TRP C 319 27.04 -10.43 35.63
N PRO C 320 26.72 -10.36 36.92
CA PRO C 320 25.60 -11.16 37.47
C PRO C 320 24.26 -10.42 37.54
N ALA C 321 24.11 -9.28 36.87
CA ALA C 321 22.91 -8.47 37.01
C ALA C 321 21.63 -9.31 36.83
N ILE C 322 21.56 -10.11 35.77
CA ILE C 322 20.34 -10.91 35.53
C ILE C 322 20.31 -12.16 36.42
N ASP C 323 21.47 -12.80 36.55
CA ASP C 323 21.59 -14.08 37.25
C ASP C 323 21.15 -13.94 38.70
N ASP C 324 21.59 -12.87 39.36
CA ASP C 324 21.13 -12.64 40.73
C ASP C 324 19.65 -12.27 40.77
N GLY C 325 19.12 -11.63 39.73
CA GLY C 325 17.68 -11.39 39.68
C GLY C 325 16.88 -12.67 39.71
N LEU C 326 17.27 -13.65 38.89
CA LEU C 326 16.57 -14.93 38.89
C LEU C 326 16.75 -15.69 40.22
N ARG C 327 17.95 -15.64 40.77
CA ARG C 327 18.19 -16.30 42.05
C ARG C 327 17.31 -15.68 43.14
N ARG C 328 17.25 -14.35 43.16
CA ARG C 328 16.39 -13.62 44.10
C ARG C 328 14.94 -14.00 43.94
N ALA C 329 14.45 -13.98 42.69
CA ALA C 329 13.05 -14.28 42.42
C ALA C 329 12.68 -15.65 42.94
N ALA C 330 13.56 -16.64 42.68
CA ALA C 330 13.26 -18.02 43.03
C ALA C 330 13.34 -18.28 44.54
N TYR C 331 14.32 -17.68 45.21
CA TYR C 331 14.49 -17.91 46.64
C TYR C 331 13.53 -17.07 47.48
N GLU C 332 13.42 -15.78 47.21
CA GLU C 332 12.59 -14.90 48.04
C GLU C 332 11.10 -15.04 47.77
N ARG C 333 10.69 -15.24 46.52
CA ARG C 333 9.24 -15.25 46.19
C ARG C 333 8.69 -16.61 45.73
N GLY C 334 9.52 -17.65 45.72
CA GLY C 334 9.08 -19.00 45.31
C GLY C 334 8.76 -19.05 43.84
N VAL C 335 9.39 -18.17 43.06
CA VAL C 335 9.11 -18.07 41.62
C VAL C 335 9.67 -19.27 40.87
N LYS C 336 8.83 -19.90 40.07
CA LYS C 336 9.26 -21.01 39.21
C LYS C 336 9.94 -20.40 38.00
N VAL C 337 11.21 -20.72 37.83
CA VAL C 337 11.98 -20.14 36.70
C VAL C 337 12.28 -21.26 35.70
N ARG C 338 11.86 -21.06 34.46
CA ARG C 338 12.22 -21.98 33.39
C ARG C 338 13.04 -21.23 32.35
N LEU C 339 14.25 -21.71 32.08
CA LEU C 339 15.23 -21.06 31.22
C LEU C 339 15.47 -21.96 30.03
N LEU C 340 15.13 -21.49 28.81
CA LEU C 340 15.22 -22.28 27.58
C LEU C 340 16.29 -21.65 26.69
N ILE C 341 17.44 -22.31 26.61
CA ILE C 341 18.63 -21.79 25.97
C ILE C 341 18.83 -22.54 24.66
N SER C 342 19.19 -21.81 23.62
CA SER C 342 19.47 -22.42 22.32
C SER C 342 20.87 -23.07 22.30
N CYS C 343 21.03 -24.10 21.47
CA CYS C 343 22.32 -24.78 21.33
C CYS C 343 22.53 -25.21 19.88
N TRP C 344 23.68 -24.83 19.34
CA TRP C 344 24.14 -25.33 18.05
C TRP C 344 25.66 -25.45 18.11
N GLY C 345 26.27 -25.69 16.94
CA GLY C 345 27.70 -25.88 16.84
C GLY C 345 28.50 -24.64 17.15
N HIS C 346 27.87 -23.47 17.16
CA HIS C 346 28.63 -22.25 17.45
C HIS C 346 28.42 -21.71 18.87
N SER C 347 27.73 -22.46 19.73
CA SER C 347 27.48 -22.02 21.11
C SER C 347 28.78 -21.91 21.91
N ASP C 348 28.90 -20.88 22.71
CA ASP C 348 30.04 -20.73 23.62
C ASP C 348 30.00 -21.81 24.68
N PRO C 349 30.99 -22.73 24.72
CA PRO C 349 30.94 -23.83 25.72
C PRO C 349 31.00 -23.37 27.17
N SER C 350 31.56 -22.19 27.42
CA SER C 350 31.59 -21.68 28.78
C SER C 350 30.19 -21.37 29.30
N MET C 351 29.15 -21.47 28.45
CA MET C 351 27.77 -21.33 28.89
C MET C 351 27.35 -22.44 29.85
N ARG C 352 27.79 -23.69 29.60
CA ARG C 352 27.23 -24.83 30.33
C ARG C 352 27.46 -24.73 31.85
N SER C 353 28.67 -24.36 32.28
CA SER C 353 28.95 -24.30 33.71
C SER C 353 28.00 -23.34 34.41
N PHE C 354 27.77 -22.15 33.81
CA PHE C 354 26.88 -21.19 34.46
C PHE C 354 25.45 -21.73 34.54
N LEU C 355 24.99 -22.43 33.50
CA LEU C 355 23.62 -22.95 33.55
C LEU C 355 23.53 -24.07 34.59
N LEU C 356 24.58 -24.89 34.69
CA LEU C 356 24.61 -25.91 35.74
C LEU C 356 24.49 -25.25 37.11
N SER C 357 25.16 -24.11 37.28
CA SER C 357 25.09 -23.41 38.54
C SER C 357 23.66 -23.01 38.88
N LEU C 358 22.92 -22.51 37.87
CA LEU C 358 21.53 -22.12 38.15
C LEU C 358 20.69 -23.35 38.46
N ALA C 359 20.94 -24.43 37.71
CA ALA C 359 20.08 -25.60 37.86
C ALA C 359 20.34 -26.26 39.21
N ALA C 360 21.46 -25.94 39.87
CA ALA C 360 21.68 -26.54 41.18
C ALA C 360 20.70 -26.04 42.23
N LEU C 361 20.03 -24.92 42.00
CA LEU C 361 19.19 -24.37 43.07
C LEU C 361 17.86 -25.12 43.29
N HIS C 362 17.45 -26.02 42.38
CA HIS C 362 16.20 -26.81 42.52
C HIS C 362 16.29 -27.69 43.77
N ASP C 363 15.55 -27.32 44.82
CA ASP C 363 15.72 -28.01 46.11
C ASP C 363 14.39 -28.02 46.91
N ASN C 364 14.05 -29.15 47.51
CA ASN C 364 12.82 -29.29 48.34
C ASN C 364 13.05 -28.84 49.77
N HIS C 365 14.19 -28.22 50.06
CA HIS C 365 14.45 -27.65 51.41
C HIS C 365 14.28 -26.13 51.35
N THR C 366 14.88 -25.49 50.32
CA THR C 366 14.71 -24.03 50.12
C THR C 366 13.41 -23.79 49.37
N HIS C 367 12.90 -24.82 48.72
CA HIS C 367 11.73 -24.68 47.87
C HIS C 367 11.96 -23.75 46.69
N SER C 368 13.23 -23.54 46.32
CA SER C 368 13.56 -22.88 45.07
C SER C 368 13.38 -23.85 43.92
N ASP C 369 12.91 -23.33 42.79
CA ASP C 369 12.65 -24.22 41.66
C ASP C 369 13.04 -23.53 40.35
N ILE C 370 14.29 -23.77 39.95
CA ILE C 370 14.86 -23.27 38.72
C ILE C 370 15.14 -24.46 37.81
N GLN C 371 14.73 -24.35 36.54
CA GLN C 371 14.90 -25.41 35.55
C GLN C 371 15.51 -24.83 34.27
N VAL C 372 16.41 -25.63 33.66
CA VAL C 372 17.14 -25.26 32.45
C VAL C 372 16.96 -26.38 31.45
N LYS C 373 16.61 -26.02 30.22
CA LYS C 373 16.62 -26.95 29.08
C LYS C 373 17.31 -26.26 27.90
N LEU C 374 17.80 -27.09 26.98
CA LEU C 374 18.42 -26.64 25.74
C LEU C 374 17.49 -26.97 24.58
N PHE C 375 17.30 -25.99 23.70
CA PHE C 375 16.50 -26.14 22.49
C PHE C 375 17.45 -26.33 21.31
N VAL C 376 17.35 -27.47 20.62
CA VAL C 376 18.20 -27.76 19.48
C VAL C 376 17.32 -27.96 18.24
N VAL C 377 17.64 -27.24 17.17
CA VAL C 377 16.94 -27.44 15.87
C VAL C 377 17.62 -28.60 15.13
N PRO C 378 16.93 -29.70 14.90
CA PRO C 378 17.52 -30.79 14.11
C PRO C 378 17.77 -30.36 12.66
N THR C 379 18.77 -30.99 12.07
CA THR C 379 19.14 -30.75 10.68
C THR C 379 19.25 -32.07 9.91
N ASP C 380 18.73 -32.09 8.69
CA ASP C 380 19.03 -33.23 7.83
C ASP C 380 20.29 -32.94 6.99
N GLU C 381 20.64 -33.92 6.15
CA GLU C 381 21.91 -33.86 5.43
C GLU C 381 21.96 -32.70 4.44
N SER C 382 20.84 -32.42 3.76
CA SER C 382 20.83 -31.29 2.83
C SER C 382 20.88 -29.97 3.58
N GLN C 383 20.12 -29.85 4.67
CA GLN C 383 20.10 -28.59 5.42
C GLN C 383 21.47 -28.26 6.01
N ALA C 384 22.26 -29.27 6.35
CA ALA C 384 23.57 -28.99 6.98
C ALA C 384 24.52 -28.22 6.06
N ARG C 385 24.27 -28.21 4.74
CA ARG C 385 25.09 -27.42 3.82
C ARG C 385 24.76 -25.93 3.85
N ILE C 386 23.64 -25.52 4.45
CA ILE C 386 23.35 -24.08 4.51
C ILE C 386 24.22 -23.45 5.59
N PRO C 387 24.98 -22.41 5.28
CA PRO C 387 25.83 -21.81 6.32
C PRO C 387 24.98 -21.04 7.34
N TYR C 388 25.38 -21.21 8.62
CA TYR C 388 24.90 -20.44 9.75
C TYR C 388 23.38 -20.49 9.88
N ALA C 389 22.86 -21.71 10.00
CA ALA C 389 21.42 -21.90 10.06
C ALA C 389 21.11 -23.03 11.02
N ARG C 390 19.83 -23.35 11.12
CA ARG C 390 19.29 -24.42 11.98
C ARG C 390 19.60 -24.17 13.47
N VAL C 391 19.10 -23.02 13.96
CA VAL C 391 19.17 -22.58 15.35
C VAL C 391 17.86 -21.85 15.69
N ASN C 392 17.67 -21.63 16.99
CA ASN C 392 16.56 -20.82 17.51
C ASN C 392 17.11 -19.48 18.03
N HIS C 393 16.76 -18.41 17.32
CA HIS C 393 17.17 -17.03 17.59
C HIS C 393 16.20 -16.28 18.52
N ASN C 394 15.14 -16.91 19.05
CA ASN C 394 14.20 -16.15 19.87
C ASN C 394 14.87 -15.48 21.09
N LYS C 395 14.32 -14.29 21.48
CA LYS C 395 14.78 -13.51 22.64
C LYS C 395 13.58 -12.84 23.33
N TYR C 396 12.96 -13.55 24.27
CA TYR C 396 11.78 -13.00 24.93
C TYR C 396 11.58 -13.61 26.33
N MET C 397 10.76 -12.93 27.14
CA MET C 397 10.48 -13.37 28.49
C MET C 397 9.01 -13.08 28.77
N VAL C 398 8.34 -14.02 29.38
CA VAL C 398 6.95 -13.86 29.78
C VAL C 398 6.80 -14.36 31.22
N THR C 399 6.05 -13.60 32.03
CA THR C 399 5.71 -14.00 33.41
C THR C 399 4.20 -14.11 33.53
N GLU C 400 3.70 -14.32 34.77
CA GLU C 400 2.25 -14.43 34.95
C GLU C 400 1.52 -13.13 34.71
N ARG C 401 2.24 -11.98 34.69
CA ARG C 401 1.58 -10.69 34.48
C ARG C 401 2.24 -9.71 33.49
N ALA C 402 3.29 -10.10 32.76
CA ALA C 402 3.98 -9.13 31.91
C ALA C 402 4.68 -9.84 30.76
N SER C 403 4.91 -9.06 29.66
CA SER C 403 5.57 -9.50 28.43
C SER C 403 6.78 -8.63 28.13
N TYR C 404 7.85 -9.26 27.66
CA TYR C 404 9.10 -8.62 27.27
C TYR C 404 9.52 -9.27 25.96
N ILE C 405 9.66 -8.47 24.91
CA ILE C 405 10.16 -8.96 23.62
C ILE C 405 11.33 -8.12 23.21
N GLY C 406 12.49 -8.73 22.97
CA GLY C 406 13.72 -7.99 22.83
C GLY C 406 14.51 -8.37 21.57
N THR C 407 15.52 -7.55 21.28
CA THR C 407 16.40 -7.84 20.16
C THR C 407 17.76 -8.39 20.59
N SER C 408 18.06 -8.43 21.90
CA SER C 408 19.39 -8.73 22.40
C SER C 408 19.47 -10.12 23.05
N ASN C 409 20.62 -10.79 22.86
CA ASN C 409 20.95 -11.93 23.70
C ASN C 409 21.33 -11.44 25.11
N TRP C 410 21.34 -12.35 26.08
CA TRP C 410 21.42 -11.95 27.50
C TRP C 410 22.85 -12.10 28.03
N SER C 411 23.72 -11.17 27.63
CA SER C 411 25.06 -11.07 28.22
C SER C 411 25.43 -9.60 28.30
N GLY C 412 26.50 -9.29 29.05
CA GLY C 412 26.71 -7.91 29.51
C GLY C 412 26.89 -6.88 28.39
N SER C 413 27.57 -7.27 27.32
CA SER C 413 27.84 -6.33 26.22
C SER C 413 26.55 -5.80 25.60
N TYR C 414 25.51 -6.62 25.52
CA TYR C 414 24.23 -6.19 24.94
C TYR C 414 23.56 -5.09 25.75
N PHE C 415 23.90 -4.96 27.02
CA PHE C 415 23.25 -3.93 27.79
C PHE C 415 24.15 -2.77 28.14
N THR C 416 25.46 -2.85 27.86
CA THR C 416 26.34 -1.72 28.14
C THR C 416 26.98 -1.08 26.91
N GLU C 417 27.11 -1.82 25.80
CA GLU C 417 27.87 -1.32 24.66
C GLU C 417 27.12 -1.36 23.34
N THR C 418 26.26 -2.37 23.16
CA THR C 418 25.64 -2.71 21.88
C THR C 418 24.21 -2.19 21.80
N ALA C 419 23.78 -1.84 20.59
CA ALA C 419 22.44 -1.29 20.41
C ALA C 419 21.38 -2.39 20.51
N GLY C 420 20.29 -2.07 21.21
CA GLY C 420 19.20 -3.01 21.40
C GLY C 420 17.94 -2.28 21.76
N THR C 421 16.79 -2.96 21.58
CA THR C 421 15.48 -2.42 21.91
C THR C 421 14.58 -3.56 22.37
N SER C 422 13.63 -3.21 23.24
CA SER C 422 12.67 -4.18 23.74
C SER C 422 11.32 -3.49 23.94
N LEU C 423 10.28 -4.31 23.92
CA LEU C 423 8.91 -3.88 24.13
C LEU C 423 8.38 -4.53 25.40
N LEU C 424 7.82 -3.72 26.29
CA LEU C 424 7.29 -4.23 27.54
C LEU C 424 5.80 -3.91 27.60
N VAL C 425 5.00 -4.95 27.81
CA VAL C 425 3.56 -4.77 27.83
C VAL C 425 2.97 -5.40 29.09
N THR C 426 2.08 -4.62 29.73
CA THR C 426 1.32 -5.09 30.91
C THR C 426 -0.18 -4.88 30.62
N GLN C 427 -1.00 -5.87 30.93
CA GLN C 427 -2.46 -5.80 30.67
C GLN C 427 -3.16 -6.81 31.58
N ASN C 428 -4.45 -6.61 31.87
CA ASN C 428 -5.20 -7.62 32.65
C ASN C 428 -6.30 -8.23 31.76
N GLY C 431 -3.28 -12.23 30.21
CA GLY C 431 -4.09 -12.66 29.07
C GLY C 431 -3.71 -12.00 27.79
N GLY C 432 -4.46 -12.27 26.71
CA GLY C 432 -4.17 -11.64 25.43
C GLY C 432 -2.78 -12.01 24.88
N LEU C 433 -2.00 -10.99 24.54
CA LEU C 433 -0.64 -11.19 24.02
C LEU C 433 0.24 -11.94 25.02
N ARG C 434 0.10 -11.65 26.31
CA ARG C 434 0.85 -12.38 27.33
C ARG C 434 0.56 -13.88 27.29
N SER C 435 -0.72 -14.26 27.24
CA SER C 435 -1.09 -15.67 27.20
C SER C 435 -0.59 -16.35 25.91
N GLN C 436 -0.57 -15.63 24.77
CA GLN C 436 -0.08 -16.22 23.52
C GLN C 436 1.44 -16.43 23.58
N LEU C 437 2.17 -15.47 24.15
CA LEU C 437 3.60 -15.67 24.37
C LEU C 437 3.88 -16.84 25.33
N GLU C 438 3.10 -16.95 26.41
CA GLU C 438 3.24 -18.09 27.32
C GLU C 438 2.96 -19.40 26.62
N ALA C 439 1.98 -19.40 25.70
CA ALA C 439 1.67 -20.61 24.96
C ALA C 439 2.81 -21.03 24.02
N VAL C 440 3.40 -20.05 23.31
CA VAL C 440 4.57 -20.36 22.48
C VAL C 440 5.68 -20.99 23.34
N PHE C 441 5.97 -20.36 24.50
CA PHE C 441 7.01 -20.92 25.35
C PHE C 441 6.68 -22.35 25.76
N LEU C 442 5.48 -22.59 26.25
CA LEU C 442 5.16 -23.95 26.73
C LEU C 442 5.16 -24.98 25.60
N ARG C 443 4.71 -24.62 24.41
CA ARG C 443 4.86 -25.53 23.26
C ARG C 443 6.33 -25.90 23.03
N ASP C 444 7.24 -24.90 23.03
CA ASP C 444 8.65 -25.21 22.79
C ASP C 444 9.24 -26.03 23.93
N TRP C 445 8.89 -25.67 25.17
CA TRP C 445 9.46 -26.31 26.36
C TRP C 445 9.12 -27.79 26.44
N GLU C 446 7.89 -28.16 26.07
CA GLU C 446 7.42 -29.55 26.13
C GLU C 446 7.70 -30.32 24.84
N SER C 447 8.28 -29.69 23.81
CA SER C 447 8.54 -30.33 22.52
C SER C 447 9.71 -31.32 22.62
N PRO C 448 9.80 -32.24 21.66
CA PRO C 448 10.98 -33.13 21.63
C PRO C 448 12.29 -32.43 21.28
N TYR C 449 12.28 -31.14 20.94
CA TYR C 449 13.49 -30.38 20.62
C TYR C 449 14.19 -29.78 21.84
N SER C 450 13.61 -29.98 23.02
CA SER C 450 14.10 -29.40 24.26
C SER C 450 14.69 -30.50 25.13
N HIS C 451 15.86 -30.26 25.74
CA HIS C 451 16.58 -31.35 26.39
C HIS C 451 17.21 -30.91 27.71
N ASP C 452 17.21 -31.82 28.69
CA ASP C 452 17.87 -31.49 29.95
C ASP C 452 19.38 -31.49 29.77
N LEU C 453 20.08 -30.86 30.73
CA LEU C 453 21.51 -30.66 30.63
C LEU C 453 22.30 -31.96 30.66
N ASP C 454 21.70 -33.08 31.07
CA ASP C 454 22.41 -34.35 31.12
C ASP C 454 22.14 -35.19 29.87
N THR C 455 21.45 -34.63 28.87
CA THR C 455 21.10 -35.38 27.67
C THR C 455 22.35 -35.74 26.87
N SER C 456 22.32 -36.91 26.25
CA SER C 456 23.43 -37.32 25.43
C SER C 456 23.49 -36.46 24.16
N ALA C 457 24.70 -36.14 23.74
CA ALA C 457 24.89 -35.24 22.57
C ALA C 457 24.50 -35.89 21.26
N ASN C 458 24.37 -37.21 21.23
CA ASN C 458 24.12 -37.93 19.95
C ASN C 458 22.63 -38.04 19.68
N SER C 459 21.80 -37.55 20.59
CA SER C 459 20.34 -37.76 20.44
C SER C 459 19.64 -36.46 20.07
N VAL C 460 20.38 -35.43 19.69
CA VAL C 460 19.76 -34.07 19.50
C VAL C 460 19.39 -33.74 18.05
N GLY C 461 20.00 -34.37 17.06
CA GLY C 461 19.63 -34.12 15.64
C GLY C 461 20.48 -33.01 15.05
N ASN C 462 21.47 -32.54 15.78
CA ASN C 462 22.32 -31.46 15.33
C ASN C 462 23.51 -31.40 16.28
N ALA C 463 24.56 -30.73 15.85
CA ALA C 463 25.70 -30.48 16.73
C ALA C 463 25.29 -29.54 17.86
N CYS C 464 25.75 -29.81 19.09
CA CYS C 464 25.47 -28.96 20.28
C CYS C 464 26.71 -28.96 21.19
N ARG C 465 27.33 -27.81 21.36
CA ARG C 465 28.58 -27.73 22.16
C ARG C 465 28.31 -28.00 23.64
N LEU C 466 27.14 -27.63 24.14
CA LEU C 466 26.85 -27.73 25.60
C LEU C 466 26.40 -29.13 26.03
N LEU C 467 26.38 -30.10 25.14
CA LEU C 467 26.03 -31.44 25.60
C LEU C 467 27.19 -32.42 25.33
N GLN D 51 48.44 11.15 55.53
CA GLN D 51 48.82 11.01 56.96
C GLN D 51 48.53 9.60 57.48
N ARG D 52 49.56 8.80 57.72
CA ARG D 52 49.35 7.46 58.33
C ARG D 52 49.37 7.60 59.85
N PRO D 53 48.69 6.74 60.62
CA PRO D 53 48.71 6.81 62.08
C PRO D 53 50.06 6.38 62.65
N ALA D 54 50.33 6.72 63.91
CA ALA D 54 51.64 6.42 64.49
C ALA D 54 51.90 4.91 64.43
N PRO D 55 53.10 4.50 64.08
CA PRO D 55 53.44 3.07 64.12
C PRO D 55 53.58 2.58 65.55
N CYS D 56 53.46 1.26 65.73
CA CYS D 56 53.51 0.61 67.03
C CYS D 56 54.84 -0.08 67.22
N TYR D 57 55.37 -0.01 68.44
CA TYR D 57 56.66 -0.60 68.77
C TYR D 57 56.57 -1.75 69.78
N ASP D 58 55.37 -2.17 70.15
CA ASP D 58 55.26 -3.31 71.07
C ASP D 58 55.77 -4.57 70.39
N PRO D 59 56.45 -5.47 71.11
CA PRO D 59 56.94 -6.70 70.46
C PRO D 59 55.84 -7.76 70.30
N CYS D 60 54.82 -7.42 69.50
CA CYS D 60 53.61 -8.25 69.34
C CYS D 60 53.98 -9.63 68.83
N GLU D 61 53.38 -10.68 69.42
CA GLU D 61 53.60 -11.97 68.78
C GLU D 61 52.30 -12.78 68.78
N ALA D 62 52.03 -13.43 67.64
CA ALA D 62 50.78 -14.15 67.40
C ALA D 62 51.00 -15.65 67.43
N VAL D 63 50.06 -16.37 68.07
CA VAL D 63 50.05 -17.83 68.14
C VAL D 63 48.68 -18.33 67.71
N LEU D 64 48.68 -19.22 66.73
CA LEU D 64 47.48 -19.96 66.39
C LEU D 64 47.16 -21.00 67.48
N VAL D 65 45.91 -21.02 67.93
CA VAL D 65 45.51 -21.91 69.03
C VAL D 65 44.30 -22.71 68.57
N GLU D 66 44.36 -24.02 68.78
CA GLU D 66 43.36 -24.95 68.29
C GLU D 66 42.76 -25.79 69.42
N SER D 67 41.50 -26.20 69.21
CA SER D 67 40.91 -27.31 69.95
C SER D 67 40.80 -28.46 68.97
N ILE D 68 41.44 -29.57 69.30
CA ILE D 68 41.41 -30.78 68.49
C ILE D 68 40.57 -31.81 69.25
N PRO D 69 39.41 -32.23 68.73
CA PRO D 69 38.52 -33.09 69.51
C PRO D 69 39.15 -34.43 69.86
N GLU D 70 38.79 -34.96 71.02
CA GLU D 70 39.32 -36.27 71.40
C GLU D 70 39.02 -37.31 70.32
N GLY D 71 40.06 -38.03 69.90
CA GLY D 71 39.96 -39.05 68.90
C GLY D 71 40.36 -38.60 67.51
N LEU D 72 40.21 -37.31 67.18
CA LEU D 72 40.53 -36.82 65.85
C LEU D 72 42.04 -36.85 65.66
N GLU D 73 42.53 -37.55 64.62
CA GLU D 73 43.97 -37.69 64.49
C GLU D 73 44.50 -37.30 63.11
N PHE D 74 45.71 -36.76 63.15
CA PHE D 74 46.43 -36.15 62.05
C PHE D 74 47.87 -36.64 62.01
N PRO D 75 48.47 -36.78 60.82
CA PRO D 75 49.83 -37.34 60.65
C PRO D 75 50.90 -36.64 61.49
N THR D 79 49.18 -30.91 64.55
CA THR D 79 50.25 -30.60 63.61
C THR D 79 51.43 -29.82 64.26
N SER D 80 51.14 -29.06 65.33
CA SER D 80 52.11 -28.48 66.28
C SER D 80 51.57 -27.27 67.04
N ASN D 81 50.15 -27.05 67.08
CA ASN D 81 49.72 -25.80 67.69
C ASN D 81 49.32 -25.98 69.16
N PRO D 82 49.48 -24.94 69.98
CA PRO D 82 48.96 -25.01 71.36
C PRO D 82 47.44 -25.14 71.40
N SER D 83 46.98 -25.76 72.47
CA SER D 83 45.56 -26.01 72.61
C SER D 83 44.90 -24.77 73.19
N THR D 84 43.60 -24.60 72.88
CA THR D 84 42.85 -23.46 73.42
C THR D 84 42.94 -23.43 74.95
N SER D 85 42.83 -24.60 75.57
CA SER D 85 42.87 -24.75 77.03
C SER D 85 44.19 -24.28 77.64
N GLN D 86 45.32 -24.76 77.10
CA GLN D 86 46.63 -24.36 77.62
C GLN D 86 46.84 -22.86 77.49
N ALA D 87 46.42 -22.27 76.35
CA ALA D 87 46.59 -20.83 76.15
C ALA D 87 45.71 -20.03 77.10
N TRP D 88 44.45 -20.45 77.29
CA TRP D 88 43.58 -19.72 78.21
C TRP D 88 44.10 -19.81 79.65
N LEU D 89 44.61 -20.97 80.03
CA LEU D 89 45.10 -21.11 81.41
C LEU D 89 46.36 -20.26 81.65
N GLY D 90 47.30 -20.25 80.69
CA GLY D 90 48.43 -19.35 80.80
C GLY D 90 48.01 -17.88 80.88
N LEU D 91 47.01 -17.47 80.06
CA LEU D 91 46.52 -16.09 80.13
C LEU D 91 45.97 -15.78 81.51
N LEU D 92 45.17 -16.70 82.06
CA LEU D 92 44.59 -16.46 83.37
C LEU D 92 45.65 -16.42 84.46
N ALA D 93 46.67 -17.29 84.37
CA ALA D 93 47.74 -17.34 85.38
C ALA D 93 48.58 -16.08 85.40
N GLY D 94 48.75 -15.43 84.25
CA GLY D 94 49.52 -14.22 84.12
C GLY D 94 48.77 -12.96 84.36
N ALA D 95 47.46 -13.04 84.58
CA ALA D 95 46.65 -11.83 84.67
C ALA D 95 46.93 -11.09 85.97
N HIS D 96 47.20 -9.79 85.88
CA HIS D 96 47.49 -8.99 87.07
CA HIS D 96 47.51 -8.97 87.04
C HIS D 96 46.63 -7.74 87.21
N SER D 97 45.96 -7.27 86.14
CA SER D 97 45.21 -6.02 86.28
C SER D 97 43.78 -6.04 85.72
N SER D 98 43.56 -6.66 84.57
CA SER D 98 42.23 -6.53 83.96
C SER D 98 41.94 -7.71 83.04
N LEU D 99 40.64 -8.04 82.93
CA LEU D 99 40.17 -9.05 81.96
C LEU D 99 38.80 -8.65 81.42
N ASP D 100 38.70 -8.55 80.10
CA ASP D 100 37.44 -8.30 79.39
C ASP D 100 37.13 -9.50 78.49
N ILE D 101 35.94 -10.06 78.62
CA ILE D 101 35.53 -11.21 77.83
C ILE D 101 34.26 -10.83 77.10
N ALA D 102 34.27 -10.97 75.77
CA ALA D 102 33.05 -10.95 74.97
C ALA D 102 32.65 -12.38 74.67
N SER D 103 31.37 -12.68 74.88
CA SER D 103 30.92 -14.07 74.87
C SER D 103 29.47 -14.23 74.44
N PHE D 104 29.17 -15.44 73.94
CA PHE D 104 27.88 -15.88 73.43
C PHE D 104 27.03 -16.56 74.50
N TYR D 105 27.57 -17.60 75.14
CA TYR D 105 26.91 -18.33 76.23
C TYR D 105 27.98 -18.94 77.13
N TRP D 106 27.54 -19.47 78.28
CA TRP D 106 28.48 -20.05 79.26
C TRP D 106 28.00 -21.43 79.75
N THR D 107 28.68 -22.49 79.35
CA THR D 107 28.47 -23.82 79.89
C THR D 107 29.84 -24.42 80.22
N LEU D 108 30.47 -23.94 81.29
CA LEU D 108 31.80 -24.44 81.58
C LEU D 108 31.81 -25.76 82.37
N THR D 109 30.68 -26.23 82.89
CA THR D 109 30.77 -27.37 83.82
C THR D 109 29.84 -28.54 83.47
N ASN D 110 30.13 -29.70 84.07
CA ASN D 110 29.29 -30.90 83.89
C ASN D 110 27.84 -30.61 84.31
N ASN D 111 27.66 -29.84 85.37
CA ASN D 111 26.32 -29.47 85.88
C ASN D 111 25.55 -28.63 84.84
N ASP D 112 26.23 -27.77 84.10
CA ASP D 112 25.56 -26.93 83.09
C ASP D 112 25.00 -27.80 81.96
N THR D 113 25.73 -28.85 81.58
CA THR D 113 25.34 -29.75 80.47
C THR D 113 24.63 -31.03 80.97
N HIS D 114 24.36 -31.12 82.29
CA HIS D 114 23.65 -32.28 82.89
C HIS D 114 24.42 -33.53 82.51
N THR D 115 25.73 -33.46 82.68
CA THR D 115 26.58 -34.57 82.21
C THR D 115 27.48 -35.05 83.34
N GLN D 116 28.17 -36.16 83.11
CA GLN D 116 29.16 -36.69 84.06
C GLN D 116 30.44 -37.08 83.30
N GLU D 117 30.89 -36.19 82.39
CA GLU D 117 32.00 -36.42 81.47
C GLU D 117 33.33 -36.04 82.13
N PRO D 118 34.34 -36.92 82.09
CA PRO D 118 35.66 -36.50 82.58
C PRO D 118 36.30 -35.46 81.68
N SER D 119 36.02 -35.50 80.38
CA SER D 119 36.54 -34.51 79.43
C SER D 119 36.10 -33.07 79.71
N ALA D 120 35.17 -32.83 80.65
CA ALA D 120 34.82 -31.48 81.07
C ALA D 120 35.83 -30.87 82.04
N GLN D 121 36.84 -31.62 82.48
CA GLN D 121 37.74 -31.14 83.52
C GLN D 121 38.39 -29.80 83.14
N GLN D 122 38.91 -29.71 81.92
CA GLN D 122 39.54 -28.46 81.50
C GLN D 122 38.59 -27.27 81.62
N GLY D 123 37.35 -27.42 81.13
CA GLY D 123 36.40 -26.34 81.27
C GLY D 123 36.17 -26.00 82.73
N GLU D 124 36.03 -27.04 83.57
CA GLU D 124 35.83 -26.76 85.00
C GLU D 124 37.04 -26.04 85.58
N GLU D 125 38.23 -26.48 85.21
CA GLU D 125 39.41 -25.78 85.70
C GLU D 125 39.40 -24.33 85.23
N VAL D 126 39.01 -24.10 83.96
CA VAL D 126 38.97 -22.72 83.47
C VAL D 126 38.05 -21.88 84.36
N LEU D 127 36.86 -22.41 84.67
CA LEU D 127 35.94 -21.63 85.49
C LEU D 127 36.56 -21.34 86.86
N GLN D 128 37.18 -22.35 87.47
CA GLN D 128 37.83 -22.15 88.75
C GLN D 128 38.88 -21.04 88.65
N GLN D 129 39.71 -21.07 87.60
CA GLN D 129 40.76 -20.05 87.53
C GLN D 129 40.20 -18.66 87.25
N LEU D 130 39.04 -18.59 86.57
CA LEU D 130 38.39 -17.31 86.39
C LEU D 130 37.91 -16.78 87.73
N GLN D 131 37.39 -17.69 88.56
CA GLN D 131 36.95 -17.30 89.90
C GLN D 131 38.10 -16.79 90.73
N ALA D 132 39.32 -17.17 90.38
CA ALA D 132 40.45 -16.72 91.17
C ALA D 132 40.84 -15.29 90.87
N LEU D 133 40.21 -14.68 89.84
CA LEU D 133 40.71 -13.43 89.28
C LEU D 133 40.36 -12.21 90.11
N ALA D 134 39.08 -11.98 90.34
CA ALA D 134 38.69 -10.80 91.11
C ALA D 134 39.29 -10.77 92.52
N PRO D 135 39.31 -11.86 93.30
CA PRO D 135 39.81 -11.75 94.69
C PRO D 135 41.29 -11.41 94.81
N ARG D 136 42.10 -11.51 93.76
CA ARG D 136 43.46 -11.01 93.83
C ARG D 136 43.62 -9.63 93.18
N GLY D 137 42.53 -8.95 92.83
CA GLY D 137 42.58 -7.58 92.40
C GLY D 137 42.40 -7.34 90.90
N VAL D 138 42.36 -8.39 90.08
CA VAL D 138 42.08 -8.20 88.65
C VAL D 138 40.61 -7.87 88.47
N LYS D 139 40.33 -6.73 87.85
CA LYS D 139 38.96 -6.36 87.52
C LYS D 139 38.51 -7.10 86.25
N VAL D 140 37.41 -7.86 86.39
CA VAL D 140 36.87 -8.73 85.37
C VAL D 140 35.60 -8.10 84.84
N ARG D 141 35.49 -7.99 83.52
CA ARG D 141 34.27 -7.51 82.86
C ARG D 141 33.84 -8.53 81.81
N ILE D 142 32.60 -9.01 81.94
CA ILE D 142 32.04 -10.07 81.12
C ILE D 142 30.84 -9.49 80.39
N ALA D 143 30.85 -9.58 79.05
CA ALA D 143 29.67 -9.27 78.24
C ALA D 143 29.15 -10.55 77.59
N VAL D 144 27.85 -10.80 77.75
CA VAL D 144 27.21 -12.01 77.20
C VAL D 144 25.87 -11.61 76.57
N SER D 145 25.41 -12.38 75.58
CA SER D 145 24.09 -12.13 74.99
C SER D 145 23.05 -12.60 76.00
N LYS D 146 21.94 -11.88 76.05
CA LYS D 146 20.87 -12.19 77.01
C LYS D 146 20.58 -13.69 77.02
N PRO D 147 20.66 -14.34 78.19
CA PRO D 147 20.30 -15.73 78.30
C PRO D 147 18.80 -15.93 78.48
N ASN D 148 18.28 -17.11 78.12
CA ASN D 148 16.83 -17.41 78.32
C ASN D 148 16.61 -17.82 79.79
N GLY D 149 17.61 -18.41 80.44
CA GLY D 149 17.52 -18.80 81.83
C GLY D 149 18.78 -18.40 82.56
N PRO D 150 18.74 -18.44 83.88
CA PRO D 150 19.93 -18.04 84.67
C PRO D 150 21.13 -18.92 84.35
N LEU D 151 22.33 -18.33 84.44
CA LEU D 151 23.58 -19.05 84.18
C LEU D 151 24.36 -19.25 85.48
N ALA D 152 24.67 -20.52 85.79
CA ALA D 152 25.44 -20.82 86.99
C ALA D 152 26.86 -20.26 86.92
N ASP D 153 27.53 -20.40 85.77
CA ASP D 153 28.91 -19.89 85.67
C ASP D 153 28.98 -18.43 86.06
N LEU D 154 28.07 -17.62 85.51
CA LEU D 154 28.12 -16.19 85.75
C LEU D 154 27.70 -15.82 87.17
N GLN D 155 26.76 -16.56 87.79
CA GLN D 155 26.41 -16.27 89.17
C GLN D 155 27.60 -16.52 90.09
N SER D 156 28.28 -17.64 89.87
CA SER D 156 29.49 -17.91 90.64
C SER D 156 30.59 -16.88 90.37
N LEU D 157 30.70 -16.39 89.12
CA LEU D 157 31.70 -15.36 88.81
C LEU D 157 31.35 -14.05 89.48
N LEU D 158 30.05 -13.73 89.54
CA LEU D 158 29.61 -12.54 90.26
C LEU D 158 29.96 -12.64 91.74
N GLN D 159 29.85 -13.84 92.34
CA GLN D 159 30.14 -13.95 93.76
C GLN D 159 31.63 -13.83 94.07
N SER D 160 32.51 -14.14 93.12
CA SER D 160 33.94 -13.96 93.29
C SER D 160 34.40 -12.52 93.13
N GLY D 161 33.52 -11.62 92.68
CA GLY D 161 33.86 -10.21 92.53
C GLY D 161 33.90 -9.68 91.10
N ALA D 162 33.58 -10.48 90.09
CA ALA D 162 33.56 -10.02 88.71
C ALA D 162 32.28 -9.26 88.40
N GLN D 163 32.34 -8.42 87.37
CA GLN D 163 31.17 -7.72 86.87
C GLN D 163 30.66 -8.43 85.62
N VAL D 164 29.33 -8.53 85.50
CA VAL D 164 28.69 -9.22 84.38
C VAL D 164 27.56 -8.34 83.86
N ARG D 165 27.52 -8.13 82.56
CA ARG D 165 26.45 -7.39 81.93
C ARG D 165 25.99 -8.15 80.70
N MET D 166 24.70 -8.08 80.42
CA MET D 166 24.12 -8.85 79.33
C MET D 166 23.55 -7.91 78.26
N VAL D 167 23.94 -8.16 77.02
CA VAL D 167 23.49 -7.30 75.90
C VAL D 167 22.30 -7.95 75.19
N ASP D 168 21.19 -7.24 75.10
CA ASP D 168 20.00 -7.73 74.38
C ASP D 168 20.11 -7.22 72.95
N MET D 169 20.85 -7.93 72.12
CA MET D 169 21.07 -7.51 70.71
C MET D 169 19.78 -7.77 69.93
N GLN D 170 19.01 -8.82 70.27
CA GLN D 170 17.67 -9.02 69.67
C GLN D 170 16.83 -7.74 69.76
N LYS D 171 16.80 -7.03 70.90
CA LYS D 171 16.08 -5.76 70.98
C LYS D 171 16.79 -4.67 70.17
N LEU D 172 18.12 -4.66 70.21
CA LEU D 172 18.89 -3.56 69.61
C LEU D 172 18.92 -3.64 68.09
N THR D 173 19.17 -4.83 67.53
CA THR D 173 19.37 -4.99 66.08
C THR D 173 18.70 -6.23 65.50
N HIS D 174 17.92 -6.98 66.28
CA HIS D 174 17.39 -8.29 65.89
C HIS D 174 18.50 -9.32 65.70
N GLY D 175 19.63 -9.16 66.39
CA GLY D 175 20.65 -10.19 66.35
C GLY D 175 21.05 -10.65 67.73
N VAL D 176 22.19 -11.33 67.83
CA VAL D 176 22.72 -11.78 69.11
C VAL D 176 24.14 -11.27 69.25
N LEU D 177 24.67 -11.35 70.49
CA LEU D 177 26.08 -11.04 70.76
C LEU D 177 26.87 -12.33 70.59
N HIS D 178 27.37 -12.55 69.36
CA HIS D 178 28.02 -13.79 68.97
C HIS D 178 29.54 -13.79 69.16
N THR D 179 30.12 -12.60 69.38
CA THR D 179 31.56 -12.41 69.45
C THR D 179 32.21 -13.21 70.59
N LYS D 180 33.36 -13.82 70.30
CA LYS D 180 34.19 -14.42 71.34
C LYS D 180 35.58 -13.79 71.31
N PHE D 181 35.91 -13.00 72.34
CA PHE D 181 37.31 -12.63 72.52
C PHE D 181 37.64 -12.31 73.98
N TRP D 182 38.93 -12.34 74.29
CA TRP D 182 39.47 -12.00 75.60
C TRP D 182 40.51 -10.90 75.46
N VAL D 183 40.42 -9.87 76.31
CA VAL D 183 41.47 -8.86 76.41
C VAL D 183 42.04 -8.89 77.82
N VAL D 184 43.35 -9.13 77.92
CA VAL D 184 44.01 -9.38 79.20
C VAL D 184 45.04 -8.29 79.43
N ASP D 185 44.87 -7.52 80.54
CA ASP D 185 45.83 -6.51 80.99
C ASP D 185 46.11 -5.44 79.92
N GLN D 186 45.14 -5.18 79.03
CA GLN D 186 45.31 -4.24 77.92
C GLN D 186 46.57 -4.56 77.12
N THR D 187 46.98 -5.82 77.12
CA THR D 187 48.23 -6.20 76.52
C THR D 187 48.15 -7.41 75.62
N HIS D 188 47.38 -8.44 76.00
CA HIS D 188 47.19 -9.67 75.23
C HIS D 188 45.71 -9.81 74.83
N PHE D 189 45.46 -10.57 73.77
CA PHE D 189 44.07 -10.90 73.50
C PHE D 189 43.95 -12.25 72.79
N TYR D 190 42.82 -12.90 73.04
CA TYR D 190 42.39 -14.07 72.29
C TYR D 190 41.23 -13.66 71.39
N LEU D 191 41.23 -14.16 70.15
CA LEU D 191 40.09 -13.97 69.25
C LEU D 191 39.92 -15.22 68.42
N GLY D 192 38.71 -15.76 68.38
CA GLY D 192 38.53 -17.01 67.66
C GLY D 192 37.13 -17.57 67.81
N SER D 193 37.02 -18.85 67.52
CA SER D 193 35.72 -19.49 67.49
C SER D 193 35.30 -20.15 68.80
N ALA D 194 36.21 -20.28 69.79
CA ALA D 194 35.91 -21.06 71.02
C ALA D 194 34.98 -20.27 71.96
N ASN D 195 33.84 -20.88 72.33
CA ASN D 195 32.88 -20.32 73.27
C ASN D 195 33.29 -20.64 74.73
N MET D 196 32.58 -20.05 75.70
CA MET D 196 32.83 -20.34 77.14
C MET D 196 32.12 -21.64 77.53
N ASP D 197 32.71 -22.74 77.07
CA ASP D 197 32.04 -24.02 77.00
C ASP D 197 33.10 -25.09 77.15
N TRP D 198 32.92 -26.03 78.08
CA TRP D 198 33.93 -27.07 78.24
C TRP D 198 34.03 -27.91 76.99
N ARG D 199 32.94 -28.04 76.23
CA ARG D 199 32.97 -28.78 74.95
C ARG D 199 33.94 -28.12 73.97
N SER D 200 34.01 -26.80 73.98
CA SER D 200 34.94 -26.06 73.12
C SER D 200 36.40 -26.37 73.41
N LEU D 201 36.70 -27.00 74.56
CA LEU D 201 38.07 -27.41 74.82
C LEU D 201 38.35 -28.84 74.35
N THR D 202 37.39 -29.79 74.48
CA THR D 202 37.75 -31.20 74.27
C THR D 202 36.86 -31.95 73.28
N GLN D 203 35.68 -31.44 72.94
CA GLN D 203 34.74 -32.22 72.15
C GLN D 203 34.33 -31.58 70.82
N VAL D 204 34.81 -30.39 70.49
CA VAL D 204 34.55 -29.77 69.20
C VAL D 204 35.86 -29.16 68.72
N LYS D 205 35.98 -29.00 67.42
CA LYS D 205 37.21 -28.45 66.85
C LYS D 205 37.13 -26.92 66.78
N GLU D 206 38.19 -26.23 67.24
CA GLU D 206 38.18 -24.77 67.34
C GLU D 206 39.46 -24.18 66.77
N LEU D 207 39.36 -22.95 66.22
CA LEU D 207 40.54 -22.20 65.82
C LEU D 207 40.43 -20.73 66.23
N GLY D 208 41.53 -20.22 66.77
CA GLY D 208 41.67 -18.82 67.11
C GLY D 208 43.13 -18.39 67.15
N VAL D 209 43.34 -17.16 67.61
CA VAL D 209 44.66 -16.60 67.72
C VAL D 209 44.82 -15.91 69.08
N VAL D 210 45.98 -16.07 69.69
CA VAL D 210 46.34 -15.24 70.83
C VAL D 210 47.42 -14.27 70.36
N MET D 211 47.22 -13.00 70.64
CA MET D 211 48.20 -11.94 70.37
C MET D 211 48.81 -11.53 71.71
N TYR D 212 50.09 -11.79 71.89
CA TYR D 212 50.81 -11.46 73.12
C TYR D 212 51.60 -10.16 72.99
N ASN D 213 51.69 -9.41 74.10
CA ASN D 213 52.63 -8.29 74.23
C ASN D 213 52.39 -7.21 73.17
N CYS D 214 51.12 -6.94 72.86
CA CYS D 214 50.80 -6.07 71.75
C CYS D 214 49.79 -5.05 72.25
N SER D 215 50.26 -4.11 73.06
CA SER D 215 49.33 -3.26 73.80
C SER D 215 48.52 -2.37 72.86
N CYS D 216 49.14 -1.87 71.77
CA CYS D 216 48.42 -0.99 70.82
C CYS D 216 47.15 -1.66 70.31
N LEU D 217 47.31 -2.85 69.75
CA LEU D 217 46.19 -3.61 69.19
C LEU D 217 45.19 -4.05 70.28
N ALA D 218 45.67 -4.41 71.47
CA ALA D 218 44.75 -4.85 72.52
C ALA D 218 43.83 -3.72 72.95
N ARG D 219 44.37 -2.49 73.09
CA ARG D 219 43.52 -1.34 73.41
C ARG D 219 42.54 -1.02 72.26
N ASP D 220 42.97 -1.29 71.03
CA ASP D 220 42.06 -1.09 69.91
C ASP D 220 40.87 -2.04 69.99
N LEU D 221 41.12 -3.30 70.37
CA LEU D 221 40.04 -4.28 70.66
C LEU D 221 39.16 -3.85 71.85
N THR D 222 39.77 -3.27 72.89
CA THR D 222 38.96 -2.84 74.02
C THR D 222 37.92 -1.82 73.61
N LYS D 223 38.21 -1.01 72.59
CA LYS D 223 37.17 -0.07 72.12
C LYS D 223 35.89 -0.81 71.65
N ILE D 224 36.07 -1.92 70.96
CA ILE D 224 34.93 -2.76 70.58
C ILE D 224 34.22 -3.31 71.83
N PHE D 225 35.02 -3.85 72.76
CA PHE D 225 34.43 -4.35 73.98
C PHE D 225 33.65 -3.27 74.70
N GLU D 226 34.12 -2.03 74.63
CA GLU D 226 33.45 -0.92 75.30
C GLU D 226 32.09 -0.66 74.67
N ALA D 227 31.98 -0.85 73.36
CA ALA D 227 30.65 -0.75 72.76
C ALA D 227 29.70 -1.77 73.39
N TYR D 228 30.16 -3.03 73.52
CA TYR D 228 29.29 -4.04 74.16
C TYR D 228 28.96 -3.67 75.61
N TRP D 229 29.97 -3.23 76.37
CA TRP D 229 29.77 -2.92 77.79
C TRP D 229 28.79 -1.77 77.95
N PHE D 230 28.90 -0.76 77.10
CA PHE D 230 27.94 0.34 77.13
C PHE D 230 26.53 -0.16 76.85
N LEU D 231 26.39 -1.09 75.91
CA LEU D 231 25.02 -1.53 75.53
C LEU D 231 24.49 -2.55 76.54
N GLY D 232 25.34 -3.00 77.45
CA GLY D 232 24.89 -3.94 78.50
C GLY D 232 24.20 -3.21 79.65
N GLN D 233 24.39 -1.90 79.73
CA GLN D 233 23.72 -1.09 80.76
C GLN D 233 22.25 -1.02 80.39
N ALA D 234 21.38 -1.43 81.32
CA ALA D 234 19.93 -1.39 81.05
C ALA D 234 19.51 0.04 80.74
N GLY D 235 18.68 0.23 79.72
CA GLY D 235 18.21 1.57 79.32
C GLY D 235 19.08 2.15 78.21
N SER D 236 20.20 1.50 77.91
CA SER D 236 21.15 2.02 76.90
C SER D 236 20.57 1.91 75.50
N SER D 237 20.89 2.89 74.67
CA SER D 237 20.48 2.86 73.27
C SER D 237 21.71 3.15 72.42
N ILE D 238 21.71 2.58 71.22
CA ILE D 238 22.80 2.81 70.26
C ILE D 238 22.75 4.28 69.84
N PRO D 239 23.84 5.03 70.01
CA PRO D 239 23.87 6.41 69.53
C PRO D 239 23.86 6.51 68.02
N SER D 240 23.32 7.61 67.51
CA SER D 240 23.39 7.88 66.08
C SER D 240 24.83 7.97 65.60
N THR D 241 25.67 8.65 66.38
CA THR D 241 27.12 8.67 66.19
C THR D 241 27.79 8.46 67.54
N TRP D 242 28.74 7.53 67.57
CA TRP D 242 29.38 7.18 68.84
C TRP D 242 30.29 8.32 69.31
N PRO D 243 30.49 8.43 70.62
CA PRO D 243 31.54 9.33 71.14
C PRO D 243 32.91 8.97 70.59
N ARG D 244 33.76 9.99 70.43
CA ARG D 244 35.04 9.83 69.75
C ARG D 244 36.01 8.90 70.47
N SER D 245 35.83 8.67 71.78
CA SER D 245 36.72 7.73 72.47
C SER D 245 36.57 6.31 71.91
N PHE D 246 35.43 6.01 71.28
CA PHE D 246 35.19 4.71 70.67
C PHE D 246 35.82 4.59 69.28
N ASP D 247 36.36 5.69 68.73
CA ASP D 247 36.85 5.74 67.36
C ASP D 247 38.27 5.17 67.25
N THR D 248 38.64 4.78 66.03
CA THR D 248 39.96 4.24 65.75
C THR D 248 40.49 4.85 64.47
N ARG D 249 41.82 4.90 64.38
CA ARG D 249 42.50 5.35 63.18
C ARG D 249 43.01 4.18 62.38
N TYR D 250 42.85 2.96 62.86
CA TYR D 250 43.44 1.79 62.22
C TYR D 250 42.33 1.04 61.53
N ASN D 251 42.46 0.87 60.22
CA ASN D 251 41.38 0.33 59.42
C ASN D 251 41.96 -0.20 58.11
N GLN D 252 41.07 -0.58 57.18
CA GLN D 252 41.48 -1.05 55.86
C GLN D 252 42.38 -0.03 55.14
N GLU D 253 42.05 1.26 55.26
CA GLU D 253 42.81 2.28 54.51
C GLU D 253 44.19 2.52 55.12
N THR D 254 44.27 2.64 56.45
CA THR D 254 45.53 2.86 57.18
C THR D 254 45.63 1.87 58.35
N PRO D 255 46.18 0.68 58.12
CA PRO D 255 46.28 -0.32 59.19
C PRO D 255 47.37 0.02 60.19
N MET D 256 47.28 -0.63 61.33
CA MET D 256 48.34 -0.46 62.32
C MET D 256 49.62 -1.11 61.83
N GLU D 257 50.70 -0.34 61.89
CA GLU D 257 52.03 -0.83 61.56
C GLU D 257 52.63 -1.39 62.85
N ILE D 258 52.77 -2.71 62.93
CA ILE D 258 53.24 -3.37 64.14
C ILE D 258 54.47 -4.18 63.80
N CYS D 259 55.20 -4.55 64.86
CA CYS D 259 56.25 -5.57 64.77
C CYS D 259 55.63 -6.91 65.17
N LEU D 260 55.63 -7.88 64.26
CA LEU D 260 55.04 -9.19 64.49
C LEU D 260 56.12 -10.24 64.27
N ASN D 261 56.45 -10.98 65.34
CA ASN D 261 57.51 -11.99 65.29
C ASN D 261 58.79 -11.42 64.70
N GLY D 262 59.11 -10.20 65.11
CA GLY D 262 60.34 -9.56 64.71
C GLY D 262 60.39 -8.94 63.32
N THR D 263 59.25 -8.81 62.62
CA THR D 263 59.25 -8.20 61.29
C THR D 263 58.03 -7.30 61.15
N PRO D 264 58.14 -6.20 60.38
CA PRO D 264 56.98 -5.33 60.17
C PRO D 264 55.78 -6.08 59.59
N ALA D 265 54.60 -5.63 60.00
CA ALA D 265 53.35 -6.18 59.51
C ALA D 265 52.28 -5.10 59.57
N LEU D 266 51.18 -5.34 58.86
CA LEU D 266 50.01 -4.49 58.92
C LEU D 266 48.84 -5.27 59.53
N ALA D 267 48.15 -4.65 60.50
CA ALA D 267 47.09 -5.34 61.24
C ALA D 267 45.94 -4.40 61.52
N TYR D 268 44.71 -4.90 61.42
CA TYR D 268 43.59 -4.12 61.96
C TYR D 268 42.45 -5.05 62.35
N LEU D 269 41.48 -4.49 63.04
CA LEU D 269 40.36 -5.24 63.57
C LEU D 269 39.04 -4.70 63.02
N ALA D 270 38.23 -5.57 62.46
CA ALA D 270 36.93 -5.21 61.92
C ALA D 270 35.81 -5.68 62.84
N SER D 271 34.65 -5.06 62.69
CA SER D 271 33.57 -5.14 63.66
C SER D 271 32.21 -5.21 62.94
N ALA D 272 31.27 -5.93 63.54
CA ALA D 272 29.87 -6.00 63.05
C ALA D 272 28.91 -6.02 64.23
N PRO D 273 27.68 -5.52 64.05
CA PRO D 273 27.06 -4.96 62.84
C PRO D 273 27.34 -3.44 62.66
N PRO D 274 26.99 -2.89 61.48
CA PRO D 274 27.34 -1.47 61.17
C PRO D 274 26.86 -0.47 62.22
N PRO D 275 25.69 -0.63 62.86
CA PRO D 275 25.30 0.36 63.89
C PRO D 275 26.23 0.38 65.12
N LEU D 276 27.00 -0.69 65.34
CA LEU D 276 28.00 -0.69 66.39
C LEU D 276 29.37 -0.22 65.91
N CYS D 277 29.48 0.21 64.64
CA CYS D 277 30.75 0.64 64.08
C CYS D 277 30.92 2.15 64.22
N PRO D 278 31.91 2.64 65.00
CA PRO D 278 32.22 4.08 64.95
C PRO D 278 32.89 4.45 63.62
N SER D 279 33.18 5.74 63.41
CA SER D 279 33.41 6.26 62.06
C SER D 279 34.62 5.61 61.38
N GLY D 280 35.74 5.50 62.07
CA GLY D 280 36.93 4.98 61.46
C GLY D 280 37.12 3.48 61.55
N ARG D 281 36.12 2.76 62.05
CA ARG D 281 36.16 1.31 62.19
C ARG D 281 35.66 0.67 60.88
N THR D 282 36.49 -0.19 60.30
CA THR D 282 36.07 -0.94 59.11
C THR D 282 35.00 -1.98 59.46
N PRO D 283 33.90 -2.05 58.69
CA PRO D 283 32.95 -3.17 58.84
C PRO D 283 33.57 -4.51 58.46
N ASP D 284 33.16 -5.55 59.21
CA ASP D 284 33.66 -6.90 58.99
C ASP D 284 33.45 -7.33 57.54
N LEU D 285 32.25 -7.07 57.00
CA LEU D 285 31.98 -7.49 55.63
C LEU D 285 32.93 -6.82 54.62
N LYS D 286 33.17 -5.53 54.81
CA LYS D 286 34.10 -4.82 53.93
C LYS D 286 35.52 -5.39 54.04
N ALA D 287 35.99 -5.66 55.28
CA ALA D 287 37.33 -6.25 55.42
C ALA D 287 37.41 -7.61 54.71
N LEU D 288 36.40 -8.48 54.91
CA LEU D 288 36.40 -9.82 54.33
C LEU D 288 36.39 -9.74 52.80
N LEU D 289 35.52 -8.89 52.25
CA LEU D 289 35.44 -8.76 50.79
C LEU D 289 36.72 -8.14 50.21
N ASN D 290 37.39 -7.25 50.97
CA ASN D 290 38.67 -6.72 50.48
C ASN D 290 39.71 -7.83 50.37
N VAL D 291 39.71 -8.76 51.33
CA VAL D 291 40.63 -9.89 51.21
C VAL D 291 40.28 -10.73 49.97
N VAL D 292 38.99 -11.01 49.75
CA VAL D 292 38.59 -11.79 48.59
C VAL D 292 38.99 -11.05 47.29
N ASP D 293 38.72 -9.76 47.23
CA ASP D 293 38.96 -9.00 45.99
C ASP D 293 40.44 -8.73 45.73
N SER D 294 41.29 -8.78 46.77
CA SER D 294 42.71 -8.57 46.59
C SER D 294 43.46 -9.86 46.27
N ALA D 295 42.83 -11.03 46.38
CA ALA D 295 43.54 -12.29 46.16
C ALA D 295 43.88 -12.44 44.69
N ARG D 296 45.06 -13.01 44.42
CA ARG D 296 45.50 -13.17 43.04
C ARG D 296 45.85 -14.60 42.68
N SER D 297 46.03 -15.48 43.67
CA SER D 297 46.33 -16.89 43.42
C SER D 297 45.30 -17.86 43.99
N PHE D 298 44.98 -17.77 45.31
CA PHE D 298 44.01 -18.71 45.88
C PHE D 298 43.22 -18.09 47.05
N ILE D 299 42.08 -18.69 47.33
CA ILE D 299 41.23 -18.33 48.46
C ILE D 299 40.83 -19.62 49.17
N TYR D 300 41.35 -19.84 50.39
CA TYR D 300 41.00 -21.00 51.21
C TYR D 300 40.10 -20.53 52.33
N ILE D 301 38.94 -21.18 52.48
CA ILE D 301 37.98 -20.76 53.49
C ILE D 301 37.55 -21.97 54.29
N ALA D 302 37.65 -21.89 55.62
CA ALA D 302 37.09 -22.91 56.51
C ALA D 302 36.09 -22.23 57.44
N VAL D 303 34.79 -22.58 57.30
CA VAL D 303 33.74 -22.00 58.13
C VAL D 303 32.73 -23.09 58.44
N MET D 304 32.18 -23.04 59.65
CA MET D 304 31.20 -24.03 60.09
C MET D 304 29.93 -24.00 59.22
N ASN D 305 29.35 -22.81 59.02
CA ASN D 305 28.21 -22.64 58.12
C ASN D 305 28.50 -21.55 57.10
N TYR D 306 27.97 -21.75 55.87
CA TYR D 306 28.04 -20.80 54.77
C TYR D 306 26.70 -20.81 54.06
N LEU D 307 26.11 -19.62 53.90
CA LEU D 307 24.82 -19.59 53.22
C LEU D 307 24.54 -18.18 52.67
N PRO D 308 24.31 -18.05 51.31
CA PRO D 308 24.04 -16.75 50.69
C PRO D 308 22.61 -16.24 50.91
N THR D 309 22.20 -16.19 52.17
CA THR D 309 20.87 -15.77 52.56
C THR D 309 20.96 -15.03 53.91
N MET D 310 19.84 -14.45 54.35
CA MET D 310 19.76 -14.07 55.76
C MET D 310 19.27 -15.21 56.67
N PRO D 315 11.42 -12.28 57.18
CA PRO D 315 11.19 -12.41 55.72
C PRO D 315 12.46 -12.84 54.97
N ARG D 316 12.39 -13.94 54.21
CA ARG D 316 13.60 -14.49 53.60
C ARG D 316 14.25 -13.52 52.62
N ARG D 317 15.57 -13.38 52.70
CA ARG D 317 16.29 -12.51 51.78
C ARG D 317 17.46 -13.28 51.19
N PHE D 318 17.65 -13.08 49.89
CA PHE D 318 18.82 -13.59 49.20
C PHE D 318 19.96 -12.61 49.39
N TRP D 319 21.16 -13.12 49.64
CA TRP D 319 22.28 -12.27 50.08
C TRP D 319 23.57 -12.77 49.43
N PRO D 320 23.92 -12.27 48.23
CA PRO D 320 25.06 -12.83 47.46
C PRO D 320 26.40 -12.09 47.58
N ALA D 321 26.58 -11.15 48.51
CA ALA D 321 27.81 -10.33 48.56
C ALA D 321 29.10 -11.18 48.55
N ILE D 322 29.17 -12.17 49.45
CA ILE D 322 30.35 -13.02 49.49
C ILE D 322 30.38 -13.97 48.32
N ASP D 323 29.23 -14.59 48.03
CA ASP D 323 29.13 -15.59 46.96
C ASP D 323 29.54 -14.99 45.61
N ASP D 324 29.09 -13.76 45.34
CA ASP D 324 29.51 -13.06 44.11
C ASP D 324 30.97 -12.64 44.17
N GLY D 325 31.50 -12.25 45.35
CA GLY D 325 32.94 -12.03 45.43
C GLY D 325 33.75 -13.25 45.01
N LEU D 326 33.35 -14.43 45.46
CA LEU D 326 34.07 -15.65 45.09
C LEU D 326 33.94 -15.96 43.60
N ARG D 327 32.73 -15.80 43.05
CA ARG D 327 32.54 -16.02 41.63
C ARG D 327 33.44 -15.08 40.82
N ARG D 328 33.48 -13.80 41.24
CA ARG D 328 34.34 -12.82 40.57
C ARG D 328 35.78 -13.24 40.59
N ALA D 329 36.27 -13.57 41.79
CA ALA D 329 37.68 -13.92 41.97
C ALA D 329 38.05 -15.04 41.01
N ALA D 330 37.19 -16.07 40.95
CA ALA D 330 37.53 -17.26 40.19
C ALA D 330 37.49 -17.01 38.66
N TYR D 331 36.48 -16.27 38.18
CA TYR D 331 36.32 -16.05 36.74
C TYR D 331 37.24 -14.96 36.19
N GLU D 332 37.31 -13.82 36.85
CA GLU D 332 38.12 -12.70 36.34
C GLU D 332 39.59 -12.88 36.61
N ARG D 333 39.98 -13.55 37.71
CA ARG D 333 41.40 -13.58 38.03
C ARG D 333 42.02 -14.97 38.04
N GLY D 334 41.26 -16.01 37.75
CA GLY D 334 41.77 -17.37 37.82
C GLY D 334 42.20 -17.78 39.20
N VAL D 335 41.59 -17.23 40.25
CA VAL D 335 41.98 -17.57 41.62
C VAL D 335 41.40 -18.94 42.01
N LYS D 336 42.24 -19.75 42.66
CA LYS D 336 41.89 -21.06 43.18
C LYS D 336 41.03 -20.88 44.44
N VAL D 337 39.78 -21.34 44.42
CA VAL D 337 38.93 -21.21 45.60
C VAL D 337 38.68 -22.57 46.23
N ARG D 338 38.96 -22.68 47.53
CA ARG D 338 38.67 -23.90 48.28
C ARG D 338 37.78 -23.55 49.47
N LEU D 339 36.62 -24.20 49.55
CA LEU D 339 35.62 -23.90 50.55
C LEU D 339 35.38 -25.18 51.34
N LEU D 340 35.67 -25.14 52.66
CA LEU D 340 35.57 -26.30 53.56
C LEU D 340 34.51 -26.03 54.63
N ILE D 341 33.36 -26.69 54.50
CA ILE D 341 32.19 -26.44 55.33
C ILE D 341 32.00 -27.59 56.30
N SER D 342 31.65 -27.27 57.53
CA SER D 342 31.36 -28.31 58.50
C SER D 342 29.97 -28.88 58.30
N CYS D 343 29.79 -30.12 58.71
CA CYS D 343 28.51 -30.79 58.62
C CYS D 343 28.32 -31.68 59.85
N TRP D 344 27.19 -31.52 60.52
CA TRP D 344 26.80 -32.47 61.55
C TRP D 344 25.30 -32.65 61.44
N GLY D 345 24.75 -33.33 62.45
CA GLY D 345 23.33 -33.60 62.48
C GLY D 345 22.46 -32.37 62.64
N HIS D 346 23.05 -31.22 62.98
CA HIS D 346 22.27 -29.99 63.10
C HIS D 346 22.48 -29.00 61.93
N SER D 347 23.20 -29.36 60.89
CA SER D 347 23.43 -28.39 59.79
C SER D 347 22.13 -28.08 59.01
N ASP D 348 22.01 -26.83 58.56
CA ASP D 348 20.89 -26.44 57.75
C ASP D 348 20.94 -27.13 56.38
N PRO D 349 19.97 -28.00 56.02
CA PRO D 349 20.00 -28.71 54.74
C PRO D 349 19.97 -27.80 53.49
N SER D 350 19.52 -26.57 53.63
CA SER D 350 19.45 -25.61 52.50
C SER D 350 20.84 -25.27 51.97
N MET D 351 21.88 -25.48 52.78
CA MET D 351 23.28 -25.17 52.39
C MET D 351 23.71 -26.01 51.19
N ARG D 352 23.15 -27.21 51.03
CA ARG D 352 23.61 -28.12 49.95
C ARG D 352 23.43 -27.50 48.57
N SER D 353 22.23 -27.02 48.27
CA SER D 353 21.90 -26.45 46.94
C SER D 353 22.92 -25.35 46.60
N PHE D 354 23.02 -24.39 47.48
CA PHE D 354 23.92 -23.27 47.20
C PHE D 354 25.37 -23.76 47.02
N LEU D 355 25.81 -24.73 47.85
CA LEU D 355 27.19 -25.22 47.70
C LEU D 355 27.37 -25.98 46.38
N LEU D 356 26.37 -26.77 46.00
CA LEU D 356 26.42 -27.39 44.68
C LEU D 356 26.51 -26.32 43.58
N SER D 357 25.82 -25.20 43.78
CA SER D 357 25.84 -24.13 42.78
C SER D 357 27.25 -23.60 42.57
N LEU D 358 27.99 -23.38 43.68
CA LEU D 358 29.34 -22.85 43.56
C LEU D 358 30.23 -23.87 42.91
N ALA D 359 30.03 -25.13 43.28
CA ALA D 359 30.92 -26.16 42.76
C ALA D 359 30.67 -26.37 41.29
N ALA D 360 29.52 -25.90 40.79
CA ALA D 360 29.27 -26.04 39.37
C ALA D 360 30.22 -25.20 38.52
N LEU D 361 30.88 -24.21 39.11
CA LEU D 361 31.67 -23.30 38.30
C LEU D 361 33.02 -23.86 37.89
N HIS D 362 33.42 -25.01 38.43
CA HIS D 362 34.71 -25.63 38.14
C HIS D 362 34.70 -26.20 36.72
N ASP D 363 35.48 -25.61 35.82
CA ASP D 363 35.22 -25.78 34.39
C ASP D 363 36.50 -25.48 33.60
N ASN D 364 36.86 -26.39 32.67
CA ASN D 364 38.04 -26.19 31.84
C ASN D 364 37.82 -25.28 30.63
N HIS D 365 36.65 -24.67 30.48
CA HIS D 365 36.42 -23.66 29.46
C HIS D 365 36.52 -22.24 30.02
N THR D 366 35.84 -21.97 31.14
CA THR D 366 36.07 -20.72 31.86
C THR D 366 37.43 -20.70 32.56
N HIS D 367 38.02 -21.88 32.80
CA HIS D 367 39.21 -22.02 33.63
C HIS D 367 38.98 -21.51 35.05
N SER D 368 37.72 -21.53 35.48
CA SER D 368 37.40 -21.33 36.89
C SER D 368 37.58 -22.63 37.67
N ASP D 369 38.01 -22.50 38.91
CA ASP D 369 38.20 -23.68 39.74
C ASP D 369 37.68 -23.37 41.13
N ILE D 370 36.44 -23.79 41.38
CA ILE D 370 35.79 -23.68 42.67
C ILE D 370 35.65 -25.10 43.18
N GLN D 371 36.05 -25.35 44.43
CA GLN D 371 35.92 -26.68 45.03
C GLN D 371 35.37 -26.58 46.45
N VAL D 372 34.48 -27.52 46.79
CA VAL D 372 33.80 -27.57 48.07
C VAL D 372 33.97 -28.96 48.68
N LYS D 373 34.36 -29.01 49.94
CA LYS D 373 34.34 -30.22 50.76
C LYS D 373 33.60 -29.98 52.07
N LEU D 374 33.10 -31.07 52.67
CA LEU D 374 32.48 -31.05 53.99
C LEU D 374 33.42 -31.69 55.02
N PHE D 375 33.56 -31.06 56.17
CA PHE D 375 34.38 -31.57 57.27
C PHE D 375 33.45 -32.19 58.33
N VAL D 376 33.58 -33.49 58.58
CA VAL D 376 32.71 -34.19 59.53
C VAL D 376 33.57 -34.78 60.66
N VAL D 377 33.23 -34.47 61.91
CA VAL D 377 33.96 -35.00 63.07
C VAL D 377 33.37 -36.35 63.42
N PRO D 378 34.14 -37.45 63.33
CA PRO D 378 33.59 -38.76 63.74
C PRO D 378 33.27 -38.77 65.23
N THR D 379 32.25 -39.54 65.59
CA THR D 379 31.86 -39.71 66.97
C THR D 379 31.75 -41.21 67.28
N ASP D 380 32.33 -41.65 68.41
CA ASP D 380 32.14 -43.04 68.81
C ASP D 380 30.94 -43.16 69.72
N GLU D 381 30.66 -44.39 70.16
CA GLU D 381 29.41 -44.68 70.86
C GLU D 381 29.30 -43.89 72.15
N SER D 382 30.39 -43.75 72.90
CA SER D 382 30.30 -42.97 74.12
C SER D 382 30.18 -41.48 73.82
N GLN D 383 30.91 -41.00 72.81
CA GLN D 383 30.87 -39.57 72.48
C GLN D 383 29.48 -39.13 72.05
N ALA D 384 28.69 -40.03 71.47
CA ALA D 384 27.36 -39.63 70.99
C ALA D 384 26.43 -39.18 72.11
N ARG D 385 26.77 -39.48 73.37
CA ARG D 385 25.94 -39.05 74.50
C ARG D 385 26.19 -37.59 74.94
N ILE D 386 27.29 -36.97 74.54
CA ILE D 386 27.49 -35.56 74.90
C ILE D 386 26.58 -34.68 74.04
N PRO D 387 25.78 -33.82 74.63
CA PRO D 387 24.88 -32.97 73.83
C PRO D 387 25.65 -31.92 73.05
N TYR D 388 25.22 -31.70 71.80
CA TYR D 388 25.65 -30.56 70.98
C TYR D 388 27.17 -30.47 70.85
N ALA D 389 27.80 -31.56 70.37
CA ALA D 389 29.26 -31.64 70.24
C ALA D 389 29.64 -32.43 69.00
N ARG D 390 30.97 -32.63 68.84
CA ARG D 390 31.57 -33.33 67.71
C ARG D 390 31.32 -32.62 66.35
N VAL D 391 31.74 -31.34 66.27
CA VAL D 391 31.70 -30.51 65.06
C VAL D 391 32.98 -29.70 64.95
N ASN D 392 33.18 -29.11 63.77
CA ASN D 392 34.30 -28.20 63.54
C ASN D 392 33.77 -26.77 63.49
N HIS D 393 34.14 -25.96 64.47
CA HIS D 393 33.63 -24.60 64.61
C HIS D 393 34.49 -23.51 63.94
N ASN D 394 35.58 -23.86 63.27
CA ASN D 394 36.49 -22.84 62.75
C ASN D 394 35.79 -21.88 61.77
N LYS D 395 36.27 -20.61 61.76
CA LYS D 395 35.79 -19.54 60.87
C LYS D 395 36.96 -18.64 60.46
N TYR D 396 37.66 -19.01 59.38
CA TYR D 396 38.78 -18.22 58.90
C TYR D 396 39.00 -18.37 57.40
N MET D 397 39.82 -17.45 56.89
CA MET D 397 40.13 -17.34 55.48
C MET D 397 41.61 -17.03 55.32
N VAL D 398 42.26 -17.69 54.38
CA VAL D 398 43.64 -17.35 54.06
C VAL D 398 43.84 -17.35 52.55
N THR D 399 44.56 -16.36 52.04
CA THR D 399 44.96 -16.35 50.64
C THR D 399 46.48 -16.36 50.57
N GLU D 400 47.02 -16.14 49.36
CA GLU D 400 48.48 -16.10 49.27
C GLU D 400 49.08 -14.84 49.88
N ARG D 401 48.28 -13.83 50.23
N ARG D 401 48.25 -13.86 50.24
CA ARG D 401 48.86 -12.59 50.74
CA ARG D 401 48.67 -12.52 50.62
C ARG D 401 48.21 -12.03 51.99
C ARG D 401 48.22 -12.06 51.98
N ALA D 402 47.17 -12.65 52.54
CA ALA D 402 46.59 -12.10 53.75
C ALA D 402 45.92 -13.19 54.57
N SER D 403 45.71 -12.87 55.86
CA SER D 403 45.00 -13.72 56.80
C SER D 403 43.77 -13.00 57.33
N TYR D 404 42.70 -13.78 57.53
CA TYR D 404 41.41 -13.34 58.10
C TYR D 404 41.00 -14.37 59.15
N ILE D 405 40.87 -13.95 60.42
CA ILE D 405 40.39 -14.84 61.47
C ILE D 405 39.19 -14.19 62.13
N GLY D 406 38.05 -14.89 62.17
CA GLY D 406 36.80 -14.27 62.59
C GLY D 406 36.06 -15.04 63.68
N THR D 407 35.03 -14.40 64.21
CA THR D 407 34.14 -15.03 65.15
C THR D 407 32.80 -15.46 64.53
N SER D 408 32.51 -15.06 63.30
CA SER D 408 31.17 -15.17 62.72
C SER D 408 31.09 -16.24 61.64
N ASN D 409 29.96 -16.95 61.58
CA ASN D 409 29.67 -17.78 60.43
C ASN D 409 29.30 -16.89 59.24
N TRP D 410 29.30 -17.48 58.06
CA TRP D 410 29.24 -16.75 56.79
C TRP D 410 27.82 -16.79 56.20
N SER D 411 26.94 -16.01 56.82
CA SER D 411 25.62 -15.74 56.28
C SER D 411 25.27 -14.30 56.67
N GLY D 412 24.20 -13.78 56.07
CA GLY D 412 23.99 -12.34 56.04
C GLY D 412 23.79 -11.70 57.41
N SER D 413 23.04 -12.37 58.29
CA SER D 413 22.71 -11.74 59.56
C SER D 413 23.98 -11.42 60.38
N TYR D 414 25.01 -12.27 60.28
CA TYR D 414 26.24 -12.02 61.06
C TYR D 414 26.89 -10.71 60.64
N PHE D 415 26.55 -10.21 59.45
CA PHE D 415 27.14 -8.99 58.93
C PHE D 415 26.18 -7.79 58.97
N THR D 416 24.90 -7.99 59.32
CA THR D 416 23.98 -6.86 59.39
C THR D 416 23.33 -6.68 60.74
N GLU D 417 23.20 -7.73 61.55
CA GLU D 417 22.43 -7.69 62.78
C GLU D 417 23.19 -8.20 64.00
N THR D 418 24.06 -9.18 63.82
CA THR D 418 24.69 -9.82 64.95
C THR D 418 26.10 -9.27 65.19
N ALA D 419 26.53 -9.27 66.46
CA ALA D 419 27.86 -8.80 66.82
C ALA D 419 28.95 -9.77 66.42
N GLY D 420 30.03 -9.23 65.88
CA GLY D 420 31.19 -10.02 65.49
C GLY D 420 32.41 -9.13 65.37
N THR D 421 33.58 -9.77 65.38
CA THR D 421 34.86 -9.08 65.23
C THR D 421 35.79 -10.01 64.47
N SER D 422 36.72 -9.43 63.73
CA SER D 422 37.67 -10.20 62.96
C SER D 422 39.00 -9.47 62.93
N LEU D 423 40.08 -10.26 62.75
CA LEU D 423 41.44 -9.77 62.70
C LEU D 423 42.01 -9.97 61.32
N LEU D 424 42.59 -8.89 60.76
CA LEU D 424 43.16 -8.88 59.42
C LEU D 424 44.64 -8.58 59.47
N VAL D 425 45.44 -9.47 58.88
CA VAL D 425 46.88 -9.29 58.91
C VAL D 425 47.47 -9.48 57.53
N THR D 426 48.38 -8.57 57.16
CA THR D 426 49.13 -8.67 55.89
C THR D 426 50.63 -8.60 56.23
N GLN D 427 51.43 -9.52 55.72
CA GLN D 427 52.87 -9.57 56.06
C GLN D 427 53.67 -10.20 54.91
N ASN D 428 54.83 -9.65 54.61
CA ASN D 428 55.70 -10.21 53.53
C ASN D 428 56.94 -10.85 54.17
N GLY D 432 55.69 -17.20 58.24
CA GLY D 432 54.89 -16.34 59.10
C GLY D 432 53.53 -16.92 59.49
N LEU D 433 52.71 -16.07 60.14
CA LEU D 433 51.37 -16.46 60.56
C LEU D 433 50.50 -16.92 59.38
N ARG D 434 50.61 -16.23 58.24
CA ARG D 434 49.85 -16.59 57.04
C ARG D 434 50.14 -18.02 56.62
N SER D 435 51.44 -18.41 56.61
CA SER D 435 51.83 -19.77 56.25
C SER D 435 51.30 -20.81 57.24
N GLN D 436 51.20 -20.44 58.52
CA GLN D 436 50.66 -21.36 59.53
C GLN D 436 49.17 -21.60 59.36
N LEU D 437 48.42 -20.52 59.06
CA LEU D 437 46.99 -20.67 58.77
C LEU D 437 46.79 -21.54 57.54
N GLU D 438 47.59 -21.29 56.49
CA GLU D 438 47.47 -22.12 55.28
C GLU D 438 47.80 -23.59 55.57
N ALA D 439 48.78 -23.84 56.43
CA ALA D 439 49.11 -25.24 56.73
C ALA D 439 47.98 -25.94 57.50
N VAL D 440 47.38 -25.25 58.46
CA VAL D 440 46.19 -25.80 59.14
C VAL D 440 45.11 -26.14 58.09
N PHE D 441 44.86 -25.21 57.18
CA PHE D 441 43.86 -25.47 56.17
C PHE D 441 44.23 -26.69 55.33
N LEU D 442 45.47 -26.78 54.85
CA LEU D 442 45.83 -27.90 53.98
C LEU D 442 45.78 -29.24 54.71
N ARG D 443 46.25 -29.27 55.96
CA ARG D 443 46.10 -30.48 56.77
C ARG D 443 44.64 -30.89 56.88
N ASP D 444 43.75 -29.94 57.24
CA ASP D 444 42.33 -30.28 57.36
C ASP D 444 41.77 -30.71 56.00
N TRP D 445 42.15 -30.00 54.94
CA TRP D 445 41.58 -30.20 53.60
C TRP D 445 41.92 -31.58 53.06
N GLU D 446 43.13 -32.08 53.38
CA GLU D 446 43.54 -33.39 52.90
C GLU D 446 43.28 -34.53 53.89
N SER D 447 42.72 -34.25 55.06
CA SER D 447 42.51 -35.32 56.01
C SER D 447 41.38 -36.23 55.54
N PRO D 448 41.29 -37.46 56.07
CA PRO D 448 40.15 -38.32 55.72
C PRO D 448 38.83 -37.84 56.31
N TYR D 449 38.86 -36.77 57.08
CA TYR D 449 37.63 -36.22 57.64
C TYR D 449 36.91 -35.28 56.68
N SER D 450 37.50 -35.05 55.50
CA SER D 450 36.95 -34.15 54.48
C SER D 450 36.39 -34.95 53.33
N HIS D 451 35.20 -34.55 52.85
CA HIS D 451 34.41 -35.36 51.92
C HIS D 451 33.78 -34.52 50.81
N ASP D 452 33.78 -35.04 49.59
CA ASP D 452 33.11 -34.37 48.48
C ASP D 452 31.58 -34.43 48.62
N LEU D 453 30.89 -33.57 47.86
CA LEU D 453 29.44 -33.49 48.02
C LEU D 453 28.72 -34.77 47.57
N ASP D 454 29.39 -35.63 46.82
CA ASP D 454 28.80 -36.89 46.36
C ASP D 454 29.11 -38.09 47.27
N THR D 455 29.76 -37.86 48.41
CA THR D 455 30.06 -38.94 49.35
C THR D 455 28.76 -39.46 49.97
N SER D 456 28.63 -40.77 50.15
CA SER D 456 27.43 -41.26 50.83
C SER D 456 27.59 -41.09 52.34
N ALA D 457 26.46 -40.77 53.00
CA ALA D 457 26.44 -40.40 54.41
C ALA D 457 26.86 -41.52 55.36
N ASN D 458 26.79 -42.79 54.95
CA ASN D 458 27.15 -43.85 55.87
C ASN D 458 28.65 -44.02 56.02
N SER D 459 29.43 -43.33 55.20
CA SER D 459 30.89 -43.50 55.17
C SER D 459 31.61 -42.35 55.86
N VAL D 460 30.91 -41.63 56.74
CA VAL D 460 31.37 -40.35 57.23
C VAL D 460 31.63 -40.34 58.75
N GLY D 461 31.13 -41.32 59.49
CA GLY D 461 31.47 -41.51 60.89
C GLY D 461 30.58 -40.77 61.87
N ASN D 462 29.59 -40.02 61.37
CA ASN D 462 28.70 -39.19 62.17
C ASN D 462 27.54 -38.77 61.26
N ALA D 463 26.46 -38.30 61.88
CA ALA D 463 25.36 -37.78 61.09
C ALA D 463 25.80 -36.56 60.30
N CYS D 464 25.49 -36.51 59.02
CA CYS D 464 25.75 -35.31 58.18
C CYS D 464 24.50 -35.09 57.34
N ARG D 465 23.87 -33.93 57.50
CA ARG D 465 22.57 -33.67 56.83
C ARG D 465 22.76 -33.25 55.37
N LEU D 466 23.92 -32.69 55.01
CA LEU D 466 24.11 -32.19 53.62
C LEU D 466 24.52 -33.36 52.73
N LEU D 467 24.63 -34.55 53.30
CA LEU D 467 24.92 -35.74 52.51
C LEU D 467 23.71 -36.65 52.57
#